data_7BOB
#
_entry.id   7BOB
#
_cell.length_a   102.140
_cell.length_b   162.450
_cell.length_c   168.180
_cell.angle_alpha   90.00
_cell.angle_beta   90.00
_cell.angle_gamma   90.00
#
_symmetry.space_group_name_H-M   'P 21 21 21'
#
loop_
_entity.id
_entity.type
_entity.pdbx_description
1 polymer Endo-beta-mannanase
2 water water
#
_entity_poly.entity_id   1
_entity_poly.type   'polypeptide(L)'
_entity_poly.pdbx_seq_one_letter_code
;MTIDSSGYFRDAAGARFIPVGANYWPASCGVEMWQAWPEDEIFSDLDLMASLGFNTVRFFVRWPDFEPRPGEYDATMLSR
LLRLLDACGERGLRPQPSLFVGWMSGGIFWPPWKSDTQNLFSDPVMIERGAAYARTITTHLKPFATHLCGIDLGNELDAL
PDCSAATPAQVHEWCRRMTGAIREVLPEALILSGCDHQQVIADTGWRLGGSSPCYSAGGTPAPRMVPNPAQPGIDVLTMH
GYPVPNWHPVQGSGLADPLTRSLLPFYVKCARAFGPVLLQEFGTILTSRAAAPHTDAYLRAILPACREAGANGYLWWCFK
DIPAPLHPYIKNNFESELGLVDIEGRVKKGLEYFVEFARAETQRALKVLTACEQLDHSAEDAPTVHLYWPRHYYHRNNHR
NPGNEPRETSRRLILAHHLLQSAEEHVGIVRGDQPLPSPSEVERIIITGVFTGLDEIKELHSWVEQGGQLLWHAPDPVNW
AQAMSRLVGAEIADYRAATPAITATDEGPYEFTCFLRGMRVRIEPRGAQILMTDNEGSPLVLRHRVGAGCVTSVLADVEA
SFLSQWPDRQTQEASWSAWYAALLTKDQSEGVARAHHHHHH
;
_entity_poly.pdbx_strand_id   A,B,C
#
# COMPACT_ATOMS: atom_id res chain seq x y z
N MET A 1 -36.68 -22.44 21.75
CA MET A 1 -35.25 -22.15 22.00
C MET A 1 -34.94 -20.66 22.20
N THR A 2 -34.22 -20.35 23.27
CA THR A 2 -34.12 -18.99 23.78
C THR A 2 -32.75 -18.78 24.44
N ILE A 3 -32.35 -17.52 24.61
CA ILE A 3 -31.12 -17.17 25.33
C ILE A 3 -31.52 -16.54 26.67
N ASP A 4 -31.04 -17.12 27.77
CA ASP A 4 -31.41 -16.57 29.08
C ASP A 4 -30.55 -15.35 29.41
N SER A 5 -30.85 -14.74 30.58
CA SER A 5 -30.30 -13.45 30.98
C SER A 5 -28.80 -13.48 31.21
N SER A 6 -28.23 -14.65 31.52
CA SER A 6 -26.79 -14.82 31.66
C SER A 6 -26.10 -15.22 30.35
N GLY A 7 -26.79 -15.15 29.21
CA GLY A 7 -26.20 -15.45 27.92
C GLY A 7 -26.16 -16.90 27.51
N TYR A 8 -26.98 -17.77 28.10
CA TYR A 8 -26.91 -19.20 27.82
C TYR A 8 -28.11 -19.69 27.04
N PHE A 9 -27.88 -20.73 26.23
CA PHE A 9 -28.95 -21.41 25.51
C PHE A 9 -29.95 -22.05 26.46
N ARG A 10 -31.23 -21.98 26.09
CA ARG A 10 -32.29 -22.71 26.77
C ARG A 10 -33.14 -23.45 25.74
N ASP A 11 -33.53 -24.69 26.06
CA ASP A 11 -34.36 -25.47 25.16
C ASP A 11 -35.83 -25.10 25.35
N ALA A 12 -36.69 -25.69 24.49
CA ALA A 12 -38.10 -25.32 24.49
C ALA A 12 -38.72 -25.46 25.88
N ALA A 13 -38.22 -26.40 26.70
CA ALA A 13 -38.72 -26.62 28.05
C ALA A 13 -38.07 -25.71 29.09
N GLY A 14 -37.20 -24.79 28.69
CA GLY A 14 -36.60 -23.84 29.61
C GLY A 14 -35.42 -24.35 30.42
N ALA A 15 -34.99 -25.59 30.25
CA ALA A 15 -33.73 -26.03 30.84
C ALA A 15 -32.55 -25.49 30.04
N ARG A 16 -31.46 -25.24 30.73
CA ARG A 16 -30.25 -24.75 30.11
C ARG A 16 -29.55 -25.87 29.36
N PHE A 17 -28.92 -25.56 28.22
CA PHE A 17 -27.99 -26.54 27.68
C PHE A 17 -26.78 -25.84 27.05
N ILE A 18 -25.67 -26.57 27.07
CA ILE A 18 -24.38 -26.14 26.58
C ILE A 18 -24.13 -26.89 25.27
N PRO A 19 -24.21 -26.22 24.12
CA PRO A 19 -23.88 -26.90 22.87
C PRO A 19 -22.43 -27.41 22.94
N VAL A 20 -22.25 -28.68 22.65
CA VAL A 20 -20.92 -29.26 22.49
C VAL A 20 -20.98 -30.22 21.31
N GLY A 21 -19.91 -30.25 20.52
CA GLY A 21 -19.91 -31.07 19.31
C GLY A 21 -18.87 -30.55 18.32
N ALA A 22 -19.15 -30.79 17.04
CA ALA A 22 -18.17 -30.60 15.97
C ALA A 22 -18.83 -29.98 14.76
N ASN A 23 -18.07 -29.15 14.06
CA ASN A 23 -18.38 -28.82 12.67
C ASN A 23 -18.13 -30.06 11.81
N TYR A 24 -18.97 -30.25 10.78
CA TYR A 24 -18.99 -31.54 10.09
C TYR A 24 -18.94 -31.44 8.57
N TRP A 25 -18.02 -32.22 7.99
CA TRP A 25 -18.06 -32.70 6.59
C TRP A 25 -17.65 -34.17 6.63
N PRO A 26 -18.24 -35.02 5.79
CA PRO A 26 -17.77 -36.41 5.74
C PRO A 26 -16.31 -36.49 5.32
N ALA A 27 -15.62 -37.53 5.81
CA ALA A 27 -14.22 -37.76 5.42
C ALA A 27 -14.07 -37.95 3.92
N SER A 28 -14.97 -38.71 3.29
CA SER A 28 -14.73 -39.18 1.93
C SER A 28 -14.92 -38.10 0.87
N CYS A 29 -15.68 -37.06 1.17
CA CYS A 29 -16.01 -36.06 0.14
C CYS A 29 -15.87 -34.62 0.59
N GLY A 30 -15.52 -34.35 1.85
CA GLY A 30 -15.46 -32.98 2.34
C GLY A 30 -16.63 -32.13 1.90
N VAL A 31 -16.32 -30.97 1.31
CA VAL A 31 -17.31 -29.96 0.94
C VAL A 31 -18.26 -30.40 -0.15
N GLU A 32 -18.02 -31.53 -0.81
CA GLU A 32 -18.93 -32.03 -1.83
C GLU A 32 -20.04 -32.89 -1.25
N MET A 33 -20.29 -32.80 0.07
CA MET A 33 -21.22 -33.72 0.76
C MET A 33 -22.59 -33.80 0.09
N TRP A 34 -23.16 -32.65 -0.26
CA TRP A 34 -24.51 -32.64 -0.82
C TRP A 34 -24.57 -33.35 -2.16
N GLN A 35 -23.48 -33.31 -2.94
CA GLN A 35 -23.46 -33.99 -4.24
C GLN A 35 -23.14 -35.47 -4.09
N ALA A 36 -22.17 -35.81 -3.24
CA ALA A 36 -21.76 -37.21 -3.15
C ALA A 36 -22.71 -38.04 -2.27
N TRP A 37 -23.36 -37.40 -1.30
CA TRP A 37 -24.25 -37.97 -0.28
C TRP A 37 -23.91 -39.41 0.09
N PRO A 38 -22.84 -39.65 0.86
CA PRO A 38 -22.57 -41.01 1.37
C PRO A 38 -23.34 -41.20 2.68
N GLU A 39 -24.61 -41.60 2.53
CA GLU A 39 -25.53 -41.50 3.66
C GLU A 39 -25.16 -42.44 4.80
N ASP A 40 -24.75 -43.68 4.49
CA ASP A 40 -24.33 -44.56 5.59
C ASP A 40 -23.16 -43.97 6.34
N GLU A 41 -22.19 -43.40 5.60
CA GLU A 41 -21.05 -42.75 6.23
C GLU A 41 -21.50 -41.62 7.14
N ILE A 42 -22.38 -40.74 6.64
CA ILE A 42 -22.88 -39.62 7.45
C ILE A 42 -23.54 -40.12 8.74
N PHE A 43 -24.48 -41.07 8.61
CA PHE A 43 -25.23 -41.51 9.78
C PHE A 43 -24.32 -42.25 10.75
N SER A 44 -23.34 -42.99 10.23
CA SER A 44 -22.36 -43.59 11.12
C SER A 44 -21.55 -42.52 11.84
N ASP A 45 -21.30 -41.37 11.19
CA ASP A 45 -20.59 -40.29 11.87
C ASP A 45 -21.48 -39.63 12.92
N LEU A 46 -22.77 -39.46 12.63
CA LEU A 46 -23.67 -38.90 13.63
C LEU A 46 -23.75 -39.83 14.85
N ASP A 47 -23.80 -41.14 14.62
CA ASP A 47 -23.73 -42.10 15.73
C ASP A 47 -22.48 -41.90 16.55
N LEU A 48 -21.33 -41.73 15.87
CA LEU A 48 -20.09 -41.54 16.61
C LEU A 48 -20.15 -40.27 17.45
N MET A 49 -20.74 -39.19 16.90
CA MET A 49 -20.87 -37.97 17.67
C MET A 49 -21.71 -38.20 18.92
N ALA A 50 -22.91 -38.79 18.74
CA ALA A 50 -23.79 -39.04 19.88
C ALA A 50 -23.08 -39.86 20.94
N SER A 51 -22.32 -40.88 20.52
CA SER A 51 -21.62 -41.73 21.48
C SER A 51 -20.53 -41.00 22.25
N LEU A 52 -20.00 -39.89 21.73
CA LEU A 52 -19.01 -39.11 22.48
C LEU A 52 -19.66 -38.10 23.42
N GLY A 53 -20.98 -38.05 23.50
CA GLY A 53 -21.63 -37.10 24.39
C GLY A 53 -22.01 -35.78 23.75
N PHE A 54 -21.82 -35.63 22.44
CA PHE A 54 -22.13 -34.38 21.78
C PHE A 54 -23.63 -34.20 21.65
N ASN A 55 -24.07 -32.95 21.73
CA ASN A 55 -25.49 -32.66 21.63
C ASN A 55 -25.80 -31.69 20.48
N THR A 56 -24.80 -31.28 19.70
CA THR A 56 -25.01 -30.38 18.56
C THR A 56 -24.07 -30.75 17.42
N VAL A 57 -24.48 -30.39 16.20
CA VAL A 57 -23.62 -30.58 15.03
C VAL A 57 -23.85 -29.38 14.13
N ARG A 58 -22.77 -28.67 13.78
CA ARG A 58 -22.84 -27.58 12.83
C ARG A 58 -22.52 -28.12 11.43
N PHE A 59 -23.39 -27.81 10.48
CA PHE A 59 -23.14 -28.24 9.11
C PHE A 59 -23.59 -27.13 8.16
N PHE A 60 -23.21 -27.27 6.89
CA PHE A 60 -23.23 -26.14 5.98
C PHE A 60 -24.11 -26.43 4.78
N VAL A 61 -25.11 -25.58 4.57
CA VAL A 61 -25.99 -25.66 3.42
C VAL A 61 -25.28 -24.91 2.29
N ARG A 62 -24.53 -25.64 1.46
CA ARG A 62 -23.72 -25.00 0.44
C ARG A 62 -24.63 -24.48 -0.68
N TRP A 63 -24.72 -23.15 -0.78
CA TRP A 63 -25.67 -22.46 -1.65
C TRP A 63 -25.65 -22.93 -3.11
N PRO A 64 -24.50 -23.06 -3.79
CA PRO A 64 -24.55 -23.57 -5.18
C PRO A 64 -25.26 -24.90 -5.29
N ASP A 65 -25.08 -25.78 -4.29
CA ASP A 65 -25.73 -27.09 -4.35
C ASP A 65 -27.24 -26.94 -4.38
N PHE A 66 -27.76 -25.97 -3.61
CA PHE A 66 -29.19 -25.89 -3.36
C PHE A 66 -29.93 -24.96 -4.33
N GLU A 67 -29.23 -24.02 -4.96
CA GLU A 67 -29.84 -23.15 -5.98
C GLU A 67 -28.93 -23.09 -7.20
N PRO A 68 -28.85 -24.17 -7.96
CA PRO A 68 -27.95 -24.19 -9.12
C PRO A 68 -28.35 -23.22 -10.22
N ARG A 69 -29.61 -22.80 -10.29
CA ARG A 69 -30.05 -21.79 -11.22
C ARG A 69 -30.92 -20.80 -10.45
N PRO A 70 -31.02 -19.56 -10.90
CA PRO A 70 -31.69 -18.55 -10.07
C PRO A 70 -33.15 -18.90 -9.84
N GLY A 71 -33.53 -19.02 -8.57
CA GLY A 71 -34.89 -19.34 -8.20
C GLY A 71 -35.31 -20.79 -8.36
N GLU A 72 -34.43 -21.65 -8.88
CA GLU A 72 -34.70 -23.07 -9.04
C GLU A 72 -33.94 -23.82 -7.96
N TYR A 73 -34.64 -24.31 -6.95
CA TYR A 73 -34.01 -25.00 -5.85
C TYR A 73 -33.98 -26.50 -6.10
N ASP A 74 -32.83 -27.14 -5.86
CA ASP A 74 -32.66 -28.55 -6.18
C ASP A 74 -33.45 -29.41 -5.20
N ALA A 75 -34.44 -30.14 -5.72
CA ALA A 75 -35.29 -30.95 -4.86
C ALA A 75 -34.52 -32.12 -4.24
N THR A 76 -33.53 -32.67 -4.94
CA THR A 76 -32.76 -33.75 -4.33
C THR A 76 -32.00 -33.27 -3.10
N MET A 77 -31.41 -32.07 -3.18
CA MET A 77 -30.65 -31.56 -2.04
C MET A 77 -31.56 -31.25 -0.87
N LEU A 78 -32.72 -30.63 -1.13
CA LEU A 78 -33.69 -30.39 -0.08
C LEU A 78 -34.15 -31.68 0.56
N SER A 79 -34.19 -32.78 -0.19
CA SER A 79 -34.61 -34.02 0.45
C SER A 79 -33.50 -34.59 1.31
N ARG A 80 -32.25 -34.44 0.85
CA ARG A 80 -31.13 -34.82 1.66
C ARG A 80 -31.04 -33.96 2.92
N LEU A 81 -31.32 -32.66 2.80
CA LEU A 81 -31.37 -31.81 3.99
C LEU A 81 -32.35 -32.38 5.01
N LEU A 82 -33.57 -32.74 4.56
CA LEU A 82 -34.55 -33.23 5.51
C LEU A 82 -34.09 -34.55 6.12
N ARG A 83 -33.44 -35.42 5.33
CA ARG A 83 -32.97 -36.69 5.88
C ARG A 83 -31.90 -36.46 6.95
N LEU A 84 -31.02 -35.46 6.74
CA LEU A 84 -30.01 -35.13 7.74
C LEU A 84 -30.66 -34.60 9.02
N LEU A 85 -31.55 -33.60 8.89
CA LEU A 85 -32.20 -33.04 10.07
C LEU A 85 -32.88 -34.13 10.88
N ASP A 86 -33.56 -35.04 10.19
CA ASP A 86 -34.22 -36.16 10.84
C ASP A 86 -33.21 -37.06 11.54
N ALA A 87 -32.14 -37.45 10.85
CA ALA A 87 -31.17 -38.36 11.43
C ALA A 87 -30.48 -37.76 12.67
N CYS A 88 -30.22 -36.43 12.68
CA CYS A 88 -29.63 -35.80 13.87
C CYS A 88 -30.61 -35.80 15.04
N GLY A 89 -31.87 -35.45 14.76
CA GLY A 89 -32.88 -35.51 15.79
C GLY A 89 -32.96 -36.85 16.49
N GLU A 90 -33.03 -37.93 15.72
CA GLU A 90 -33.15 -39.25 16.32
C GLU A 90 -31.90 -39.67 17.08
N ARG A 91 -30.81 -38.92 16.97
CA ARG A 91 -29.60 -39.30 17.68
C ARG A 91 -29.22 -38.28 18.74
N GLY A 92 -30.14 -37.39 19.10
CA GLY A 92 -29.87 -36.44 20.16
C GLY A 92 -28.93 -35.31 19.78
N LEU A 93 -28.77 -35.04 18.50
CA LEU A 93 -27.91 -33.97 18.02
C LEU A 93 -28.80 -32.85 17.48
N ARG A 94 -28.63 -31.65 18.04
CA ARG A 94 -29.31 -30.45 17.56
C ARG A 94 -28.51 -29.87 16.40
N PRO A 95 -29.09 -29.85 15.20
CA PRO A 95 -28.34 -29.32 14.05
C PRO A 95 -28.20 -27.81 14.14
N GLN A 96 -27.04 -27.31 13.75
CA GLN A 96 -26.83 -25.86 13.62
C GLN A 96 -26.53 -25.63 12.15
N PRO A 97 -27.55 -25.39 11.33
CA PRO A 97 -27.32 -25.28 9.89
C PRO A 97 -26.84 -23.90 9.52
N SER A 98 -25.87 -23.84 8.61
CA SER A 98 -25.25 -22.58 8.21
C SER A 98 -25.62 -22.32 6.76
N LEU A 99 -26.24 -21.17 6.49
CA LEU A 99 -26.92 -20.91 5.21
C LEU A 99 -25.97 -20.37 4.15
N PHE A 100 -25.33 -19.22 4.42
CA PHE A 100 -24.61 -18.48 3.39
C PHE A 100 -23.18 -18.98 3.35
N VAL A 101 -23.00 -20.07 2.61
CA VAL A 101 -21.74 -20.78 2.48
C VAL A 101 -21.57 -21.11 0.99
N GLY A 102 -20.65 -20.41 0.32
CA GLY A 102 -19.84 -19.37 0.90
C GLY A 102 -18.40 -19.77 1.19
N TRP A 103 -17.82 -19.11 2.19
CA TRP A 103 -16.44 -19.33 2.58
C TRP A 103 -16.29 -20.67 3.31
N MET A 104 -15.30 -21.47 2.92
CA MET A 104 -15.16 -22.80 3.50
C MET A 104 -13.77 -23.38 3.20
N SER A 105 -12.93 -23.48 4.23
CA SER A 105 -11.64 -24.21 4.19
C SER A 105 -10.69 -23.71 3.10
N GLY A 106 -10.72 -22.42 2.78
CA GLY A 106 -9.84 -21.88 1.77
C GLY A 106 -10.45 -21.78 0.40
N GLY A 107 -11.67 -22.29 0.20
CA GLY A 107 -12.41 -22.10 -1.03
C GLY A 107 -13.60 -21.17 -0.81
N ILE A 108 -14.18 -20.76 -1.92
CA ILE A 108 -15.40 -19.95 -1.93
C ILE A 108 -16.35 -20.56 -2.94
N PHE A 109 -17.57 -20.84 -2.50
CA PHE A 109 -18.51 -21.69 -3.22
C PHE A 109 -19.80 -20.91 -3.36
N TRP A 110 -19.97 -20.24 -4.49
CA TRP A 110 -21.14 -19.44 -4.76
C TRP A 110 -21.93 -20.07 -5.91
N PRO A 111 -23.20 -19.71 -6.05
CA PRO A 111 -23.97 -20.22 -7.21
C PRO A 111 -23.36 -19.73 -8.50
N PRO A 112 -23.43 -20.52 -9.56
CA PRO A 112 -22.79 -20.12 -10.83
C PRO A 112 -23.35 -18.84 -11.42
N TRP A 113 -24.60 -18.50 -11.10
CA TRP A 113 -25.23 -17.29 -11.62
C TRP A 113 -24.82 -16.01 -10.88
N LYS A 114 -23.94 -16.11 -9.89
CA LYS A 114 -23.34 -14.93 -9.29
C LYS A 114 -21.96 -14.74 -9.91
N SER A 115 -21.76 -13.61 -10.58
CA SER A 115 -20.47 -13.29 -11.13
C SER A 115 -19.59 -12.64 -10.06
N ASP A 116 -18.28 -12.63 -10.31
CA ASP A 116 -17.38 -11.97 -9.37
C ASP A 116 -17.61 -10.47 -9.33
N THR A 117 -18.25 -9.90 -10.35
CA THR A 117 -18.61 -8.48 -10.28
C THR A 117 -19.77 -8.21 -9.32
N GLN A 118 -20.48 -9.24 -8.86
CA GLN A 118 -21.65 -9.06 -8.02
C GLN A 118 -21.25 -9.28 -6.57
N ASN A 119 -21.17 -8.20 -5.83
CA ASN A 119 -20.81 -8.21 -4.43
C ASN A 119 -21.94 -8.79 -3.60
N LEU A 120 -21.62 -9.82 -2.81
CA LEU A 120 -22.65 -10.54 -2.05
C LEU A 120 -23.53 -9.60 -1.24
N PHE A 121 -22.95 -8.52 -0.71
CA PHE A 121 -23.67 -7.68 0.23
C PHE A 121 -24.41 -6.51 -0.41
N SER A 122 -23.91 -5.98 -1.52
CA SER A 122 -24.42 -4.73 -2.07
C SER A 122 -25.15 -4.88 -3.38
N ASP A 123 -24.84 -5.91 -4.16
CA ASP A 123 -25.46 -6.06 -5.46
C ASP A 123 -26.98 -6.23 -5.30
N PRO A 124 -27.79 -5.44 -6.02
CA PRO A 124 -29.26 -5.55 -5.81
C PRO A 124 -29.80 -6.94 -6.06
N VAL A 125 -29.37 -7.60 -7.14
CA VAL A 125 -29.87 -8.93 -7.46
C VAL A 125 -29.48 -9.93 -6.38
N MET A 126 -28.23 -9.85 -5.90
CA MET A 126 -27.77 -10.77 -4.87
C MET A 126 -28.55 -10.59 -3.57
N ILE A 127 -28.87 -9.34 -3.23
CA ILE A 127 -29.67 -9.11 -2.04
C ILE A 127 -31.02 -9.83 -2.17
N GLU A 128 -31.71 -9.62 -3.29
CA GLU A 128 -33.00 -10.28 -3.49
C GLU A 128 -32.85 -11.80 -3.53
N ARG A 129 -31.95 -12.31 -4.38
CA ARG A 129 -31.74 -13.76 -4.44
C ARG A 129 -31.32 -14.32 -3.08
N GLY A 130 -30.52 -13.56 -2.32
CA GLY A 130 -30.11 -14.04 -1.01
C GLY A 130 -31.27 -14.13 -0.04
N ALA A 131 -32.13 -13.11 -0.01
CA ALA A 131 -33.28 -13.13 0.87
C ALA A 131 -34.19 -14.31 0.54
N ALA A 132 -34.50 -14.50 -0.74
CA ALA A 132 -35.38 -15.62 -1.11
C ALA A 132 -34.76 -16.95 -0.72
N TYR A 133 -33.44 -17.08 -0.88
CA TYR A 133 -32.76 -18.32 -0.51
C TYR A 133 -32.81 -18.55 1.00
N ALA A 134 -32.64 -17.49 1.79
CA ALA A 134 -32.74 -17.65 3.23
C ALA A 134 -34.14 -18.07 3.64
N ARG A 135 -35.16 -17.44 3.06
CA ARG A 135 -36.53 -17.82 3.37
C ARG A 135 -36.81 -19.26 2.94
N THR A 136 -36.29 -19.68 1.79
CA THR A 136 -36.54 -21.04 1.31
C THR A 136 -35.96 -22.08 2.24
N ILE A 137 -34.70 -21.92 2.64
CA ILE A 137 -34.09 -22.91 3.52
C ILE A 137 -34.82 -22.92 4.86
N THR A 138 -35.07 -21.74 5.43
CA THR A 138 -35.80 -21.67 6.70
C THR A 138 -37.13 -22.39 6.60
N THR A 139 -37.83 -22.26 5.47
CA THR A 139 -39.05 -23.03 5.26
C THR A 139 -38.81 -24.51 5.48
N HIS A 140 -37.72 -25.05 4.94
CA HIS A 140 -37.45 -26.47 5.10
C HIS A 140 -36.91 -26.85 6.47
N LEU A 141 -36.49 -25.87 7.28
CA LEU A 141 -36.10 -26.13 8.65
C LEU A 141 -37.28 -26.05 9.62
N LYS A 142 -38.34 -25.35 9.22
CA LYS A 142 -39.47 -25.12 10.13
C LYS A 142 -39.99 -26.41 10.76
N PRO A 143 -40.13 -27.54 10.05
CA PRO A 143 -40.55 -28.77 10.73
C PRO A 143 -39.61 -29.25 11.82
N PHE A 144 -38.44 -28.62 11.97
CA PHE A 144 -37.53 -29.02 13.05
C PHE A 144 -37.23 -27.88 14.00
N ALA A 145 -38.04 -26.81 13.95
CA ALA A 145 -37.70 -25.54 14.60
C ALA A 145 -37.32 -25.69 16.07
N THR A 146 -37.96 -26.61 16.79
CA THR A 146 -37.67 -26.75 18.20
C THR A 146 -36.50 -27.68 18.47
N HIS A 147 -35.94 -28.33 17.45
CA HIS A 147 -34.79 -29.18 17.68
C HIS A 147 -33.50 -28.60 17.11
N LEU A 148 -33.54 -27.34 16.67
CA LEU A 148 -32.34 -26.69 16.18
C LEU A 148 -31.48 -26.20 17.34
N CYS A 149 -30.23 -25.91 17.02
CA CYS A 149 -29.39 -25.15 17.93
C CYS A 149 -29.11 -23.80 17.29
N GLY A 150 -30.15 -23.03 17.03
CA GLY A 150 -30.01 -21.78 16.31
C GLY A 150 -29.81 -22.00 14.81
N ILE A 151 -30.02 -20.93 14.05
CA ILE A 151 -29.73 -20.91 12.62
C ILE A 151 -28.51 -20.03 12.40
N ASP A 152 -27.47 -20.60 11.78
CA ASP A 152 -26.22 -19.91 11.49
C ASP A 152 -26.33 -19.16 10.16
N LEU A 153 -26.23 -17.83 10.22
CA LEU A 153 -26.38 -17.00 9.03
C LEU A 153 -25.44 -17.42 7.91
N GLY A 154 -24.18 -17.69 8.23
CA GLY A 154 -23.25 -18.20 7.25
C GLY A 154 -21.91 -18.40 7.91
N ASN A 155 -20.99 -18.98 7.17
CA ASN A 155 -19.67 -19.28 7.70
C ASN A 155 -18.69 -18.14 7.38
N GLU A 156 -18.26 -17.43 8.42
CA GLU A 156 -17.14 -16.49 8.34
C GLU A 156 -17.38 -15.47 7.24
N LEU A 157 -18.59 -14.88 7.26
CA LEU A 157 -18.95 -13.92 6.24
C LEU A 157 -18.03 -12.71 6.26
N ASP A 158 -17.34 -12.49 7.38
CA ASP A 158 -16.43 -11.39 7.52
C ASP A 158 -15.06 -11.68 6.90
N ALA A 159 -14.79 -12.91 6.50
CA ALA A 159 -13.55 -13.26 5.82
C ALA A 159 -13.64 -13.05 4.31
N LEU A 160 -14.84 -12.77 3.80
CA LEU A 160 -15.07 -12.70 2.38
C LEU A 160 -14.42 -11.44 1.78
N PRO A 161 -13.80 -11.56 0.61
CA PRO A 161 -13.30 -10.33 -0.06
C PRO A 161 -14.40 -9.30 -0.23
N ASP A 162 -15.66 -9.75 -0.29
CA ASP A 162 -16.79 -8.84 -0.48
C ASP A 162 -16.89 -7.79 0.61
N CYS A 163 -16.39 -8.10 1.83
CA CYS A 163 -16.38 -7.14 2.95
C CYS A 163 -15.56 -5.89 2.68
N SER A 164 -14.48 -6.01 1.90
CA SER A 164 -13.64 -4.85 1.57
C SER A 164 -14.35 -3.93 0.59
N ALA A 165 -15.15 -4.49 -0.29
CA ALA A 165 -15.77 -3.72 -1.36
C ALA A 165 -17.12 -3.15 -0.99
N ALA A 166 -17.78 -3.68 0.04
CA ALA A 166 -19.06 -3.14 0.48
C ALA A 166 -18.82 -2.24 1.68
N THR A 167 -19.58 -1.15 1.76
CA THR A 167 -19.48 -0.29 2.93
C THR A 167 -20.03 -1.00 4.16
N PRO A 168 -19.57 -0.63 5.36
CA PRO A 168 -20.22 -1.11 6.58
C PRO A 168 -21.73 -0.90 6.58
N ALA A 169 -22.22 0.24 6.09
CA ALA A 169 -23.66 0.45 6.00
C ALA A 169 -24.32 -0.64 5.15
N GLN A 170 -23.67 -1.06 4.06
CA GLN A 170 -24.25 -2.08 3.20
C GLN A 170 -24.21 -3.46 3.84
N VAL A 171 -23.14 -3.78 4.58
CA VAL A 171 -23.10 -5.04 5.32
C VAL A 171 -24.17 -5.05 6.40
N HIS A 172 -24.32 -3.93 7.12
CA HIS A 172 -25.37 -3.83 8.13
C HIS A 172 -26.74 -4.08 7.51
N GLU A 173 -26.99 -3.52 6.32
CA GLU A 173 -28.28 -3.68 5.67
C GLU A 173 -28.48 -5.11 5.21
N TRP A 174 -27.45 -5.74 4.65
CA TRP A 174 -27.58 -7.12 4.20
C TRP A 174 -27.93 -8.04 5.36
N CYS A 175 -27.32 -7.77 6.52
CA CYS A 175 -27.56 -8.58 7.71
C CYS A 175 -28.99 -8.41 8.20
N ARG A 176 -29.48 -7.17 8.21
CA ARG A 176 -30.89 -6.92 8.51
C ARG A 176 -31.80 -7.67 7.55
N ARG A 177 -31.48 -7.63 6.26
CA ARG A 177 -32.36 -8.26 5.28
C ARG A 177 -32.34 -9.77 5.40
N MET A 178 -31.17 -10.37 5.62
CA MET A 178 -31.10 -11.82 5.66
C MET A 178 -31.66 -12.37 6.97
N THR A 179 -31.44 -11.68 8.10
CA THR A 179 -32.12 -12.09 9.31
C THR A 179 -33.62 -11.87 9.20
N GLY A 180 -34.04 -10.75 8.62
CA GLY A 180 -35.46 -10.49 8.46
C GLY A 180 -36.15 -11.54 7.62
N ALA A 181 -35.47 -12.03 6.58
CA ALA A 181 -36.02 -13.08 5.73
C ALA A 181 -36.20 -14.37 6.53
N ILE A 182 -35.22 -14.70 7.37
CA ILE A 182 -35.34 -15.90 8.18
C ILE A 182 -36.52 -15.78 9.13
N ARG A 183 -36.76 -14.57 9.64
CA ARG A 183 -37.83 -14.36 10.59
C ARG A 183 -39.21 -14.22 9.93
N GLU A 184 -39.27 -14.11 8.60
CA GLU A 184 -40.55 -14.24 7.92
C GLU A 184 -41.11 -15.65 8.01
N VAL A 185 -40.27 -16.62 8.36
CA VAL A 185 -40.68 -18.01 8.50
C VAL A 185 -40.61 -18.47 9.95
N LEU A 186 -39.55 -18.11 10.68
CA LEU A 186 -39.38 -18.51 12.08
C LEU A 186 -39.07 -17.27 12.90
N PRO A 187 -40.08 -16.47 13.20
CA PRO A 187 -39.82 -15.16 13.86
C PRO A 187 -39.07 -15.27 15.17
N GLU A 188 -39.14 -16.40 15.87
CA GLU A 188 -38.50 -16.55 17.18
C GLU A 188 -37.19 -17.34 17.12
N ALA A 189 -36.70 -17.65 15.93
CA ALA A 189 -35.49 -18.43 15.82
C ALA A 189 -34.30 -17.69 16.44
N LEU A 190 -33.34 -18.48 16.93
CA LEU A 190 -32.02 -17.98 17.30
C LEU A 190 -31.14 -17.99 16.05
N ILE A 191 -30.65 -16.81 15.69
CA ILE A 191 -29.75 -16.62 14.54
C ILE A 191 -28.36 -16.27 15.08
N LEU A 192 -27.35 -16.97 14.59
CA LEU A 192 -25.97 -16.69 14.91
C LEU A 192 -25.32 -16.08 13.68
N SER A 193 -24.28 -15.26 13.92
CA SER A 193 -23.61 -14.60 12.81
C SER A 193 -22.72 -15.56 12.02
N GLY A 194 -21.97 -16.43 12.69
CA GLY A 194 -20.99 -17.25 12.01
C GLY A 194 -19.64 -16.58 11.81
N CYS A 195 -19.43 -15.39 12.36
CA CYS A 195 -18.20 -14.62 12.16
C CYS A 195 -17.06 -15.13 13.04
N ASP A 196 -15.83 -14.72 12.70
CA ASP A 196 -14.67 -15.18 13.43
C ASP A 196 -13.99 -14.02 14.15
N HIS A 197 -12.71 -14.17 14.48
CA HIS A 197 -12.04 -13.15 15.28
C HIS A 197 -11.74 -11.87 14.50
N GLN A 198 -11.96 -11.85 13.18
CA GLN A 198 -11.79 -10.60 12.47
C GLN A 198 -12.81 -9.55 12.90
N GLN A 199 -13.87 -9.94 13.61
CA GLN A 199 -14.70 -8.94 14.28
C GLN A 199 -13.86 -8.06 15.20
N VAL A 200 -12.81 -8.61 15.80
CA VAL A 200 -11.97 -7.89 16.76
C VAL A 200 -10.76 -7.24 16.09
N ILE A 201 -10.07 -7.98 15.21
CA ILE A 201 -8.77 -7.55 14.71
C ILE A 201 -8.84 -6.82 13.36
N ALA A 202 -10.00 -6.76 12.69
CA ALA A 202 -10.12 -5.98 11.46
C ALA A 202 -11.44 -5.21 11.46
N ASP A 203 -11.63 -4.34 10.47
CA ASP A 203 -12.92 -3.70 10.21
C ASP A 203 -13.42 -4.24 8.87
N THR A 204 -14.23 -5.30 8.96
CA THR A 204 -14.85 -5.95 7.82
C THR A 204 -16.28 -5.50 7.60
N GLY A 205 -16.79 -4.60 8.45
CA GLY A 205 -18.20 -4.33 8.53
C GLY A 205 -18.97 -5.24 9.45
N TRP A 206 -18.34 -6.29 9.98
CA TRP A 206 -18.97 -7.19 10.95
C TRP A 206 -18.44 -6.77 12.33
N ARG A 207 -19.21 -5.94 13.03
CA ARG A 207 -18.68 -5.15 14.14
C ARG A 207 -19.33 -5.52 15.46
N LEU A 208 -18.53 -5.41 16.51
CA LEU A 208 -19.01 -5.42 17.88
C LEU A 208 -19.27 -3.97 18.28
N GLY A 209 -20.53 -3.58 18.42
CA GLY A 209 -20.77 -2.29 19.01
C GLY A 209 -21.55 -1.30 18.18
N GLY A 210 -22.87 -1.24 18.43
CA GLY A 210 -23.69 -0.14 17.99
C GLY A 210 -24.52 0.38 19.15
N SER A 211 -25.40 1.31 18.84
CA SER A 211 -26.40 1.80 19.79
C SER A 211 -27.80 1.63 19.17
N SER A 212 -28.69 1.01 19.94
CA SER A 212 -29.99 0.53 19.45
C SER A 212 -30.86 1.62 18.81
N ALA A 222 -38.26 0.30 16.46
CA ALA A 222 -37.93 -0.84 17.30
C ALA A 222 -37.85 -2.06 16.43
N PRO A 223 -36.66 -2.32 15.88
CA PRO A 223 -36.63 -3.48 15.00
C PRO A 223 -36.81 -4.80 15.70
N ARG A 224 -35.99 -5.05 16.71
CA ARG A 224 -36.03 -6.26 17.52
C ARG A 224 -35.10 -6.07 18.67
N MET A 225 -35.30 -6.77 19.76
CA MET A 225 -34.39 -6.63 20.85
C MET A 225 -33.25 -7.54 20.48
N VAL A 226 -32.07 -7.01 20.24
CA VAL A 226 -30.93 -7.83 19.88
C VAL A 226 -29.72 -7.29 20.65
N PRO A 227 -28.81 -8.14 21.15
CA PRO A 227 -27.76 -7.60 22.04
C PRO A 227 -26.77 -6.68 21.34
N ASN A 228 -26.40 -6.94 20.09
CA ASN A 228 -25.36 -6.19 19.38
C ASN A 228 -25.99 -5.51 18.16
N PRO A 229 -26.49 -4.28 18.31
CA PRO A 229 -27.22 -3.63 17.20
C PRO A 229 -26.42 -3.42 15.92
N ALA A 230 -25.08 -3.48 15.97
CA ALA A 230 -24.29 -3.39 14.75
C ALA A 230 -24.44 -4.63 13.90
N GLN A 231 -24.98 -5.71 14.48
CA GLN A 231 -25.34 -6.93 13.76
C GLN A 231 -26.84 -7.13 13.97
N PRO A 232 -27.67 -6.41 13.22
CA PRO A 232 -29.11 -6.44 13.49
C PRO A 232 -29.70 -7.82 13.26
N GLY A 233 -30.57 -8.21 14.17
CA GLY A 233 -31.23 -9.50 14.04
C GLY A 233 -30.42 -10.69 14.48
N ILE A 234 -29.23 -10.50 15.06
CA ILE A 234 -28.37 -11.61 15.48
C ILE A 234 -28.53 -11.80 16.98
N ASP A 235 -28.97 -12.99 17.41
CA ASP A 235 -29.18 -13.22 18.83
C ASP A 235 -27.92 -13.69 19.54
N VAL A 236 -27.07 -14.44 18.85
CA VAL A 236 -25.89 -15.06 19.45
C VAL A 236 -24.67 -14.68 18.63
N LEU A 237 -23.77 -13.91 19.24
CA LEU A 237 -22.48 -13.64 18.61
C LEU A 237 -21.66 -14.93 18.57
N THR A 238 -20.76 -15.03 17.61
CA THR A 238 -19.87 -16.19 17.55
C THR A 238 -18.40 -15.76 17.56
N MET A 239 -17.55 -16.70 17.98
CA MET A 239 -16.10 -16.54 17.93
C MET A 239 -15.50 -17.84 17.41
N HIS A 240 -14.49 -17.70 16.55
CA HIS A 240 -13.70 -18.79 16.00
C HIS A 240 -12.25 -18.52 16.34
N GLY A 241 -11.49 -19.56 16.64
CA GLY A 241 -10.10 -19.27 16.91
C GLY A 241 -9.21 -20.47 16.87
N TYR A 242 -8.01 -20.25 16.36
CA TYR A 242 -7.01 -21.28 16.15
C TYR A 242 -5.66 -20.74 16.58
N PRO A 243 -4.70 -21.62 16.88
CA PRO A 243 -3.38 -21.18 17.37
C PRO A 243 -2.35 -20.79 16.32
N VAL A 244 -2.65 -20.88 15.03
CA VAL A 244 -1.69 -20.60 13.95
C VAL A 244 -1.10 -19.21 14.16
N PRO A 245 0.22 -19.10 14.32
CA PRO A 245 0.78 -17.79 14.68
C PRO A 245 0.42 -16.67 13.71
N ASN A 246 0.46 -16.87 12.40
CA ASN A 246 0.24 -15.69 11.56
C ASN A 246 -1.24 -15.44 11.24
N TRP A 247 -2.17 -16.13 11.89
CA TRP A 247 -3.58 -15.76 11.79
C TRP A 247 -3.99 -14.66 12.78
N HIS A 248 -3.04 -14.04 13.47
CA HIS A 248 -3.35 -13.06 14.49
C HIS A 248 -2.40 -11.87 14.36
N PRO A 249 -2.82 -10.69 14.83
CA PRO A 249 -1.96 -9.50 14.66
C PRO A 249 -0.76 -9.47 15.61
N VAL A 250 -0.72 -10.32 16.62
CA VAL A 250 0.47 -10.53 17.46
C VAL A 250 0.91 -11.97 17.27
N GLN A 251 2.17 -12.18 16.96
CA GLN A 251 2.68 -13.49 16.56
C GLN A 251 3.09 -14.29 17.80
N GLY A 252 2.25 -15.22 18.23
CA GLY A 252 2.63 -16.15 19.28
C GLY A 252 3.51 -17.27 18.74
N SER A 253 3.86 -18.20 19.63
CA SER A 253 4.78 -19.27 19.29
C SER A 253 4.16 -20.66 19.26
N GLY A 254 2.84 -20.76 19.45
CA GLY A 254 2.17 -22.04 19.24
C GLY A 254 1.50 -22.65 20.45
N LEU A 255 1.32 -23.97 20.42
CA LEU A 255 0.43 -24.63 21.37
C LEU A 255 0.90 -24.45 22.80
N ALA A 256 2.22 -24.47 23.03
CA ALA A 256 2.77 -24.34 24.39
C ALA A 256 2.91 -22.89 24.84
N ASP A 257 2.72 -21.91 23.95
CA ASP A 257 2.97 -20.51 24.31
C ASP A 257 1.79 -19.93 25.08
N PRO A 258 1.99 -19.41 26.29
CA PRO A 258 0.92 -18.67 26.97
C PRO A 258 0.31 -17.51 26.17
N LEU A 259 1.10 -16.78 25.36
CA LEU A 259 0.52 -15.76 24.47
C LEU A 259 -0.52 -16.38 23.53
N THR A 260 -0.10 -17.37 22.74
CA THR A 260 -1.01 -18.06 21.85
C THR A 260 -2.26 -18.55 22.60
N ARG A 261 -2.05 -19.19 23.77
CA ARG A 261 -3.17 -19.69 24.56
C ARG A 261 -4.08 -18.56 25.05
N SER A 262 -3.57 -17.35 25.18
CA SER A 262 -4.48 -16.31 25.65
C SER A 262 -5.34 -15.71 24.53
N LEU A 263 -5.10 -16.05 23.27
CA LEU A 263 -5.77 -15.35 22.17
C LEU A 263 -7.27 -15.63 22.16
N LEU A 264 -7.65 -16.90 22.09
CA LEU A 264 -9.08 -17.22 21.99
C LEU A 264 -9.87 -16.74 23.21
N PRO A 265 -9.42 -16.95 24.46
CA PRO A 265 -10.17 -16.34 25.59
C PRO A 265 -10.27 -14.84 25.50
N PHE A 266 -9.22 -14.18 25.00
CA PHE A 266 -9.29 -12.73 24.84
C PHE A 266 -10.37 -12.34 23.83
N TYR A 267 -10.40 -13.03 22.67
CA TYR A 267 -11.45 -12.76 21.68
C TYR A 267 -12.83 -13.00 22.25
N VAL A 268 -13.00 -14.09 23.01
CA VAL A 268 -14.29 -14.40 23.63
C VAL A 268 -14.67 -13.30 24.61
N LYS A 269 -13.70 -12.83 25.41
CA LYS A 269 -13.95 -11.74 26.34
C LYS A 269 -14.47 -10.49 25.63
N CYS A 270 -13.82 -10.10 24.52
CA CYS A 270 -14.32 -8.95 23.77
C CYS A 270 -15.74 -9.18 23.28
N ALA A 271 -15.97 -10.29 22.59
CA ALA A 271 -17.31 -10.58 22.11
C ALA A 271 -18.32 -10.56 23.26
N ARG A 272 -18.01 -11.28 24.35
CA ARG A 272 -18.93 -11.39 25.49
C ARG A 272 -19.42 -10.04 26.00
N ALA A 273 -18.56 -9.02 25.94
CA ALA A 273 -18.94 -7.67 26.34
C ALA A 273 -20.08 -7.09 25.49
N PHE A 274 -20.41 -7.70 24.36
CA PHE A 274 -21.43 -7.15 23.48
C PHE A 274 -22.66 -8.04 23.33
N GLY A 275 -22.62 -9.28 23.83
CA GLY A 275 -23.75 -10.17 23.76
C GLY A 275 -23.30 -11.58 24.07
N PRO A 276 -24.22 -12.52 24.10
CA PRO A 276 -23.83 -13.91 24.34
C PRO A 276 -22.98 -14.41 23.19
N VAL A 277 -22.04 -15.32 23.50
CA VAL A 277 -21.05 -15.70 22.52
C VAL A 277 -20.83 -17.20 22.56
N LEU A 278 -20.95 -17.84 21.38
CA LEU A 278 -20.70 -19.25 21.16
C LEU A 278 -19.31 -19.43 20.58
N LEU A 279 -18.51 -20.30 21.20
CA LEU A 279 -17.24 -20.69 20.59
C LEU A 279 -17.56 -21.67 19.46
N GLN A 280 -17.95 -21.09 18.32
CA GLN A 280 -18.54 -21.86 17.23
C GLN A 280 -17.53 -22.70 16.47
N GLU A 281 -16.25 -22.38 16.59
CA GLU A 281 -15.17 -23.09 15.93
C GLU A 281 -13.94 -22.93 16.81
N PHE A 282 -13.31 -24.04 17.18
CA PHE A 282 -11.99 -23.97 17.75
C PHE A 282 -11.26 -25.23 17.33
N GLY A 283 -9.95 -25.15 17.21
CA GLY A 283 -9.19 -26.30 16.77
C GLY A 283 -7.72 -26.12 17.08
N THR A 284 -6.99 -27.23 17.00
CA THR A 284 -5.54 -27.12 17.18
C THR A 284 -4.79 -27.03 15.86
N ILE A 285 -5.42 -27.43 14.74
CA ILE A 285 -4.81 -27.43 13.41
C ILE A 285 -3.77 -28.53 13.31
N LEU A 286 -2.73 -28.46 14.13
CA LEU A 286 -1.83 -29.61 14.23
C LEU A 286 -2.55 -30.67 15.03
N THR A 287 -2.66 -31.88 14.46
CA THR A 287 -3.32 -32.97 15.19
C THR A 287 -2.58 -34.30 15.05
N SER A 288 -1.33 -34.28 14.61
CA SER A 288 -0.59 -35.53 14.42
C SER A 288 -0.19 -36.14 15.76
N ARG A 289 0.30 -37.39 15.68
CA ARG A 289 0.75 -38.09 16.88
C ARG A 289 1.87 -37.31 17.57
N ALA A 290 2.80 -36.75 16.79
CA ALA A 290 3.88 -35.98 17.40
C ALA A 290 3.37 -34.77 18.16
N ALA A 291 2.23 -34.21 17.76
CA ALA A 291 1.69 -33.03 18.43
C ALA A 291 0.90 -33.36 19.69
N ALA A 292 0.62 -34.64 19.95
CA ALA A 292 -0.32 -35.02 21.01
C ALA A 292 0.01 -34.43 22.38
N PRO A 293 1.23 -34.49 22.90
CA PRO A 293 1.47 -33.85 24.21
C PRO A 293 1.10 -32.38 24.22
N HIS A 294 1.34 -31.67 23.10
CA HIS A 294 1.15 -30.23 23.07
C HIS A 294 -0.30 -29.84 22.84
N THR A 295 -1.01 -30.56 21.95
CA THR A 295 -2.41 -30.23 21.74
C THR A 295 -3.23 -30.51 22.99
N ASP A 296 -2.86 -31.55 23.73
CA ASP A 296 -3.56 -31.88 24.98
C ASP A 296 -3.41 -30.77 26.01
N ALA A 297 -2.17 -30.29 26.21
CA ALA A 297 -1.95 -29.20 27.16
C ALA A 297 -2.62 -27.92 26.70
N TYR A 298 -2.60 -27.65 25.37
CA TYR A 298 -3.25 -26.46 24.85
C TYR A 298 -4.74 -26.48 25.16
N LEU A 299 -5.39 -27.61 24.89
CA LEU A 299 -6.82 -27.69 25.11
C LEU A 299 -7.15 -27.53 26.59
N ARG A 300 -6.33 -28.13 27.47
CA ARG A 300 -6.59 -28.01 28.90
C ARG A 300 -6.44 -26.58 29.38
N ALA A 301 -5.73 -25.73 28.63
CA ALA A 301 -5.71 -24.33 29.02
C ALA A 301 -6.87 -23.54 28.39
N ILE A 302 -7.07 -23.65 27.09
CA ILE A 302 -7.95 -22.68 26.45
C ILE A 302 -9.42 -22.94 26.73
N LEU A 303 -9.83 -24.21 26.89
CA LEU A 303 -11.26 -24.48 27.08
C LEU A 303 -11.77 -23.94 28.42
N PRO A 304 -11.14 -24.23 29.57
CA PRO A 304 -11.62 -23.59 30.81
C PRO A 304 -11.52 -22.06 30.75
N ALA A 305 -10.45 -21.51 30.16
CA ALA A 305 -10.37 -20.07 30.02
C ALA A 305 -11.50 -19.52 29.14
N CYS A 306 -11.80 -20.19 28.03
CA CYS A 306 -12.96 -19.77 27.24
C CYS A 306 -14.23 -19.84 28.04
N ARG A 307 -14.38 -20.86 28.89
CA ARG A 307 -15.54 -20.94 29.78
C ARG A 307 -15.59 -19.73 30.70
N GLU A 308 -14.48 -19.47 31.41
CA GLU A 308 -14.43 -18.32 32.30
C GLU A 308 -14.63 -17.01 31.55
N ALA A 309 -14.16 -16.94 30.29
CA ALA A 309 -14.42 -15.75 29.49
C ALA A 309 -15.88 -15.66 29.03
N GLY A 310 -16.68 -16.70 29.23
CA GLY A 310 -18.11 -16.60 29.05
C GLY A 310 -18.70 -17.28 27.83
N ALA A 311 -17.93 -18.13 27.14
CA ALA A 311 -18.47 -18.86 26.01
C ALA A 311 -19.65 -19.69 26.46
N ASN A 312 -20.69 -19.79 25.62
CA ASN A 312 -21.86 -20.58 25.99
C ASN A 312 -21.94 -21.91 25.26
N GLY A 313 -20.86 -22.36 24.64
CA GLY A 313 -20.88 -23.59 23.87
C GLY A 313 -19.59 -23.75 23.08
N TYR A 314 -19.31 -24.97 22.61
CA TYR A 314 -17.97 -25.33 22.13
C TYR A 314 -18.13 -26.32 20.99
N LEU A 315 -17.70 -25.93 19.79
CA LEU A 315 -17.78 -26.78 18.61
C LEU A 315 -16.41 -26.88 17.96
N TRP A 316 -15.89 -28.10 17.89
CA TRP A 316 -14.57 -28.35 17.35
C TRP A 316 -14.57 -28.27 15.82
N TRP A 317 -13.42 -27.86 15.26
CA TRP A 317 -13.17 -27.92 13.82
C TRP A 317 -12.03 -28.89 13.55
N CYS A 318 -12.28 -29.96 12.79
CA CYS A 318 -13.61 -30.40 12.37
C CYS A 318 -13.69 -31.91 12.74
N PHE A 319 -14.81 -32.58 12.46
CA PHE A 319 -15.05 -33.87 13.09
C PHE A 319 -14.07 -34.92 12.60
N LYS A 320 -13.91 -35.04 11.28
CA LYS A 320 -13.13 -36.11 10.65
C LYS A 320 -11.93 -35.53 9.91
N ASP A 321 -10.88 -36.34 9.77
CA ASP A 321 -9.92 -36.09 8.72
C ASP A 321 -10.62 -36.20 7.36
N ILE A 322 -10.17 -35.42 6.39
CA ILE A 322 -10.83 -35.36 5.09
C ILE A 322 -9.79 -35.63 4.01
N PRO A 323 -9.59 -36.88 3.61
CA PRO A 323 -8.60 -37.18 2.57
C PRO A 323 -9.12 -36.99 1.14
N ALA A 324 -10.33 -36.47 0.99
CA ALA A 324 -10.89 -36.18 -0.32
C ALA A 324 -9.90 -35.38 -1.15
N PRO A 325 -9.40 -35.93 -2.26
CA PRO A 325 -8.44 -35.19 -3.12
C PRO A 325 -9.16 -34.18 -4.02
N LEU A 326 -9.69 -33.10 -3.43
CA LEU A 326 -10.42 -32.16 -4.25
C LEU A 326 -10.37 -30.77 -3.62
N HIS A 327 -10.74 -29.78 -4.41
CA HIS A 327 -10.76 -28.38 -4.00
C HIS A 327 -11.64 -28.21 -2.75
N PRO A 328 -11.15 -27.56 -1.70
CA PRO A 328 -9.89 -26.81 -1.59
C PRO A 328 -8.82 -27.53 -0.76
N TYR A 329 -9.00 -28.84 -0.54
CA TYR A 329 -8.04 -29.62 0.25
C TYR A 329 -6.73 -29.87 -0.49
N ILE A 330 -6.68 -29.62 -1.81
CA ILE A 330 -5.47 -29.83 -2.60
C ILE A 330 -4.50 -28.68 -2.39
N LYS A 331 -4.98 -27.45 -2.48
CA LYS A 331 -4.14 -26.27 -2.33
C LYS A 331 -3.84 -25.90 -0.87
N ASN A 332 -4.66 -26.36 0.10
CA ASN A 332 -4.44 -26.09 1.53
C ASN A 332 -4.58 -27.43 2.27
N ASN A 333 -3.62 -28.33 2.05
CA ASN A 333 -3.76 -29.70 2.53
C ASN A 333 -3.75 -29.83 4.05
N PHE A 334 -3.33 -28.81 4.82
CA PHE A 334 -3.52 -28.89 6.27
C PHE A 334 -4.99 -29.07 6.62
N GLU A 335 -5.89 -28.64 5.73
CA GLU A 335 -7.31 -28.83 5.96
C GLU A 335 -7.70 -30.30 5.94
N SER A 336 -6.85 -31.17 5.40
CA SER A 336 -7.18 -32.59 5.31
C SER A 336 -6.99 -33.35 6.62
N GLU A 337 -6.44 -32.71 7.66
CA GLU A 337 -6.04 -33.40 8.88
C GLU A 337 -6.42 -32.60 10.13
N LEU A 338 -7.65 -32.10 10.15
CA LEU A 338 -8.17 -31.36 11.29
C LEU A 338 -9.15 -32.19 12.12
N GLY A 339 -9.30 -33.48 11.82
CA GLY A 339 -10.33 -34.27 12.48
C GLY A 339 -10.08 -34.39 13.97
N LEU A 340 -11.18 -34.37 14.73
CA LEU A 340 -11.12 -34.85 16.11
C LEU A 340 -10.88 -36.36 16.13
N VAL A 341 -11.24 -37.02 15.04
CA VAL A 341 -11.36 -38.46 14.96
C VAL A 341 -10.62 -38.96 13.72
N ASP A 342 -9.96 -40.08 13.84
CA ASP A 342 -9.27 -40.67 12.74
C ASP A 342 -10.19 -41.52 11.88
N ILE A 343 -9.57 -42.22 10.95
CA ILE A 343 -10.23 -43.07 10.00
C ILE A 343 -10.99 -44.22 10.57
N GLU A 344 -10.57 -44.72 11.71
CA GLU A 344 -11.19 -45.82 12.36
C GLU A 344 -12.23 -45.38 13.36
N GLY A 345 -12.52 -44.10 13.44
CA GLY A 345 -13.51 -43.66 14.39
C GLY A 345 -13.00 -43.50 15.78
N ARG A 346 -11.70 -43.51 15.90
CA ARG A 346 -10.99 -43.32 17.17
C ARG A 346 -10.68 -41.85 17.40
N VAL A 347 -10.93 -41.37 18.61
CA VAL A 347 -10.50 -40.03 18.96
C VAL A 347 -8.98 -39.97 18.91
N LYS A 348 -8.45 -38.94 18.24
CA LYS A 348 -7.02 -38.87 18.02
C LYS A 348 -6.27 -38.67 19.31
N LYS A 349 -5.14 -39.36 19.44
CA LYS A 349 -4.26 -39.17 20.58
C LYS A 349 -3.90 -37.68 20.68
N GLY A 350 -4.15 -37.09 21.85
CA GLY A 350 -3.90 -35.69 22.08
C GLY A 350 -5.14 -34.83 22.22
N LEU A 351 -6.28 -35.27 21.69
CA LEU A 351 -7.49 -34.46 21.68
C LEU A 351 -8.60 -34.96 22.61
N GLU A 352 -8.37 -36.08 23.32
CA GLU A 352 -9.42 -36.67 24.17
C GLU A 352 -9.98 -35.68 25.18
N TYR A 353 -9.19 -34.66 25.55
CA TYR A 353 -9.67 -33.74 26.58
C TYR A 353 -10.93 -33.01 26.17
N PHE A 354 -11.07 -32.66 24.88
CA PHE A 354 -12.33 -32.04 24.46
C PHE A 354 -13.52 -32.92 24.83
N VAL A 355 -13.39 -34.24 24.66
CA VAL A 355 -14.48 -35.13 25.02
C VAL A 355 -14.77 -35.04 26.52
N GLU A 356 -13.71 -35.05 27.33
CA GLU A 356 -13.87 -35.00 28.77
C GLU A 356 -14.47 -33.65 29.18
N PHE A 357 -13.98 -32.57 28.55
CA PHE A 357 -14.47 -31.23 28.88
C PHE A 357 -15.93 -31.08 28.47
N ALA A 358 -16.32 -31.62 27.31
CA ALA A 358 -17.70 -31.49 26.89
C ALA A 358 -18.63 -32.24 27.86
N ARG A 359 -18.22 -33.42 28.29
CA ARG A 359 -19.04 -34.18 29.24
C ARG A 359 -19.12 -33.45 30.57
N ALA A 360 -17.99 -32.88 31.03
CA ALA A 360 -18.02 -32.04 32.22
C ALA A 360 -18.99 -30.87 32.05
N GLU A 361 -18.93 -30.19 30.91
CA GLU A 361 -19.74 -29.00 30.70
C GLU A 361 -21.23 -29.30 30.71
N THR A 362 -21.63 -30.43 30.14
CA THR A 362 -23.07 -30.68 30.11
C THR A 362 -23.60 -31.22 31.43
N GLN A 363 -22.74 -31.85 32.26
CA GLN A 363 -23.15 -32.15 33.63
C GLN A 363 -23.14 -30.90 34.50
N ARG A 364 -22.30 -29.91 34.18
CA ARG A 364 -22.38 -28.62 34.88
C ARG A 364 -23.76 -27.97 34.67
N ALA A 365 -24.25 -27.95 33.42
CA ALA A 365 -25.54 -27.32 33.09
C ALA A 365 -26.78 -28.00 33.76
N LEU A 366 -26.64 -28.94 34.69
CA LEU A 366 -27.79 -29.46 35.45
C LEU A 366 -27.85 -28.83 36.84
N ASP A 381 -13.99 -16.25 40.21
CA ASP A 381 -14.74 -15.02 40.42
C ASP A 381 -13.91 -13.76 40.13
N ALA A 382 -14.51 -12.84 39.35
CA ALA A 382 -14.17 -11.42 39.30
C ALA A 382 -12.90 -11.10 38.54
N PRO A 383 -12.82 -9.88 37.95
CA PRO A 383 -11.56 -9.41 37.35
C PRO A 383 -10.90 -8.30 38.17
N THR A 384 -9.58 -8.34 38.24
CA THR A 384 -8.82 -7.39 39.06
C THR A 384 -8.32 -6.18 38.26
N VAL A 385 -8.66 -6.08 36.96
CA VAL A 385 -8.27 -4.97 36.09
C VAL A 385 -8.99 -5.10 34.74
N HIS A 386 -9.33 -3.97 34.13
CA HIS A 386 -10.12 -3.94 32.90
C HIS A 386 -9.39 -3.13 31.81
N LEU A 387 -9.27 -3.72 30.62
CA LEU A 387 -8.72 -3.01 29.47
C LEU A 387 -9.82 -2.16 28.82
N TYR A 388 -9.47 -0.95 28.41
CA TYR A 388 -10.43 0.01 27.89
C TYR A 388 -10.68 -0.24 26.41
N TRP A 389 -11.94 -0.59 26.05
CA TRP A 389 -12.39 -0.69 24.67
C TRP A 389 -12.93 0.66 24.23
N PRO A 390 -12.33 1.34 23.27
CA PRO A 390 -12.69 2.75 23.00
C PRO A 390 -14.10 2.89 22.43
N ARG A 391 -14.69 4.07 22.65
CA ARG A 391 -16.06 4.30 22.18
C ARG A 391 -16.20 4.14 20.66
N HIS A 392 -15.22 4.58 19.90
CA HIS A 392 -15.24 4.40 18.45
C HIS A 392 -14.09 3.48 18.09
N TYR A 393 -14.43 2.26 17.73
CA TYR A 393 -13.47 1.19 17.53
C TYR A 393 -13.17 0.95 16.05
N TYR A 394 -14.16 1.07 15.18
CA TYR A 394 -14.00 0.76 13.76
C TYR A 394 -13.90 2.06 12.99
N HIS A 395 -13.00 2.08 12.02
CA HIS A 395 -12.65 3.33 11.34
C HIS A 395 -13.38 3.57 10.02
N ARG A 396 -13.77 2.52 9.29
CA ARG A 396 -14.30 2.76 7.94
C ARG A 396 -15.59 3.59 8.01
N ASN A 397 -15.57 4.75 7.36
CA ASN A 397 -16.74 5.63 7.24
C ASN A 397 -17.28 6.08 8.60
N ASN A 398 -16.40 6.11 9.60
CA ASN A 398 -16.75 6.55 10.96
C ASN A 398 -16.23 7.98 11.15
N HIS A 399 -17.13 8.95 11.02
CA HIS A 399 -16.77 10.36 11.06
C HIS A 399 -16.61 10.88 12.48
N ARG A 400 -16.83 10.05 13.49
CA ARG A 400 -16.68 10.46 14.88
C ARG A 400 -15.55 9.73 15.57
N ASN A 401 -14.78 8.92 14.84
CA ASN A 401 -13.70 8.13 15.42
C ASN A 401 -12.42 8.99 15.50
N PRO A 402 -11.80 9.14 16.67
CA PRO A 402 -10.55 9.94 16.73
C PRO A 402 -9.34 9.26 16.08
N GLY A 403 -9.47 8.07 15.50
CA GLY A 403 -8.34 7.45 14.80
C GLY A 403 -8.08 6.00 15.16
N ASN A 404 -8.94 5.36 15.95
CA ASN A 404 -8.75 3.96 16.30
C ASN A 404 -9.02 3.05 15.10
N GLU A 405 -8.18 2.02 14.96
CA GLU A 405 -8.30 1.01 13.91
C GLU A 405 -8.18 -0.36 14.54
N PRO A 406 -9.08 -1.30 14.21
CA PRO A 406 -9.09 -2.61 14.90
C PRO A 406 -7.75 -3.31 14.97
N ARG A 407 -6.99 -3.38 13.86
CA ARG A 407 -5.73 -4.12 13.91
C ARG A 407 -4.76 -3.47 14.90
N GLU A 408 -4.73 -2.14 14.92
CA GLU A 408 -3.84 -1.43 15.83
C GLU A 408 -4.30 -1.55 17.27
N THR A 409 -5.59 -1.34 17.51
CA THR A 409 -6.10 -1.43 18.88
C THR A 409 -5.92 -2.85 19.40
N SER A 410 -6.27 -3.83 18.58
CA SER A 410 -6.29 -5.20 19.06
C SER A 410 -4.88 -5.75 19.32
N ARG A 411 -3.88 -5.29 18.55
CA ARG A 411 -2.51 -5.66 18.87
C ARG A 411 -2.14 -5.23 20.28
N ARG A 412 -2.54 -4.02 20.67
CA ARG A 412 -2.19 -3.50 21.99
C ARG A 412 -2.99 -4.20 23.07
N LEU A 413 -4.25 -4.52 22.78
CA LEU A 413 -5.08 -5.18 23.77
C LEU A 413 -4.60 -6.61 23.99
N ILE A 414 -4.20 -7.29 22.91
CA ILE A 414 -3.79 -8.69 23.02
C ILE A 414 -2.57 -8.81 23.95
N LEU A 415 -1.59 -7.93 23.74
CA LEU A 415 -0.34 -8.00 24.48
C LEU A 415 -0.53 -7.57 25.92
N ALA A 416 -1.25 -6.46 26.15
CA ALA A 416 -1.54 -6.05 27.51
C ALA A 416 -2.29 -7.15 28.25
N HIS A 417 -3.28 -7.77 27.58
CA HIS A 417 -4.05 -8.85 28.19
C HIS A 417 -3.16 -10.00 28.60
N HIS A 418 -2.22 -10.39 27.73
CA HIS A 418 -1.34 -11.50 28.05
C HIS A 418 -0.35 -11.14 29.17
N LEU A 419 0.21 -9.93 29.11
CA LEU A 419 1.22 -9.55 30.09
C LEU A 419 0.59 -9.33 31.46
N LEU A 420 -0.64 -8.81 31.51
CA LEU A 420 -1.32 -8.67 32.79
C LEU A 420 -1.62 -10.04 33.41
N GLN A 421 -2.02 -11.02 32.58
CA GLN A 421 -2.23 -12.37 33.10
C GLN A 421 -0.92 -13.00 33.55
N SER A 422 0.21 -12.59 32.96
CA SER A 422 1.49 -13.07 33.48
C SER A 422 1.84 -12.42 34.82
N ALA A 423 1.38 -11.20 35.05
CA ALA A 423 1.42 -10.60 36.39
C ALA A 423 0.35 -11.18 37.28
N GLU A 424 -0.36 -12.20 36.82
CA GLU A 424 -1.36 -12.90 37.62
C GLU A 424 -2.53 -11.98 37.99
N GLU A 425 -2.89 -11.09 37.06
CA GLU A 425 -4.13 -10.35 37.13
C GLU A 425 -5.23 -11.08 36.37
N HIS A 426 -6.48 -10.85 36.78
CA HIS A 426 -7.66 -11.31 36.06
C HIS A 426 -8.18 -10.14 35.23
N VAL A 427 -8.16 -10.28 33.90
CA VAL A 427 -8.34 -9.15 33.00
C VAL A 427 -9.74 -9.18 32.40
N GLY A 428 -10.49 -8.10 32.60
CA GLY A 428 -11.75 -7.87 31.92
C GLY A 428 -11.64 -6.79 30.84
N ILE A 429 -12.78 -6.57 30.20
CA ILE A 429 -12.96 -5.54 29.18
C ILE A 429 -14.05 -4.61 29.66
N VAL A 430 -13.83 -3.31 29.52
CA VAL A 430 -14.85 -2.32 29.86
C VAL A 430 -15.07 -1.47 28.62
N ARG A 431 -16.32 -1.13 28.35
CA ARG A 431 -16.70 -0.53 27.08
C ARG A 431 -16.79 0.99 27.24
N GLY A 432 -16.03 1.71 26.42
CA GLY A 432 -16.08 3.16 26.43
C GLY A 432 -17.28 3.79 25.75
N ASP A 433 -18.04 3.02 24.96
CA ASP A 433 -19.29 3.49 24.39
C ASP A 433 -20.49 3.27 25.30
N GLN A 434 -20.26 2.89 26.56
CA GLN A 434 -21.33 2.78 27.54
C GLN A 434 -20.89 3.46 28.83
N PRO A 435 -21.84 3.94 29.64
CA PRO A 435 -21.45 4.62 30.89
C PRO A 435 -20.49 3.75 31.69
N LEU A 436 -19.58 4.39 32.38
CA LEU A 436 -18.60 3.50 32.99
C LEU A 436 -19.16 2.89 34.28
N PRO A 437 -18.93 1.60 34.50
CA PRO A 437 -19.35 0.99 35.77
C PRO A 437 -18.75 1.73 36.95
N SER A 438 -19.53 1.85 38.02
CA SER A 438 -19.03 2.53 39.20
C SER A 438 -17.80 1.80 39.72
N PRO A 439 -16.88 2.51 40.38
CA PRO A 439 -15.59 1.90 40.75
C PRO A 439 -15.70 0.72 41.72
N SER A 440 -16.88 0.43 42.28
CA SER A 440 -17.00 -0.77 43.09
C SER A 440 -17.07 -2.03 42.22
N GLU A 441 -17.59 -1.91 40.99
CA GLU A 441 -17.59 -3.01 40.02
C GLU A 441 -16.28 -3.06 39.22
N VAL A 442 -15.97 -1.99 38.50
CA VAL A 442 -14.73 -1.90 37.72
C VAL A 442 -13.83 -0.90 38.44
N GLU A 443 -12.82 -1.40 39.14
CA GLU A 443 -12.02 -0.54 39.99
C GLU A 443 -10.74 -0.04 39.32
N ARG A 444 -10.19 -0.79 38.36
CA ARG A 444 -8.93 -0.43 37.71
C ARG A 444 -9.09 -0.56 36.21
N ILE A 445 -8.68 0.49 35.49
CA ILE A 445 -8.85 0.59 34.04
C ILE A 445 -7.50 0.93 33.43
N ILE A 446 -7.09 0.16 32.43
CA ILE A 446 -5.86 0.40 31.70
C ILE A 446 -6.23 0.81 30.28
N ILE A 447 -5.73 1.97 29.86
CA ILE A 447 -5.90 2.43 28.49
C ILE A 447 -4.60 2.16 27.75
N THR A 448 -4.67 1.32 26.72
CA THR A 448 -3.48 0.84 26.03
C THR A 448 -3.17 1.68 24.78
N GLY A 449 -2.88 2.95 24.99
CA GLY A 449 -2.58 3.83 23.87
C GLY A 449 -3.63 3.81 22.79
N VAL A 450 -4.89 4.01 23.15
CA VAL A 450 -5.94 4.17 22.15
C VAL A 450 -6.44 5.60 22.26
N PHE A 451 -7.10 6.04 21.20
CA PHE A 451 -7.53 7.43 21.09
C PHE A 451 -8.92 7.62 21.68
N THR A 452 -9.08 8.68 22.46
CA THR A 452 -10.25 8.93 23.29
C THR A 452 -10.76 10.33 23.04
N GLY A 453 -12.05 10.46 22.77
CA GLY A 453 -12.62 11.76 22.51
C GLY A 453 -12.98 12.51 23.79
N LEU A 454 -13.53 13.70 23.60
CA LEU A 454 -13.87 14.56 24.73
C LEU A 454 -14.86 13.90 25.67
N ASP A 455 -15.91 13.26 25.13
CA ASP A 455 -16.90 12.63 26.00
C ASP A 455 -16.29 11.51 26.81
N GLU A 456 -15.43 10.71 26.17
CA GLU A 456 -14.75 9.65 26.90
C GLU A 456 -13.91 10.21 28.03
N ILE A 457 -13.22 11.32 27.78
CA ILE A 457 -12.36 11.91 28.82
C ILE A 457 -13.21 12.37 30.01
N LYS A 458 -14.28 13.12 29.73
CA LYS A 458 -15.18 13.59 30.78
C LYS A 458 -15.68 12.44 31.64
N GLU A 459 -16.11 11.34 31.00
CA GLU A 459 -16.63 10.21 31.76
C GLU A 459 -15.51 9.54 32.54
N LEU A 460 -14.34 9.36 31.93
CA LEU A 460 -13.20 8.83 32.67
C LEU A 460 -12.88 9.70 33.88
N HIS A 461 -13.04 11.02 33.75
CA HIS A 461 -12.80 11.92 34.87
C HIS A 461 -13.75 11.62 36.02
N SER A 462 -15.05 11.61 35.73
CA SER A 462 -16.06 11.35 36.76
C SER A 462 -15.88 9.96 37.38
N TRP A 463 -15.57 8.95 36.56
CA TRP A 463 -15.23 7.63 37.10
C TRP A 463 -14.02 7.71 38.04
N VAL A 464 -12.96 8.42 37.65
CA VAL A 464 -11.80 8.53 38.52
C VAL A 464 -12.15 9.29 39.79
N GLU A 465 -13.04 10.28 39.68
CA GLU A 465 -13.41 11.08 40.83
C GLU A 465 -14.07 10.24 41.92
N GLN A 466 -14.86 9.25 41.54
CA GLN A 466 -15.49 8.35 42.50
C GLN A 466 -14.58 7.21 42.93
N GLY A 467 -13.31 7.21 42.54
CA GLY A 467 -12.36 6.26 43.10
C GLY A 467 -11.66 5.35 42.11
N GLY A 468 -11.96 5.45 40.82
CA GLY A 468 -11.27 4.61 39.86
C GLY A 468 -9.77 4.87 39.83
N GLN A 469 -9.00 3.79 39.72
CA GLN A 469 -7.57 3.85 39.44
C GLN A 469 -7.35 3.68 37.94
N LEU A 470 -6.82 4.72 37.29
CA LEU A 470 -6.61 4.73 35.84
C LEU A 470 -5.12 4.66 35.53
N LEU A 471 -4.72 3.62 34.79
CA LEU A 471 -3.39 3.54 34.21
C LEU A 471 -3.51 3.89 32.73
N TRP A 472 -2.98 5.06 32.35
CA TRP A 472 -3.21 5.65 31.02
C TRP A 472 -1.92 5.58 30.22
N HIS A 473 -1.81 4.59 29.34
CA HIS A 473 -0.62 4.53 28.49
C HIS A 473 -0.82 5.43 27.28
N ALA A 474 0.02 6.47 27.19
CA ALA A 474 0.16 7.38 26.05
C ALA A 474 -1.12 8.16 25.79
N PRO A 475 -1.51 9.11 26.66
CA PRO A 475 -2.66 9.95 26.33
C PRO A 475 -2.45 10.66 25.01
N ASP A 476 -3.55 10.97 24.35
CA ASP A 476 -3.51 11.32 22.93
C ASP A 476 -3.37 12.82 22.75
N PRO A 477 -2.27 13.29 22.15
CA PRO A 477 -2.12 14.75 21.97
C PRO A 477 -3.21 15.36 21.12
N VAL A 478 -3.76 14.61 20.16
CA VAL A 478 -4.84 15.15 19.33
C VAL A 478 -6.05 15.50 20.18
N ASN A 479 -6.23 14.84 21.33
CA ASN A 479 -7.33 15.18 22.21
C ASN A 479 -6.86 15.78 23.53
N TRP A 480 -5.68 16.37 23.55
CA TRP A 480 -5.10 16.90 24.77
C TRP A 480 -5.38 18.40 24.80
N ALA A 481 -6.51 18.77 25.41
CA ALA A 481 -6.81 20.17 25.68
C ALA A 481 -7.13 20.33 27.16
N GLN A 482 -8.06 21.23 27.52
CA GLN A 482 -8.30 21.48 28.94
C GLN A 482 -8.74 20.21 29.65
N ALA A 483 -9.72 19.48 29.08
CA ALA A 483 -10.27 18.32 29.76
C ALA A 483 -9.19 17.29 30.08
N MET A 484 -8.41 16.91 29.07
CA MET A 484 -7.35 15.93 29.32
C MET A 484 -6.31 16.47 30.31
N SER A 485 -5.95 17.76 30.19
CA SER A 485 -4.96 18.35 31.10
C SER A 485 -5.40 18.31 32.56
N ARG A 486 -6.68 18.59 32.82
CA ARG A 486 -7.18 18.49 34.19
C ARG A 486 -7.23 17.05 34.68
N LEU A 487 -7.40 16.08 33.77
CA LEU A 487 -7.43 14.69 34.20
C LEU A 487 -6.04 14.11 34.37
N VAL A 488 -5.16 14.32 33.39
CA VAL A 488 -3.79 13.84 33.54
C VAL A 488 -3.07 14.62 34.64
N GLY A 489 -3.36 15.91 34.76
CA GLY A 489 -2.68 16.77 35.71
C GLY A 489 -1.48 17.51 35.17
N ALA A 490 -1.46 17.85 33.89
CA ALA A 490 -0.32 18.45 33.22
C ALA A 490 -0.78 19.03 31.90
N GLU A 491 -0.09 20.08 31.45
CA GLU A 491 -0.31 20.73 30.18
C GLU A 491 0.86 20.46 29.23
N ILE A 492 0.58 20.53 27.93
CA ILE A 492 1.63 20.42 26.93
C ILE A 492 2.31 21.77 26.79
N ALA A 493 3.61 21.81 27.08
CA ALA A 493 4.37 23.03 26.89
C ALA A 493 4.91 23.16 25.48
N ASP A 494 5.33 22.04 24.88
CA ASP A 494 5.82 22.02 23.52
C ASP A 494 5.91 20.57 23.09
N TYR A 495 6.03 20.37 21.77
CA TYR A 495 6.52 19.10 21.28
C TYR A 495 8.02 18.97 21.54
N ARG A 496 8.54 17.75 21.38
CA ARG A 496 9.97 17.52 21.39
C ARG A 496 10.25 16.34 20.46
N ALA A 497 11.53 16.11 20.20
CA ALA A 497 11.90 15.04 19.25
C ALA A 497 11.46 13.67 19.78
N ALA A 498 10.99 12.83 18.86
CA ALA A 498 10.46 11.52 19.21
C ALA A 498 11.56 10.49 19.34
N THR A 499 12.64 10.85 20.04
CA THR A 499 13.75 9.95 20.28
C THR A 499 13.47 9.06 21.49
N PRO A 500 14.14 7.93 21.61
CA PRO A 500 13.79 6.95 22.66
C PRO A 500 13.89 7.54 24.06
N ALA A 501 13.00 7.08 24.93
CA ALA A 501 13.03 7.44 26.33
C ALA A 501 13.54 6.23 27.10
N ILE A 502 14.61 6.43 27.87
CA ILE A 502 15.23 5.39 28.67
C ILE A 502 14.95 5.69 30.14
N THR A 503 14.63 4.67 30.92
CA THR A 503 14.12 4.89 32.26
C THR A 503 14.38 3.64 33.11
N ALA A 504 13.87 3.68 34.34
CA ALA A 504 14.02 2.53 35.25
C ALA A 504 12.95 2.60 36.32
N THR A 505 12.21 1.50 36.52
CA THR A 505 11.44 1.33 37.73
C THR A 505 12.35 0.70 38.78
N ASP A 506 11.80 0.37 39.94
CA ASP A 506 12.61 -0.21 41.00
C ASP A 506 13.07 -1.65 40.69
N GLU A 507 12.60 -2.25 39.60
CA GLU A 507 12.99 -3.61 39.28
C GLU A 507 13.97 -3.71 38.12
N GLY A 508 14.10 -2.67 37.30
CA GLY A 508 15.00 -2.74 36.18
C GLY A 508 14.82 -1.62 35.17
N PRO A 509 15.63 -1.69 34.10
CA PRO A 509 15.64 -0.64 33.08
C PRO A 509 14.62 -0.88 31.97
N TYR A 510 14.24 0.23 31.32
CA TYR A 510 13.25 0.19 30.25
C TYR A 510 13.63 1.22 29.19
N GLU A 511 13.33 0.88 27.94
CA GLU A 511 13.53 1.82 26.84
C GLU A 511 12.29 1.77 25.95
N PHE A 512 11.67 2.94 25.74
CA PHE A 512 10.51 3.09 24.88
C PHE A 512 10.90 3.83 23.62
N THR A 513 10.77 3.15 22.47
CA THR A 513 11.08 3.75 21.17
C THR A 513 9.86 4.26 20.43
N CYS A 514 8.65 3.94 20.86
CA CYS A 514 7.43 4.35 20.15
C CYS A 514 6.62 5.33 20.98
N PHE A 515 5.97 6.25 20.31
CA PHE A 515 5.20 7.30 20.94
C PHE A 515 3.94 7.50 20.13
N LEU A 516 2.86 7.87 20.80
CA LEU A 516 1.56 7.80 20.15
C LEU A 516 1.52 8.81 19.01
N ARG A 517 1.07 8.33 17.85
CA ARG A 517 1.05 9.07 16.60
C ARG A 517 2.44 9.53 16.21
N GLY A 518 3.49 8.89 16.73
CA GLY A 518 4.84 9.27 16.35
C GLY A 518 5.33 10.57 16.94
N MET A 519 4.59 11.15 17.88
CA MET A 519 4.95 12.44 18.45
C MET A 519 5.17 12.32 19.96
N ARG A 520 6.10 13.12 20.45
CA ARG A 520 6.43 13.19 21.85
C ARG A 520 6.25 14.62 22.33
N VAL A 521 5.85 14.78 23.60
CA VAL A 521 5.49 16.09 24.12
C VAL A 521 6.33 16.37 25.35
N ARG A 522 6.58 17.66 25.57
CA ARG A 522 7.14 18.17 26.81
C ARG A 522 5.99 18.74 27.66
N ILE A 523 5.83 18.23 28.87
CA ILE A 523 4.70 18.64 29.69
C ILE A 523 5.17 19.57 30.79
N GLU A 524 4.21 20.32 31.33
CA GLU A 524 4.38 21.10 32.54
C GLU A 524 3.37 20.60 33.59
N PRO A 525 3.82 20.17 34.77
CA PRO A 525 2.85 19.68 35.77
C PRO A 525 1.87 20.76 36.22
N ARG A 526 0.59 20.39 36.31
CA ARG A 526 -0.46 21.28 36.79
C ARG A 526 -1.37 20.46 37.70
N GLY A 527 -0.77 19.95 38.78
CA GLY A 527 -1.45 19.06 39.71
C GLY A 527 -0.78 17.70 39.84
N ALA A 528 -0.20 17.20 38.75
CA ALA A 528 0.38 15.87 38.81
C ALA A 528 1.77 15.91 39.43
N GLN A 529 2.14 14.81 40.06
CA GLN A 529 3.49 14.54 40.53
C GLN A 529 4.25 13.76 39.46
N ILE A 530 5.55 13.98 39.41
CA ILE A 530 6.40 13.28 38.44
C ILE A 530 6.87 11.98 39.09
N LEU A 531 6.29 10.87 38.69
CA LEU A 531 6.63 9.60 39.31
C LEU A 531 7.94 9.03 38.77
N MET A 532 8.22 9.23 37.49
CA MET A 532 9.45 8.74 36.88
C MET A 532 9.90 9.74 35.82
N THR A 533 11.20 9.77 35.57
CA THR A 533 11.78 10.59 34.54
C THR A 533 12.51 9.68 33.57
N ASP A 534 12.76 10.18 32.36
CA ASP A 534 13.70 9.44 31.53
C ASP A 534 15.11 9.71 32.06
N ASN A 535 16.11 9.10 31.42
CA ASN A 535 17.46 9.18 31.96
C ASN A 535 18.10 10.54 31.74
N GLU A 536 17.51 11.37 30.87
CA GLU A 536 17.89 12.76 30.69
C GLU A 536 16.92 13.73 31.39
N GLY A 537 16.36 13.32 32.54
CA GLY A 537 15.77 14.22 33.52
C GLY A 537 14.31 14.61 33.34
N SER A 538 13.69 14.40 32.09
CA SER A 538 12.36 14.95 31.80
C SER A 538 11.24 13.99 32.23
N PRO A 539 10.05 14.53 32.51
CA PRO A 539 8.95 13.69 33.01
C PRO A 539 8.53 12.65 31.99
N LEU A 540 8.35 11.41 32.47
CA LEU A 540 7.92 10.27 31.67
C LEU A 540 6.69 9.55 32.22
N VAL A 541 6.57 9.41 33.55
CA VAL A 541 5.36 8.88 34.19
C VAL A 541 4.86 9.89 35.20
N LEU A 542 3.61 10.31 35.05
CA LEU A 542 2.95 11.20 35.98
C LEU A 542 1.95 10.42 36.85
N ARG A 543 1.63 11.00 38.02
CA ARG A 543 0.63 10.45 38.93
C ARG A 543 -0.21 11.60 39.50
N HIS A 544 -1.52 11.50 39.34
CA HIS A 544 -2.42 12.61 39.63
C HIS A 544 -3.61 12.08 40.38
N ARG A 545 -3.85 12.62 41.57
CA ARG A 545 -5.03 12.22 42.33
C ARG A 545 -6.17 13.19 42.05
N VAL A 546 -7.36 12.64 41.80
CA VAL A 546 -8.51 13.41 41.32
C VAL A 546 -9.72 12.88 42.07
N GLY A 547 -10.19 13.65 43.05
CA GLY A 547 -11.17 13.11 43.97
C GLY A 547 -10.61 11.86 44.62
N ALA A 548 -11.41 10.80 44.64
CA ALA A 548 -11.04 9.58 45.34
C ALA A 548 -10.10 8.68 44.54
N GLY A 549 -9.94 8.91 43.24
CA GLY A 549 -9.14 8.07 42.38
C GLY A 549 -7.78 8.65 42.07
N CYS A 550 -7.09 7.98 41.14
CA CYS A 550 -5.69 8.29 40.86
C CYS A 550 -5.34 7.91 39.42
N VAL A 551 -4.88 8.90 38.65
CA VAL A 551 -4.49 8.74 37.25
C VAL A 551 -2.97 8.58 37.20
N THR A 552 -2.51 7.44 36.67
CA THR A 552 -1.09 7.24 36.39
C THR A 552 -0.91 7.27 34.86
N SER A 553 -0.32 8.35 34.35
CA SER A 553 -0.16 8.55 32.91
C SER A 553 1.29 8.28 32.49
N VAL A 554 1.46 7.49 31.43
CA VAL A 554 2.78 7.21 30.86
C VAL A 554 2.88 7.92 29.51
N LEU A 555 3.89 8.76 29.35
CA LEU A 555 4.07 9.54 28.13
C LEU A 555 4.86 8.76 27.08
N ALA A 556 4.47 7.52 26.84
CA ALA A 556 5.08 6.72 25.78
C ALA A 556 4.06 5.67 25.36
N ASP A 557 4.22 5.17 24.13
CA ASP A 557 3.35 4.10 23.64
C ASP A 557 3.93 2.78 24.10
N VAL A 558 3.54 2.37 25.32
CA VAL A 558 4.12 1.20 25.98
C VAL A 558 3.96 -0.05 25.12
N GLU A 559 2.72 -0.37 24.77
CA GLU A 559 2.46 -1.62 24.07
C GLU A 559 3.15 -1.64 22.71
N ALA A 560 3.15 -0.51 22.00
CA ALA A 560 3.83 -0.47 20.72
C ALA A 560 5.33 -0.66 20.91
N SER A 561 5.93 0.05 21.87
CA SER A 561 7.36 -0.13 22.16
C SER A 561 7.68 -1.59 22.44
N PHE A 562 6.92 -2.22 23.33
CA PHE A 562 7.13 -3.63 23.58
C PHE A 562 6.99 -4.46 22.30
N LEU A 563 5.94 -4.18 21.50
CA LEU A 563 5.74 -4.94 20.28
C LEU A 563 6.87 -4.71 19.27
N SER A 564 7.46 -3.49 19.23
CA SER A 564 8.58 -3.25 18.33
C SER A 564 9.82 -4.05 18.72
N GLN A 565 9.91 -4.55 19.95
CA GLN A 565 11.04 -5.37 20.39
C GLN A 565 10.67 -6.85 20.47
N TRP A 566 9.70 -7.25 19.65
CA TRP A 566 9.26 -8.65 19.60
C TRP A 566 10.37 -9.67 19.40
N PRO A 567 11.39 -9.44 18.55
CA PRO A 567 12.41 -10.49 18.38
C PRO A 567 13.19 -10.80 19.64
N ASP A 568 13.24 -9.90 20.63
CA ASP A 568 13.87 -10.17 21.91
C ASP A 568 12.86 -10.57 22.98
N ARG A 569 11.70 -11.10 22.55
CA ARG A 569 10.61 -11.44 23.47
C ARG A 569 11.06 -12.33 24.62
N GLN A 570 11.85 -13.36 24.32
CA GLN A 570 12.26 -14.34 25.33
C GLN A 570 12.82 -13.67 26.56
N THR A 571 13.82 -12.79 26.37
CA THR A 571 14.52 -12.21 27.49
C THR A 571 13.83 -10.96 28.06
N GLN A 572 12.94 -10.31 27.30
CA GLN A 572 12.32 -9.06 27.76
C GLN A 572 10.95 -9.22 28.38
N GLU A 573 10.27 -10.35 28.15
CA GLU A 573 8.86 -10.45 28.51
C GLU A 573 8.61 -10.28 30.01
N ALA A 574 9.48 -10.85 30.85
CA ALA A 574 9.27 -10.73 32.29
C ALA A 574 9.22 -9.26 32.72
N SER A 575 10.12 -8.45 32.19
CA SER A 575 10.11 -7.03 32.56
C SER A 575 8.91 -6.31 31.93
N TRP A 576 8.54 -6.67 30.69
CA TRP A 576 7.30 -6.12 30.14
C TRP A 576 6.15 -6.29 31.11
N SER A 577 5.99 -7.51 31.63
CA SER A 577 4.87 -7.76 32.52
C SER A 577 5.09 -7.08 33.88
N ALA A 578 6.33 -7.09 34.36
CA ALA A 578 6.63 -6.38 35.61
C ALA A 578 6.31 -4.89 35.50
N TRP A 579 6.38 -4.32 34.29
CA TRP A 579 6.04 -2.92 34.09
C TRP A 579 4.63 -2.61 34.58
N TYR A 580 3.63 -3.41 34.17
CA TYR A 580 2.26 -3.13 34.58
C TYR A 580 2.10 -3.23 36.09
N ALA A 581 2.74 -4.24 36.70
CA ALA A 581 2.61 -4.43 38.15
C ALA A 581 3.12 -3.19 38.91
N ALA A 582 4.29 -2.68 38.51
CA ALA A 582 4.86 -1.53 39.21
C ALA A 582 3.94 -0.31 39.14
N LEU A 583 3.27 -0.11 38.00
CA LEU A 583 2.53 1.13 37.80
C LEU A 583 1.08 1.05 38.24
N LEU A 584 0.55 -0.16 38.42
CA LEU A 584 -0.82 -0.32 38.87
C LEU A 584 -0.95 0.12 40.32
N THR A 585 -1.98 0.92 40.60
CA THR A 585 -2.29 1.38 41.95
C THR A 585 -3.61 0.78 42.41
N LYS A 586 -3.85 0.84 43.72
CA LYS A 586 -5.10 0.37 44.30
C LYS A 586 -5.60 1.35 45.36
N ASP A 587 -6.91 1.62 45.31
CA ASP A 587 -7.65 2.45 46.26
C ASP A 587 -7.48 1.97 47.71
N MET B 1 -11.26 44.40 -4.57
CA MET B 1 -10.09 45.29 -4.51
C MET B 1 -9.17 45.02 -5.69
N THR B 2 -7.87 45.13 -5.42
CA THR B 2 -6.85 44.87 -6.42
C THR B 2 -5.58 44.39 -5.71
N ILE B 3 -4.77 43.66 -6.46
CA ILE B 3 -3.43 43.24 -6.03
C ILE B 3 -2.42 44.03 -6.85
N ASP B 4 -1.45 44.65 -6.19
CA ASP B 4 -0.48 45.48 -6.89
C ASP B 4 0.63 44.62 -7.48
N SER B 5 1.59 45.27 -8.14
CA SER B 5 2.66 44.54 -8.83
C SER B 5 3.68 43.93 -7.87
N SER B 6 3.64 44.29 -6.60
CA SER B 6 4.52 43.67 -5.61
C SER B 6 3.87 42.48 -4.92
N GLY B 7 2.56 42.32 -5.06
CA GLY B 7 1.86 41.20 -4.49
C GLY B 7 0.99 41.53 -3.30
N TYR B 8 0.59 42.79 -3.13
CA TYR B 8 -0.09 43.24 -1.92
C TYR B 8 -1.44 43.82 -2.24
N PHE B 9 -2.39 43.59 -1.33
CA PHE B 9 -3.73 44.15 -1.48
C PHE B 9 -3.68 45.68 -1.52
N ARG B 10 -4.57 46.27 -2.32
CA ARG B 10 -4.80 47.70 -2.29
C ARG B 10 -6.29 47.97 -2.25
N ASP B 11 -6.69 48.94 -1.42
CA ASP B 11 -8.10 49.30 -1.30
C ASP B 11 -8.52 50.17 -2.49
N ALA B 12 -9.81 50.55 -2.51
CA ALA B 12 -10.35 51.31 -3.63
C ALA B 12 -9.58 52.60 -3.85
N ALA B 13 -9.10 53.23 -2.77
CA ALA B 13 -8.35 54.48 -2.90
C ALA B 13 -6.96 54.27 -3.46
N GLY B 14 -6.51 53.04 -3.65
CA GLY B 14 -5.15 52.82 -4.12
C GLY B 14 -4.08 52.91 -3.05
N ALA B 15 -4.43 52.63 -1.80
CA ALA B 15 -3.48 52.59 -0.68
C ALA B 15 -3.27 51.15 -0.25
N ARG B 16 -2.02 50.79 0.04
CA ARG B 16 -1.70 49.42 0.38
C ARG B 16 -2.33 49.02 1.72
N PHE B 17 -2.67 47.74 1.82
CA PHE B 17 -3.50 47.23 2.89
C PHE B 17 -3.01 45.84 3.23
N ILE B 18 -2.64 45.61 4.48
CA ILE B 18 -2.09 44.31 4.87
C ILE B 18 -3.11 43.63 5.79
N PRO B 19 -3.81 42.60 5.31
CA PRO B 19 -4.79 41.91 6.16
C PRO B 19 -4.12 41.33 7.39
N VAL B 20 -4.64 41.72 8.55
CA VAL B 20 -4.26 41.15 9.84
C VAL B 20 -5.55 40.93 10.62
N GLY B 21 -5.69 39.74 11.20
CA GLY B 21 -6.92 39.38 11.89
C GLY B 21 -6.94 37.92 12.25
N ALA B 22 -8.14 37.36 12.35
CA ALA B 22 -8.30 35.98 12.77
C ALA B 22 -9.35 35.27 11.93
N ASN B 23 -9.25 33.94 11.94
CA ASN B 23 -10.36 33.07 11.56
C ASN B 23 -11.30 32.92 12.74
N TYR B 24 -12.61 32.82 12.48
CA TYR B 24 -13.59 32.96 13.55
C TYR B 24 -14.72 31.93 13.49
N TRP B 25 -14.93 31.26 14.61
CA TRP B 25 -16.17 30.64 15.07
C TRP B 25 -16.43 31.11 16.49
N PRO B 26 -17.68 31.29 16.88
CA PRO B 26 -17.95 31.67 18.27
C PRO B 26 -17.65 30.52 19.22
N ALA B 27 -17.27 30.88 20.45
CA ALA B 27 -16.85 29.89 21.44
C ALA B 27 -17.99 28.97 21.85
N SER B 28 -19.21 29.51 21.97
CA SER B 28 -20.29 28.72 22.54
C SER B 28 -20.76 27.61 21.61
N CYS B 29 -20.67 27.81 20.29
CA CYS B 29 -21.25 26.88 19.34
C CYS B 29 -20.30 26.41 18.23
N GLY B 30 -19.11 27.00 18.09
CA GLY B 30 -18.19 26.53 17.07
C GLY B 30 -18.79 26.58 15.67
N VAL B 31 -18.73 25.45 14.97
CA VAL B 31 -19.19 25.38 13.58
C VAL B 31 -20.70 25.47 13.42
N GLU B 32 -21.46 25.43 14.51
CA GLU B 32 -22.91 25.57 14.47
C GLU B 32 -23.38 27.03 14.46
N MET B 33 -22.44 27.98 14.32
CA MET B 33 -22.74 29.41 14.44
C MET B 33 -23.94 29.84 13.61
N TRP B 34 -24.02 29.39 12.36
CA TRP B 34 -25.15 29.78 11.53
C TRP B 34 -26.47 29.28 12.10
N GLN B 35 -26.47 28.14 12.78
CA GLN B 35 -27.71 27.61 13.35
C GLN B 35 -27.99 28.19 14.73
N ALA B 36 -26.96 28.33 15.56
CA ALA B 36 -27.15 28.83 16.93
C ALA B 36 -27.28 30.34 16.97
N TRP B 37 -26.59 31.03 16.09
CA TRP B 37 -26.51 32.48 15.97
C TRP B 37 -26.54 33.19 17.30
N PRO B 38 -25.49 33.08 18.15
CA PRO B 38 -25.39 33.92 19.36
C PRO B 38 -24.86 35.30 19.02
N GLU B 39 -25.72 36.09 18.37
CA GLU B 39 -25.31 37.33 17.72
C GLU B 39 -24.62 38.28 18.69
N ASP B 40 -25.16 38.43 19.90
CA ASP B 40 -24.52 39.30 20.88
C ASP B 40 -23.08 38.86 21.11
N GLU B 41 -22.85 37.55 21.23
CA GLU B 41 -21.49 37.05 21.44
C GLU B 41 -20.65 37.23 20.20
N ILE B 42 -21.25 37.08 19.02
CA ILE B 42 -20.52 37.32 17.77
C ILE B 42 -20.12 38.79 17.67
N PHE B 43 -21.07 39.70 17.90
CA PHE B 43 -20.78 41.11 17.65
C PHE B 43 -19.76 41.66 18.64
N SER B 44 -19.74 41.13 19.87
CA SER B 44 -18.72 41.57 20.82
C SER B 44 -17.36 40.98 20.49
N ASP B 45 -17.31 39.76 19.95
CA ASP B 45 -16.04 39.23 19.42
C ASP B 45 -15.51 40.11 18.31
N LEU B 46 -16.39 40.65 17.47
CA LEU B 46 -15.93 41.58 16.45
C LEU B 46 -15.40 42.87 17.08
N ASP B 47 -16.06 43.35 18.14
CA ASP B 47 -15.52 44.48 18.89
C ASP B 47 -14.13 44.19 19.37
N LEU B 48 -13.92 43.00 19.97
CA LEU B 48 -12.62 42.60 20.47
C LEU B 48 -11.56 42.63 19.37
N MET B 49 -11.90 42.15 18.18
CA MET B 49 -10.92 42.12 17.09
C MET B 49 -10.51 43.52 16.69
N ALA B 50 -11.50 44.41 16.54
CA ALA B 50 -11.18 45.79 16.17
C ALA B 50 -10.31 46.45 17.24
N SER B 51 -10.60 46.20 18.51
CA SER B 51 -9.81 46.78 19.60
C SER B 51 -8.37 46.28 19.58
N LEU B 52 -8.12 45.09 19.02
CA LEU B 52 -6.76 44.59 18.91
C LEU B 52 -6.03 45.13 17.70
N GLY B 53 -6.72 45.88 16.83
CA GLY B 53 -6.11 46.45 15.66
C GLY B 53 -6.29 45.67 14.39
N PHE B 54 -7.10 44.61 14.42
CA PHE B 54 -7.32 43.81 13.22
C PHE B 54 -8.18 44.56 12.22
N ASN B 55 -7.95 44.30 10.93
CA ASN B 55 -8.69 44.93 9.84
C ASN B 55 -9.43 43.93 8.95
N THR B 56 -9.45 42.65 9.32
CA THR B 56 -9.95 41.57 8.47
C THR B 56 -10.38 40.43 9.36
N VAL B 57 -11.52 39.82 9.06
CA VAL B 57 -11.95 38.58 9.71
C VAL B 57 -12.37 37.59 8.65
N ARG B 58 -11.94 36.34 8.81
CA ARG B 58 -12.25 35.24 7.89
C ARG B 58 -13.29 34.33 8.53
N PHE B 59 -14.45 34.21 7.89
CA PHE B 59 -15.50 33.33 8.36
C PHE B 59 -16.02 32.47 7.21
N PHE B 60 -16.80 31.46 7.57
CA PHE B 60 -17.10 30.34 6.67
C PHE B 60 -18.60 30.24 6.47
N VAL B 61 -19.03 30.38 5.22
CA VAL B 61 -20.43 30.13 4.85
C VAL B 61 -20.58 28.62 4.75
N ARG B 62 -21.14 27.99 5.77
CA ARG B 62 -21.27 26.53 5.77
C ARG B 62 -22.44 26.12 4.87
N TRP B 63 -22.11 25.48 3.74
CA TRP B 63 -23.05 25.10 2.69
C TRP B 63 -24.33 24.48 3.24
N PRO B 64 -24.28 23.37 3.99
CA PRO B 64 -25.54 22.74 4.42
C PRO B 64 -26.51 23.68 5.14
N ASP B 65 -26.00 24.67 5.88
CA ASP B 65 -26.90 25.61 6.52
C ASP B 65 -27.58 26.51 5.49
N PHE B 66 -26.89 26.86 4.41
CA PHE B 66 -27.41 27.82 3.45
C PHE B 66 -28.18 27.19 2.30
N GLU B 67 -28.19 25.86 2.17
CA GLU B 67 -28.94 25.19 1.11
C GLU B 67 -29.31 23.80 1.60
N PRO B 68 -30.16 23.71 2.63
CA PRO B 68 -30.50 22.39 3.17
C PRO B 68 -31.24 21.51 2.19
N ARG B 69 -31.88 22.09 1.17
CA ARG B 69 -32.53 21.34 0.10
C ARG B 69 -32.09 21.91 -1.25
N PRO B 70 -32.01 21.06 -2.28
CA PRO B 70 -31.45 21.51 -3.56
C PRO B 70 -32.23 22.68 -4.13
N GLY B 71 -31.51 23.76 -4.44
CA GLY B 71 -32.09 24.93 -5.05
C GLY B 71 -32.83 25.87 -4.11
N GLU B 72 -33.02 25.49 -2.85
CA GLU B 72 -33.78 26.28 -1.90
C GLU B 72 -32.81 26.80 -0.83
N TYR B 73 -32.49 28.08 -0.92
CA TYR B 73 -31.53 28.71 0.00
C TYR B 73 -32.25 29.27 1.22
N ASP B 74 -31.84 28.81 2.40
CA ASP B 74 -32.46 29.25 3.64
C ASP B 74 -32.36 30.76 3.79
N ALA B 75 -33.50 31.41 4.02
CA ALA B 75 -33.53 32.87 4.07
C ALA B 75 -33.13 33.41 5.43
N THR B 76 -33.35 32.65 6.49
CA THR B 76 -32.84 33.10 7.80
C THR B 76 -31.33 33.17 7.78
N MET B 77 -30.67 32.19 7.15
CA MET B 77 -29.22 32.19 7.06
C MET B 77 -28.73 33.36 6.23
N LEU B 78 -29.42 33.66 5.14
CA LEU B 78 -29.00 34.77 4.30
C LEU B 78 -29.17 36.11 5.00
N SER B 79 -30.15 36.23 5.90
CA SER B 79 -30.27 37.46 6.66
C SER B 79 -29.20 37.55 7.73
N ARG B 80 -28.91 36.43 8.41
CA ARG B 80 -27.81 36.40 9.36
C ARG B 80 -26.47 36.71 8.68
N LEU B 81 -26.25 36.17 7.48
CA LEU B 81 -25.06 36.51 6.73
C LEU B 81 -24.99 38.01 6.48
N LEU B 82 -26.12 38.62 6.10
CA LEU B 82 -26.13 40.06 5.84
C LEU B 82 -25.83 40.86 7.11
N ARG B 83 -26.47 40.49 8.23
CA ARG B 83 -26.20 41.21 9.47
C ARG B 83 -24.75 41.08 9.89
N LEU B 84 -24.10 39.96 9.55
CA LEU B 84 -22.70 39.80 9.89
C LEU B 84 -21.82 40.73 9.08
N LEU B 85 -22.09 40.85 7.78
CA LEU B 85 -21.35 41.76 6.93
C LEU B 85 -21.52 43.20 7.40
N ASP B 86 -22.75 43.60 7.77
CA ASP B 86 -22.98 44.92 8.33
C ASP B 86 -22.07 45.17 9.54
N ALA B 87 -22.07 44.22 10.49
CA ALA B 87 -21.30 44.38 11.72
C ALA B 87 -19.82 44.57 11.44
N CYS B 88 -19.30 43.92 10.39
CA CYS B 88 -17.88 44.06 10.07
C CYS B 88 -17.56 45.46 9.56
N GLY B 89 -18.37 45.97 8.63
CA GLY B 89 -18.14 47.32 8.14
C GLY B 89 -18.29 48.36 9.22
N GLU B 90 -19.25 48.16 10.13
CA GLU B 90 -19.49 49.06 11.25
C GLU B 90 -18.34 49.06 12.26
N ARG B 91 -17.36 48.18 12.10
CA ARG B 91 -16.29 48.04 13.08
C ARG B 91 -14.91 48.06 12.43
N GLY B 92 -14.83 48.38 11.15
CA GLY B 92 -13.54 48.49 10.50
C GLY B 92 -12.91 47.19 10.08
N LEU B 93 -13.70 46.14 9.96
CA LEU B 93 -13.19 44.80 9.66
C LEU B 93 -13.65 44.39 8.27
N ARG B 94 -12.71 44.06 7.41
CA ARG B 94 -13.07 43.60 6.08
C ARG B 94 -13.37 42.10 6.13
N PRO B 95 -14.60 41.70 5.87
CA PRO B 95 -14.92 40.27 5.89
C PRO B 95 -14.26 39.55 4.71
N GLN B 96 -13.75 38.35 5.00
CA GLN B 96 -13.25 37.43 3.98
C GLN B 96 -14.11 36.17 4.06
N PRO B 97 -15.21 36.10 3.32
CA PRO B 97 -16.09 34.93 3.40
C PRO B 97 -15.54 33.77 2.57
N SER B 98 -15.72 32.56 3.11
CA SER B 98 -15.28 31.31 2.51
C SER B 98 -16.51 30.51 2.07
N LEU B 99 -16.62 30.23 0.77
CA LEU B 99 -17.87 29.69 0.24
C LEU B 99 -17.99 28.17 0.42
N PHE B 100 -17.05 27.40 -0.14
CA PHE B 100 -17.21 25.94 -0.20
C PHE B 100 -16.65 25.29 1.08
N VAL B 101 -17.49 25.25 2.11
CA VAL B 101 -17.16 24.67 3.40
C VAL B 101 -18.33 23.79 3.82
N GLY B 102 -18.13 22.47 3.88
CA GLY B 102 -16.89 21.82 3.50
C GLY B 102 -15.99 21.35 4.65
N TRP B 103 -14.68 21.46 4.42
CA TRP B 103 -13.69 20.95 5.35
C TRP B 103 -13.51 21.94 6.50
N MET B 104 -13.67 21.46 7.74
CA MET B 104 -13.51 22.34 8.89
C MET B 104 -13.13 21.54 10.13
N SER B 105 -11.92 21.78 10.65
CA SER B 105 -11.53 21.33 11.99
C SER B 105 -11.67 19.81 12.16
N GLY B 106 -11.39 19.06 11.09
CA GLY B 106 -11.46 17.62 11.17
C GLY B 106 -12.80 17.02 10.85
N GLY B 107 -13.83 17.84 10.61
CA GLY B 107 -15.10 17.37 10.11
C GLY B 107 -15.34 17.80 8.66
N ILE B 108 -16.32 17.18 8.02
CA ILE B 108 -16.75 17.56 6.68
C ILE B 108 -18.25 17.83 6.72
N PHE B 109 -18.66 18.99 6.20
CA PHE B 109 -20.02 19.50 6.36
C PHE B 109 -20.56 19.85 4.98
N TRP B 110 -21.23 18.91 4.34
CA TRP B 110 -21.88 19.08 3.04
C TRP B 110 -23.40 19.04 3.21
N PRO B 111 -24.15 19.58 2.23
CA PRO B 111 -25.61 19.45 2.29
C PRO B 111 -26.03 18.00 2.21
N PRO B 112 -27.16 17.65 2.85
CA PRO B 112 -27.58 16.23 2.89
C PRO B 112 -27.94 15.64 1.54
N TRP B 113 -28.29 16.44 0.54
CA TRP B 113 -28.60 15.93 -0.78
C TRP B 113 -27.36 15.62 -1.60
N LYS B 114 -26.17 15.83 -1.04
CA LYS B 114 -24.93 15.32 -1.61
C LYS B 114 -24.65 13.96 -0.97
N SER B 115 -24.75 12.89 -1.75
CA SER B 115 -24.37 11.62 -1.17
C SER B 115 -22.85 11.46 -1.19
N ASP B 116 -22.38 10.49 -0.40
CA ASP B 116 -20.96 10.17 -0.36
C ASP B 116 -20.47 9.58 -1.67
N THR B 117 -21.37 9.10 -2.51
CA THR B 117 -20.95 8.65 -3.83
C THR B 117 -20.82 9.79 -4.82
N GLN B 118 -21.16 11.03 -4.44
CA GLN B 118 -21.09 12.17 -5.34
C GLN B 118 -19.82 12.98 -5.09
N ASN B 119 -18.86 12.89 -6.01
CA ASN B 119 -17.62 13.65 -5.89
C ASN B 119 -17.86 15.13 -6.12
N LEU B 120 -17.36 15.97 -5.19
CA LEU B 120 -17.60 17.40 -5.24
C LEU B 120 -17.10 18.01 -6.53
N PHE B 121 -15.98 17.52 -7.04
CA PHE B 121 -15.34 18.13 -8.20
C PHE B 121 -15.83 17.60 -9.52
N SER B 122 -16.26 16.33 -9.58
CA SER B 122 -16.53 15.68 -10.85
C SER B 122 -17.99 15.29 -11.06
N ASP B 123 -18.78 15.17 -10.01
CA ASP B 123 -20.16 14.78 -10.20
C ASP B 123 -20.92 15.89 -10.92
N PRO B 124 -21.58 15.59 -12.05
CA PRO B 124 -22.20 16.68 -12.85
C PRO B 124 -23.24 17.47 -12.07
N VAL B 125 -24.09 16.80 -11.29
CA VAL B 125 -25.07 17.51 -10.47
C VAL B 125 -24.38 18.40 -9.43
N MET B 126 -23.34 17.88 -8.76
CA MET B 126 -22.63 18.71 -7.79
C MET B 126 -21.98 19.92 -8.47
N ILE B 127 -21.39 19.74 -9.66
CA ILE B 127 -20.78 20.86 -10.36
C ILE B 127 -21.80 21.98 -10.55
N GLU B 128 -22.98 21.64 -11.07
CA GLU B 128 -23.96 22.67 -11.38
C GLU B 128 -24.59 23.23 -10.12
N ARG B 129 -24.88 22.36 -9.14
CA ARG B 129 -25.34 22.84 -7.84
C ARG B 129 -24.31 23.75 -7.19
N GLY B 130 -23.03 23.45 -7.38
CA GLY B 130 -21.99 24.27 -6.77
C GLY B 130 -21.91 25.64 -7.39
N ALA B 131 -21.98 25.71 -8.73
CA ALA B 131 -21.90 27.00 -9.40
C ALA B 131 -23.07 27.89 -9.00
N ALA B 132 -24.26 27.29 -8.88
CA ALA B 132 -25.42 28.07 -8.45
C ALA B 132 -25.24 28.56 -7.02
N TYR B 133 -24.70 27.72 -6.14
CA TYR B 133 -24.41 28.14 -4.77
C TYR B 133 -23.41 29.29 -4.73
N ALA B 134 -22.36 29.19 -5.54
CA ALA B 134 -21.38 30.28 -5.63
C ALA B 134 -22.05 31.58 -6.08
N ARG B 135 -22.73 31.54 -7.23
CA ARG B 135 -23.40 32.73 -7.76
C ARG B 135 -24.40 33.29 -6.76
N THR B 136 -25.09 32.41 -6.03
CA THR B 136 -26.12 32.87 -5.09
C THR B 136 -25.50 33.65 -3.94
N ILE B 137 -24.46 33.10 -3.31
CA ILE B 137 -23.86 33.77 -2.17
C ILE B 137 -23.10 35.01 -2.62
N THR B 138 -22.41 34.91 -3.75
CA THR B 138 -21.74 36.10 -4.29
C THR B 138 -22.72 37.24 -4.45
N THR B 139 -23.98 36.93 -4.78
CA THR B 139 -24.97 37.98 -4.98
C THR B 139 -25.31 38.69 -3.67
N HIS B 140 -25.35 37.95 -2.56
CA HIS B 140 -25.52 38.59 -1.26
C HIS B 140 -24.26 39.27 -0.75
N LEU B 141 -23.11 39.02 -1.36
CA LEU B 141 -21.88 39.72 -1.02
C LEU B 141 -21.75 41.06 -1.72
N LYS B 142 -22.25 41.19 -2.97
CA LYS B 142 -21.92 42.35 -3.79
C LYS B 142 -22.43 43.69 -3.23
N PRO B 143 -23.49 43.75 -2.37
CA PRO B 143 -23.72 45.00 -1.65
C PRO B 143 -22.47 45.53 -0.93
N PHE B 144 -21.53 44.64 -0.66
CA PHE B 144 -20.35 44.93 0.12
C PHE B 144 -19.07 44.69 -0.68
N ALA B 145 -19.13 44.83 -2.00
CA ALA B 145 -17.97 44.49 -2.83
C ALA B 145 -16.74 45.27 -2.42
N THR B 146 -16.85 46.60 -2.30
CA THR B 146 -15.71 47.43 -1.95
C THR B 146 -15.25 47.27 -0.52
N HIS B 147 -15.89 46.42 0.28
CA HIS B 147 -15.50 46.25 1.68
C HIS B 147 -14.99 44.87 2.00
N LEU B 148 -14.96 43.97 1.02
CA LEU B 148 -14.43 42.65 1.26
C LEU B 148 -12.90 42.68 1.27
N CYS B 149 -12.33 41.68 1.92
CA CYS B 149 -10.93 41.35 1.72
C CYS B 149 -10.85 40.12 0.84
N GLY B 150 -11.30 40.24 -0.41
CA GLY B 150 -11.38 39.08 -1.27
C GLY B 150 -12.49 38.11 -0.89
N ILE B 151 -12.80 37.17 -1.79
CA ILE B 151 -13.72 36.07 -1.50
C ILE B 151 -12.90 34.78 -1.54
N ASP B 152 -13.08 33.97 -0.50
CA ASP B 152 -12.34 32.72 -0.36
C ASP B 152 -13.16 31.58 -0.93
N LEU B 153 -12.61 30.89 -1.94
CA LEU B 153 -13.37 29.85 -2.65
C LEU B 153 -13.87 28.77 -1.70
N GLY B 154 -13.01 28.31 -0.80
CA GLY B 154 -13.39 27.27 0.15
C GLY B 154 -12.28 27.16 1.17
N ASN B 155 -12.50 26.31 2.15
CA ASN B 155 -11.49 26.09 3.18
C ASN B 155 -10.81 24.75 2.92
N GLU B 156 -9.53 24.80 2.52
CA GLU B 156 -8.70 23.62 2.34
C GLU B 156 -9.39 22.58 1.45
N LEU B 157 -9.96 23.08 0.34
CA LEU B 157 -10.53 22.20 -0.67
C LEU B 157 -9.60 21.05 -1.00
N ASP B 158 -8.28 21.30 -0.96
CA ASP B 158 -7.28 20.31 -1.30
C ASP B 158 -7.10 19.24 -0.23
N ALA B 159 -7.70 19.40 0.96
CA ALA B 159 -7.65 18.35 1.96
C ALA B 159 -8.77 17.32 1.81
N LEU B 160 -9.71 17.57 0.91
CA LEU B 160 -10.88 16.69 0.80
C LEU B 160 -10.50 15.32 0.25
N PRO B 161 -11.15 14.26 0.73
CA PRO B 161 -11.01 12.95 0.06
C PRO B 161 -11.34 13.00 -1.42
N ASP B 162 -12.21 13.94 -1.83
CA ASP B 162 -12.63 14.01 -3.22
C ASP B 162 -11.45 14.26 -4.15
N CYS B 163 -10.40 14.94 -3.66
CA CYS B 163 -9.24 15.22 -4.48
C CYS B 163 -8.57 13.95 -4.97
N SER B 164 -8.62 12.89 -4.19
CA SER B 164 -8.00 11.63 -4.60
C SER B 164 -8.81 10.92 -5.68
N ALA B 165 -10.11 11.12 -5.68
CA ALA B 165 -10.98 10.40 -6.59
C ALA B 165 -11.27 11.18 -7.87
N ALA B 166 -11.01 12.47 -7.90
CA ALA B 166 -11.21 13.27 -9.09
C ALA B 166 -9.86 13.56 -9.72
N THR B 167 -9.77 13.43 -11.03
CA THR B 167 -8.51 13.72 -11.69
C THR B 167 -8.16 15.21 -11.50
N PRO B 168 -6.88 15.56 -11.70
CA PRO B 168 -6.49 16.98 -11.75
C PRO B 168 -7.28 17.82 -12.76
N ALA B 169 -7.52 17.30 -13.97
CA ALA B 169 -8.30 18.09 -14.92
C ALA B 169 -9.71 18.35 -14.38
N GLN B 170 -10.29 17.37 -13.69
CA GLN B 170 -11.57 17.59 -13.06
C GLN B 170 -11.51 18.65 -11.96
N VAL B 171 -10.44 18.64 -11.15
CA VAL B 171 -10.32 19.67 -10.12
C VAL B 171 -10.10 21.04 -10.78
N HIS B 172 -9.25 21.08 -11.81
CA HIS B 172 -9.02 22.30 -12.59
C HIS B 172 -10.32 22.89 -13.12
N GLU B 173 -11.13 22.06 -13.81
CA GLU B 173 -12.38 22.54 -14.39
C GLU B 173 -13.36 23.00 -13.31
N TRP B 174 -13.41 22.27 -12.18
CA TRP B 174 -14.29 22.70 -11.09
C TRP B 174 -13.93 24.10 -10.62
N CYS B 175 -12.63 24.39 -10.55
CA CYS B 175 -12.20 25.69 -10.08
C CYS B 175 -12.43 26.75 -11.16
N ARG B 176 -12.19 26.39 -12.42
CA ARG B 176 -12.62 27.26 -13.51
C ARG B 176 -14.09 27.62 -13.38
N ARG B 177 -14.93 26.61 -13.16
CA ARG B 177 -16.37 26.81 -13.12
C ARG B 177 -16.79 27.65 -11.91
N MET B 178 -16.25 27.35 -10.73
CA MET B 178 -16.71 28.06 -9.53
C MET B 178 -16.26 29.51 -9.53
N THR B 179 -15.01 29.77 -9.94
CA THR B 179 -14.56 31.15 -10.07
C THR B 179 -15.36 31.89 -11.13
N GLY B 180 -15.61 31.22 -12.26
CA GLY B 180 -16.47 31.80 -13.29
C GLY B 180 -17.83 32.21 -12.73
N ALA B 181 -18.42 31.36 -11.89
CA ALA B 181 -19.72 31.69 -11.31
C ALA B 181 -19.64 32.93 -10.42
N ILE B 182 -18.59 33.05 -9.60
CA ILE B 182 -18.43 34.24 -8.79
C ILE B 182 -18.31 35.46 -9.67
N ARG B 183 -17.55 35.36 -10.75
CA ARG B 183 -17.30 36.52 -11.60
C ARG B 183 -18.52 36.93 -12.42
N GLU B 184 -19.52 36.05 -12.55
CA GLU B 184 -20.78 36.46 -13.16
C GLU B 184 -21.46 37.55 -12.34
N VAL B 185 -21.24 37.58 -11.03
CA VAL B 185 -21.91 38.51 -10.13
C VAL B 185 -20.97 39.61 -9.72
N LEU B 186 -19.68 39.29 -9.58
CA LEU B 186 -18.64 40.24 -9.18
C LEU B 186 -17.42 40.02 -10.06
N PRO B 187 -17.45 40.51 -11.30
CA PRO B 187 -16.40 40.14 -12.26
C PRO B 187 -15.00 40.56 -11.84
N GLU B 188 -14.84 41.52 -10.93
CA GLU B 188 -13.53 41.99 -10.56
C GLU B 188 -13.18 41.67 -9.12
N ALA B 189 -13.94 40.78 -8.48
CA ALA B 189 -13.64 40.38 -7.12
C ALA B 189 -12.26 39.71 -7.05
N LEU B 190 -11.61 39.89 -5.91
CA LEU B 190 -10.40 39.13 -5.59
C LEU B 190 -10.81 37.78 -5.03
N ILE B 191 -10.43 36.70 -5.70
CA ILE B 191 -10.78 35.35 -5.25
C ILE B 191 -9.54 34.66 -4.72
N LEU B 192 -9.69 33.98 -3.60
CA LEU B 192 -8.62 33.23 -2.98
C LEU B 192 -8.96 31.75 -3.03
N SER B 193 -7.93 30.92 -3.14
CA SER B 193 -8.14 29.47 -3.19
C SER B 193 -8.57 28.92 -1.84
N GLY B 194 -7.86 29.28 -0.77
CA GLY B 194 -8.16 28.66 0.50
C GLY B 194 -7.40 27.38 0.76
N CYS B 195 -6.43 27.04 -0.09
CA CYS B 195 -5.67 25.81 0.07
C CYS B 195 -4.56 25.95 1.12
N ASP B 196 -3.98 24.81 1.51
CA ASP B 196 -2.90 24.81 2.50
C ASP B 196 -1.60 24.28 1.90
N HIS B 197 -0.73 23.71 2.75
CA HIS B 197 0.61 23.32 2.34
C HIS B 197 0.62 22.03 1.52
N GLN B 198 -0.50 21.32 1.48
CA GLN B 198 -0.59 20.20 0.54
C GLN B 198 -0.41 20.61 -0.91
N GLN B 199 -0.60 21.90 -1.23
CA GLN B 199 -0.23 22.37 -2.56
C GLN B 199 1.22 22.05 -2.87
N VAL B 200 2.06 21.96 -1.84
CA VAL B 200 3.49 21.76 -2.00
C VAL B 200 3.89 20.32 -1.73
N ILE B 201 3.27 19.68 -0.72
CA ILE B 201 3.73 18.38 -0.24
C ILE B 201 2.90 17.20 -0.76
N ALA B 202 1.87 17.44 -1.58
CA ALA B 202 1.11 16.36 -2.20
C ALA B 202 0.63 16.78 -3.59
N ASP B 203 0.08 15.82 -4.34
CA ASP B 203 -0.63 16.09 -5.58
C ASP B 203 -2.11 15.85 -5.29
N THR B 204 -2.81 16.92 -4.95
CA THR B 204 -4.23 16.86 -4.73
C THR B 204 -5.04 17.31 -5.94
N GLY B 205 -4.36 17.81 -6.98
CA GLY B 205 -5.01 18.52 -8.05
C GLY B 205 -5.05 20.02 -7.84
N TRP B 206 -4.73 20.50 -6.63
CA TRP B 206 -4.60 21.92 -6.33
C TRP B 206 -3.12 22.23 -6.42
N ARG B 207 -2.70 22.81 -7.54
CA ARG B 207 -1.30 22.82 -7.92
C ARG B 207 -0.75 24.23 -8.10
N LEU B 208 0.57 24.29 -8.00
CA LEU B 208 1.35 25.48 -8.33
C LEU B 208 2.04 25.23 -9.67
N GLY B 209 1.58 25.92 -10.70
CA GLY B 209 2.33 25.94 -11.94
C GLY B 209 1.64 25.35 -13.14
N GLY B 210 0.98 26.22 -13.91
CA GLY B 210 0.41 25.86 -15.19
C GLY B 210 1.12 26.60 -16.30
N ALA B 222 -10.39 33.20 -24.51
CA ALA B 222 -9.18 33.52 -23.75
C ALA B 222 -9.47 33.67 -22.25
N PRO B 223 -8.71 32.96 -21.42
CA PRO B 223 -8.97 33.01 -19.97
C PRO B 223 -8.52 34.33 -19.36
N ARG B 224 -9.19 34.72 -18.29
CA ARG B 224 -8.79 35.91 -17.54
C ARG B 224 -7.43 35.67 -16.90
N MET B 225 -6.51 36.60 -17.05
CA MET B 225 -5.13 36.36 -16.62
C MET B 225 -5.05 36.32 -15.10
N VAL B 226 -4.52 35.21 -14.59
CA VAL B 226 -4.30 34.99 -13.16
C VAL B 226 -2.85 34.55 -12.98
N PRO B 227 -2.29 34.76 -11.79
CA PRO B 227 -0.85 34.49 -11.62
C PRO B 227 -0.48 33.02 -11.69
N ASN B 228 -1.40 32.10 -11.37
CA ASN B 228 -1.13 30.66 -11.33
C ASN B 228 -2.17 29.92 -12.17
N PRO B 229 -1.88 29.67 -13.44
CA PRO B 229 -2.91 29.09 -14.34
C PRO B 229 -3.40 27.73 -13.89
N ALA B 230 -2.61 26.98 -13.10
CA ALA B 230 -3.09 25.70 -12.60
C ALA B 230 -4.35 25.87 -11.78
N GLN B 231 -4.54 27.04 -11.17
CA GLN B 231 -5.73 27.39 -10.40
C GLN B 231 -6.38 28.56 -11.10
N PRO B 232 -7.27 28.31 -12.07
CA PRO B 232 -7.79 29.40 -12.91
C PRO B 232 -8.82 30.24 -12.17
N GLY B 233 -8.76 31.55 -12.38
CA GLY B 233 -9.65 32.47 -11.71
C GLY B 233 -9.22 32.88 -10.31
N ILE B 234 -8.15 32.32 -9.77
CA ILE B 234 -7.69 32.61 -8.43
C ILE B 234 -6.71 33.78 -8.49
N ASP B 235 -7.06 34.89 -7.80
CA ASP B 235 -6.16 36.04 -7.80
C ASP B 235 -5.08 35.95 -6.73
N VAL B 236 -5.36 35.31 -5.59
CA VAL B 236 -4.45 35.31 -4.44
C VAL B 236 -4.28 33.88 -3.95
N LEU B 237 -3.04 33.39 -3.98
CA LEU B 237 -2.74 32.08 -3.42
C LEU B 237 -2.76 32.15 -1.90
N THR B 238 -3.03 31.02 -1.26
CA THR B 238 -3.07 30.98 0.19
C THR B 238 -2.12 29.92 0.72
N MET B 239 -1.71 30.10 1.97
CA MET B 239 -0.88 29.13 2.67
C MET B 239 -1.38 29.01 4.09
N HIS B 240 -1.40 27.79 4.61
CA HIS B 240 -1.72 27.52 6.00
C HIS B 240 -0.55 26.76 6.60
N GLY B 241 -0.29 26.99 7.87
CA GLY B 241 0.86 26.38 8.48
C GLY B 241 0.78 26.30 9.99
N TYR B 242 1.12 25.13 10.49
CA TYR B 242 1.08 24.81 11.90
C TYR B 242 2.34 24.04 12.22
N PRO B 243 2.83 24.13 13.46
CA PRO B 243 4.09 23.48 13.84
C PRO B 243 3.98 21.98 14.10
N VAL B 244 2.79 21.39 14.07
CA VAL B 244 2.57 20.00 14.49
C VAL B 244 3.51 19.06 13.74
N PRO B 245 4.34 18.28 14.45
CA PRO B 245 5.38 17.50 13.76
C PRO B 245 4.88 16.60 12.64
N ASN B 246 3.83 15.82 12.85
CA ASN B 246 3.49 14.84 11.82
C ASN B 246 2.53 15.39 10.74
N TRP B 247 2.28 16.71 10.69
CA TRP B 247 1.58 17.30 9.55
C TRP B 247 2.50 17.67 8.40
N HIS B 248 3.75 17.23 8.44
CA HIS B 248 4.71 17.60 7.40
C HIS B 248 5.53 16.37 7.06
N PRO B 249 6.07 16.29 5.84
CA PRO B 249 6.79 15.08 5.42
C PRO B 249 8.19 14.95 6.02
N VAL B 250 8.71 16.02 6.62
CA VAL B 250 9.92 15.99 7.44
C VAL B 250 9.47 16.27 8.87
N GLN B 251 9.82 15.38 9.81
CA GLN B 251 9.32 15.47 11.19
C GLN B 251 10.23 16.38 12.01
N GLY B 252 9.79 17.62 12.23
CA GLY B 252 10.46 18.50 13.16
C GLY B 252 10.10 18.17 14.60
N SER B 253 10.64 18.96 15.52
CA SER B 253 10.51 18.75 16.96
C SER B 253 9.67 19.80 17.68
N GLY B 254 9.06 20.75 16.97
CA GLY B 254 8.14 21.65 17.64
C GLY B 254 8.43 23.15 17.64
N LEU B 255 7.77 23.89 18.56
CA LEU B 255 7.84 25.35 18.54
C LEU B 255 9.26 25.86 18.55
N ALA B 256 10.16 25.13 19.20
CA ALA B 256 11.52 25.60 19.37
C ALA B 256 12.46 25.12 18.27
N ASP B 257 12.03 24.20 17.41
CA ASP B 257 12.92 23.60 16.44
C ASP B 257 13.10 24.52 15.23
N PRO B 258 14.33 24.97 14.92
CA PRO B 258 14.53 25.77 13.69
C PRO B 258 13.92 25.13 12.46
N LEU B 259 13.98 23.80 12.36
CA LEU B 259 13.38 23.12 11.22
C LEU B 259 11.89 23.37 11.17
N THR B 260 11.19 23.12 12.29
CA THR B 260 9.77 23.41 12.36
C THR B 260 9.48 24.86 12.00
N ARG B 261 10.25 25.82 12.56
CA ARG B 261 10.05 27.23 12.25
C ARG B 261 10.37 27.57 10.80
N SER B 262 11.19 26.77 10.12
CA SER B 262 11.47 27.08 8.73
C SER B 262 10.35 26.64 7.78
N LEU B 263 9.48 25.71 8.20
CA LEU B 263 8.48 25.12 7.32
C LEU B 263 7.55 26.16 6.72
N LEU B 264 6.84 26.90 7.57
CA LEU B 264 5.91 27.90 7.07
C LEU B 264 6.57 28.90 6.12
N PRO B 265 7.72 29.51 6.45
CA PRO B 265 8.36 30.37 5.45
C PRO B 265 8.71 29.62 4.17
N PHE B 266 9.14 28.35 4.27
CA PHE B 266 9.48 27.60 3.07
C PHE B 266 8.25 27.44 2.17
N TYR B 267 7.10 27.05 2.75
CA TYR B 267 5.88 26.92 1.98
C TYR B 267 5.47 28.24 1.35
N VAL B 268 5.66 29.34 2.09
CA VAL B 268 5.31 30.65 1.55
C VAL B 268 6.20 30.99 0.36
N LYS B 269 7.51 30.73 0.47
CA LYS B 269 8.44 31.01 -0.63
C LYS B 269 8.07 30.24 -1.89
N CYS B 270 7.72 28.96 -1.75
CA CYS B 270 7.26 28.18 -2.90
C CYS B 270 6.03 28.80 -3.56
N ALA B 271 5.01 29.05 -2.76
CA ALA B 271 3.78 29.61 -3.32
C ALA B 271 4.02 30.99 -3.90
N ARG B 272 4.98 31.72 -3.33
CA ARG B 272 5.25 33.08 -3.79
C ARG B 272 5.88 33.08 -5.16
N ALA B 273 6.65 32.04 -5.49
CA ALA B 273 7.19 31.94 -6.85
C ALA B 273 6.11 31.73 -7.90
N PHE B 274 4.83 31.59 -7.53
CA PHE B 274 3.76 31.39 -8.50
C PHE B 274 2.70 32.48 -8.49
N GLY B 275 2.70 33.36 -7.48
CA GLY B 275 1.74 34.42 -7.38
C GLY B 275 1.73 35.02 -5.98
N PRO B 276 0.85 35.99 -5.75
CA PRO B 276 0.75 36.55 -4.40
C PRO B 276 0.19 35.53 -3.41
N VAL B 277 0.71 35.57 -2.17
CA VAL B 277 0.38 34.57 -1.14
C VAL B 277 -0.09 35.28 0.12
N LEU B 278 -1.25 34.87 0.62
CA LEU B 278 -1.77 35.30 1.91
C LEU B 278 -1.54 34.21 2.94
N LEU B 279 -0.93 34.56 4.08
CA LEU B 279 -0.81 33.63 5.19
C LEU B 279 -2.19 33.53 5.86
N GLN B 280 -3.07 32.78 5.20
CA GLN B 280 -4.48 32.80 5.54
C GLN B 280 -4.79 32.02 6.81
N GLU B 281 -3.92 31.09 7.20
CA GLU B 281 -4.07 30.41 8.47
C GLU B 281 -2.69 30.16 9.07
N PHE B 282 -2.52 30.54 10.32
CA PHE B 282 -1.35 30.09 11.04
C PHE B 282 -1.71 30.08 12.52
N GLY B 283 -1.08 29.17 13.23
CA GLY B 283 -1.36 29.03 14.65
C GLY B 283 -0.25 28.23 15.27
N THR B 284 -0.22 28.27 16.60
CA THR B 284 0.75 27.48 17.34
C THR B 284 0.18 26.15 17.80
N ILE B 285 -1.15 25.98 17.77
CA ILE B 285 -1.83 24.76 18.18
C ILE B 285 -1.75 24.62 19.70
N LEU B 286 -0.53 24.58 20.24
CA LEU B 286 -0.36 24.63 21.68
C LEU B 286 -0.52 26.07 22.14
N THR B 287 -1.54 26.36 22.96
CA THR B 287 -1.77 27.73 23.39
C THR B 287 -1.88 27.84 24.91
N SER B 288 -1.57 26.78 25.65
CA SER B 288 -1.70 26.82 27.09
C SER B 288 -0.67 27.79 27.69
N ARG B 289 -0.89 28.13 28.97
CA ARG B 289 0.05 29.01 29.66
C ARG B 289 1.42 28.34 29.78
N ALA B 290 1.45 27.02 29.90
CA ALA B 290 2.74 26.34 29.94
C ALA B 290 3.50 26.51 28.63
N ALA B 291 2.79 26.58 27.50
CA ALA B 291 3.47 26.75 26.22
C ALA B 291 3.99 28.16 25.99
N ALA B 292 3.56 29.12 26.82
CA ALA B 292 3.78 30.55 26.56
C ALA B 292 5.21 30.93 26.21
N PRO B 293 6.26 30.48 26.92
CA PRO B 293 7.62 30.85 26.50
C PRO B 293 7.98 30.34 25.11
N HIS B 294 7.42 29.21 24.71
CA HIS B 294 7.79 28.62 23.44
C HIS B 294 6.97 29.20 22.28
N THR B 295 5.68 29.47 22.51
CA THR B 295 4.87 30.14 21.49
C THR B 295 5.40 31.54 21.21
N ASP B 296 5.69 32.29 22.27
CA ASP B 296 6.32 33.61 22.12
C ASP B 296 7.53 33.53 21.20
N ALA B 297 8.45 32.60 21.47
CA ALA B 297 9.68 32.56 20.67
C ALA B 297 9.41 32.04 19.27
N TYR B 298 8.51 31.07 19.13
CA TYR B 298 8.17 30.59 17.79
C TYR B 298 7.55 31.72 16.96
N LEU B 299 6.63 32.49 17.57
CA LEU B 299 5.96 33.53 16.80
C LEU B 299 6.93 34.60 16.34
N ARG B 300 7.91 34.97 17.20
CA ARG B 300 8.89 35.99 16.87
C ARG B 300 9.85 35.53 15.77
N ALA B 301 10.02 34.22 15.59
CA ALA B 301 10.76 33.71 14.44
C ALA B 301 9.91 33.73 13.16
N ILE B 302 8.81 32.97 13.13
CA ILE B 302 8.15 32.65 11.86
C ILE B 302 7.51 33.89 11.23
N LEU B 303 6.96 34.81 12.06
CA LEU B 303 6.20 35.91 11.47
C LEU B 303 7.07 36.85 10.65
N PRO B 304 8.23 37.33 11.14
CA PRO B 304 9.11 38.08 10.23
C PRO B 304 9.60 37.25 9.06
N ALA B 305 9.85 35.95 9.25
CA ALA B 305 10.40 35.14 8.17
C ALA B 305 9.38 34.96 7.05
N CYS B 306 8.10 34.87 7.41
CA CYS B 306 7.03 34.81 6.42
C CYS B 306 6.85 36.13 5.72
N ARG B 307 7.06 37.24 6.46
CA ARG B 307 7.09 38.54 5.81
C ARG B 307 8.19 38.59 4.78
N GLU B 308 9.39 38.13 5.15
CA GLU B 308 10.50 38.09 4.21
C GLU B 308 10.26 37.11 3.06
N ALA B 309 9.40 36.12 3.26
CA ALA B 309 9.10 35.17 2.20
C ALA B 309 8.08 35.71 1.20
N GLY B 310 7.38 36.79 1.53
CA GLY B 310 6.45 37.44 0.62
C GLY B 310 4.98 37.40 1.01
N ALA B 311 4.64 36.87 2.18
CA ALA B 311 3.26 36.84 2.59
C ALA B 311 2.69 38.26 2.62
N ASN B 312 1.43 38.41 2.20
CA ASN B 312 0.84 39.74 2.11
C ASN B 312 -0.20 39.98 3.19
N GLY B 313 -0.38 39.04 4.11
CA GLY B 313 -1.32 39.19 5.20
C GLY B 313 -1.19 38.01 6.13
N TYR B 314 -1.85 38.12 7.28
CA TYR B 314 -1.62 37.17 8.37
C TYR B 314 -2.92 37.00 9.14
N LEU B 315 -3.48 35.80 9.10
CA LEU B 315 -4.70 35.50 9.85
C LEU B 315 -4.46 34.30 10.76
N TRP B 316 -4.55 34.53 12.07
CA TRP B 316 -4.38 33.49 13.06
C TRP B 316 -5.57 32.53 13.08
N TRP B 317 -5.32 31.29 13.51
CA TRP B 317 -6.37 30.32 13.79
C TRP B 317 -6.29 29.87 15.25
N CYS B 318 -7.34 30.12 16.02
CA CYS B 318 -8.49 30.91 15.56
C CYS B 318 -8.78 31.88 16.70
N PHE B 319 -9.78 32.73 16.55
CA PHE B 319 -9.88 33.86 17.47
C PHE B 319 -10.24 33.41 18.87
N LYS B 320 -11.07 32.39 19.01
CA LYS B 320 -11.59 32.02 20.32
C LYS B 320 -11.26 30.56 20.63
N ASP B 321 -11.09 30.25 21.93
CA ASP B 321 -11.22 28.87 22.36
C ASP B 321 -12.65 28.43 22.10
N ILE B 322 -12.84 27.16 21.77
CA ILE B 322 -14.20 26.66 21.51
C ILE B 322 -14.50 25.44 22.37
N PRO B 323 -15.17 25.58 23.52
CA PRO B 323 -15.51 24.42 24.35
C PRO B 323 -16.82 23.73 23.98
N ALA B 324 -17.50 24.17 22.92
CA ALA B 324 -18.77 23.59 22.50
C ALA B 324 -18.63 22.08 22.34
N PRO B 325 -19.38 21.27 23.12
CA PRO B 325 -19.16 19.81 23.08
C PRO B 325 -19.87 19.13 21.91
N LEU B 326 -19.44 19.46 20.70
CA LEU B 326 -20.08 18.92 19.52
C LEU B 326 -19.04 18.58 18.46
N HIS B 327 -19.47 17.80 17.48
CA HIS B 327 -18.63 17.41 16.36
C HIS B 327 -18.13 18.66 15.64
N PRO B 328 -16.83 18.75 15.30
CA PRO B 328 -15.75 17.77 15.44
C PRO B 328 -14.83 18.02 16.63
N TYR B 329 -15.23 18.90 17.54
CA TYR B 329 -14.40 19.18 18.70
C TYR B 329 -14.32 17.98 19.64
N ILE B 330 -15.25 17.03 19.52
CA ILE B 330 -15.23 15.91 20.44
C ILE B 330 -14.13 14.91 20.08
N LYS B 331 -13.97 14.61 18.79
CA LYS B 331 -12.97 13.63 18.38
C LYS B 331 -11.57 14.24 18.22
N ASN B 332 -11.47 15.52 17.89
CA ASN B 332 -10.16 16.22 17.83
C ASN B 332 -10.20 17.36 18.83
N ASN B 333 -10.08 17.05 20.12
CA ASN B 333 -10.32 18.10 21.11
C ASN B 333 -9.23 19.16 21.14
N PHE B 334 -8.07 18.94 20.50
CA PHE B 334 -7.10 20.03 20.42
C PHE B 334 -7.72 21.24 19.73
N GLU B 335 -8.75 21.00 18.91
CA GLU B 335 -9.41 22.08 18.19
C GLU B 335 -10.15 23.00 19.14
N SER B 336 -10.40 22.57 20.38
CA SER B 336 -11.09 23.37 21.38
C SER B 336 -10.25 24.46 22.01
N GLU B 337 -8.93 24.50 21.76
CA GLU B 337 -8.05 25.44 22.46
C GLU B 337 -7.02 26.05 21.51
N LEU B 338 -7.52 26.67 20.44
CA LEU B 338 -6.66 27.37 19.50
C LEU B 338 -6.84 28.88 19.57
N GLY B 339 -7.59 29.36 20.55
CA GLY B 339 -7.93 30.78 20.60
C GLY B 339 -6.72 31.69 20.77
N LEU B 340 -6.87 32.91 20.24
CA LEU B 340 -5.90 33.95 20.48
C LEU B 340 -6.14 34.61 21.83
N VAL B 341 -7.41 34.75 22.23
CA VAL B 341 -7.75 35.42 23.47
C VAL B 341 -8.41 34.40 24.38
N ASP B 342 -8.35 34.67 25.68
CA ASP B 342 -8.91 33.74 26.65
C ASP B 342 -10.39 34.07 26.89
N ILE B 343 -10.92 33.46 27.94
CA ILE B 343 -12.36 33.51 28.20
C ILE B 343 -12.78 34.92 28.60
N GLU B 344 -11.93 35.62 29.33
CA GLU B 344 -12.22 36.99 29.73
C GLU B 344 -11.91 37.99 28.61
N GLY B 345 -11.40 37.53 27.47
CA GLY B 345 -11.21 38.38 26.31
C GLY B 345 -9.86 39.07 26.22
N ARG B 346 -8.83 38.56 26.88
CA ARG B 346 -7.48 39.10 26.78
C ARG B 346 -6.59 38.13 26.01
N VAL B 347 -5.67 38.68 25.21
CA VAL B 347 -4.73 37.85 24.46
C VAL B 347 -4.05 36.89 25.42
N LYS B 348 -4.01 35.62 25.04
CA LYS B 348 -3.37 34.63 25.91
C LYS B 348 -1.89 34.91 26.04
N LYS B 349 -1.34 34.47 27.18
CA LYS B 349 0.08 34.61 27.47
C LYS B 349 0.90 33.79 26.48
N GLY B 350 1.92 34.41 25.91
CA GLY B 350 2.73 33.80 24.89
C GLY B 350 2.32 34.20 23.48
N LEU B 351 1.10 34.72 23.30
CA LEU B 351 0.64 35.07 21.96
C LEU B 351 0.61 36.56 21.68
N GLU B 352 0.92 37.40 22.68
CA GLU B 352 0.81 38.84 22.48
C GLU B 352 1.70 39.35 21.33
N TYR B 353 2.74 38.61 20.94
CA TYR B 353 3.57 39.14 19.86
C TYR B 353 2.81 39.28 18.53
N PHE B 354 1.81 38.44 18.28
CA PHE B 354 1.12 38.56 17.01
C PHE B 354 0.41 39.91 16.92
N VAL B 355 -0.21 40.34 18.02
CA VAL B 355 -0.86 41.65 18.03
C VAL B 355 0.17 42.74 17.75
N GLU B 356 1.35 42.61 18.34
CA GLU B 356 2.41 43.60 18.13
C GLU B 356 2.88 43.58 16.68
N PHE B 357 3.17 42.39 16.15
CA PHE B 357 3.57 42.26 14.76
C PHE B 357 2.48 42.76 13.81
N ALA B 358 1.22 42.52 14.16
CA ALA B 358 0.12 43.04 13.36
C ALA B 358 0.11 44.56 13.35
N ARG B 359 0.32 45.18 14.52
CA ARG B 359 0.31 46.65 14.55
C ARG B 359 1.48 47.21 13.76
N ALA B 360 2.63 46.56 13.81
CA ALA B 360 3.78 47.01 13.05
C ALA B 360 3.53 46.91 11.54
N GLU B 361 2.81 45.86 11.10
CA GLU B 361 2.51 45.72 9.67
C GLU B 361 1.50 46.76 9.20
N THR B 362 0.50 47.08 10.04
CA THR B 362 -0.39 48.19 9.77
C THR B 362 0.39 49.47 9.51
N GLN B 363 1.38 49.76 10.35
CA GLN B 363 2.16 50.99 10.22
C GLN B 363 3.01 50.96 8.96
N ARG B 364 3.74 49.86 8.74
CA ARG B 364 4.62 49.79 7.58
C ARG B 364 3.83 49.96 6.28
N ALA B 365 2.58 49.49 6.25
CA ALA B 365 1.75 49.65 5.06
C ALA B 365 1.24 51.07 4.90
N LEU B 366 1.27 51.88 5.95
CA LEU B 366 0.76 53.25 5.87
C LEU B 366 1.76 54.22 5.26
N LYS B 367 2.92 53.76 4.81
CA LYS B 367 3.97 54.63 4.30
C LYS B 367 4.29 54.33 2.82
N VAL B 368 3.32 53.86 2.06
CA VAL B 368 3.52 53.60 0.63
C VAL B 368 2.47 54.32 -0.22
N ALA B 382 17.42 39.94 -1.47
CA ALA B 382 18.35 39.22 -0.60
C ALA B 382 18.22 37.68 -0.66
N PRO B 383 18.56 37.06 -1.83
CA PRO B 383 18.76 35.60 -1.85
C PRO B 383 20.16 35.20 -2.34
N THR B 384 20.92 34.44 -1.54
CA THR B 384 22.27 34.04 -1.93
C THR B 384 22.31 32.69 -2.66
N VAL B 385 21.23 31.90 -2.61
CA VAL B 385 21.18 30.53 -3.14
C VAL B 385 19.73 30.21 -3.49
N HIS B 386 19.51 29.46 -4.58
CA HIS B 386 18.18 29.10 -5.04
C HIS B 386 18.04 27.58 -5.20
N LEU B 387 16.97 27.03 -4.62
CA LEU B 387 16.62 25.62 -4.75
C LEU B 387 15.84 25.40 -6.04
N TYR B 388 16.16 24.31 -6.73
CA TYR B 388 15.58 24.04 -8.05
C TYR B 388 14.21 23.37 -7.91
N TRP B 389 13.16 24.07 -8.33
CA TRP B 389 11.81 23.51 -8.40
C TRP B 389 11.60 22.92 -9.79
N PRO B 390 11.46 21.59 -9.94
CA PRO B 390 11.48 20.99 -11.29
C PRO B 390 10.32 21.44 -12.17
N ARG B 391 10.58 21.41 -13.49
CA ARG B 391 9.56 21.76 -14.48
C ARG B 391 8.27 20.95 -14.30
N HIS B 392 8.39 19.67 -14.02
CA HIS B 392 7.23 18.79 -13.82
C HIS B 392 7.23 18.34 -12.37
N TYR B 393 6.41 19.00 -11.56
CA TYR B 393 6.34 18.82 -10.12
C TYR B 393 5.32 17.77 -9.70
N TYR B 394 4.19 17.69 -10.41
CA TYR B 394 3.07 16.85 -10.03
C TYR B 394 3.03 15.60 -10.89
N HIS B 395 2.72 14.47 -10.28
CA HIS B 395 2.85 13.20 -10.99
C HIS B 395 1.54 12.67 -11.58
N ARG B 396 0.38 13.07 -11.06
CA ARG B 396 -0.87 12.43 -11.48
C ARG B 396 -1.24 12.83 -12.90
N ASN B 397 -1.40 11.84 -13.78
CA ASN B 397 -1.76 12.07 -15.19
C ASN B 397 -0.80 13.03 -15.89
N ASN B 398 0.47 13.07 -15.50
CA ASN B 398 1.48 13.92 -16.13
C ASN B 398 2.39 13.01 -16.96
N HIS B 399 2.15 12.96 -18.27
CA HIS B 399 2.90 12.03 -19.10
C HIS B 399 4.27 12.54 -19.49
N ARG B 400 4.59 13.80 -19.19
CA ARG B 400 5.90 14.38 -19.48
C ARG B 400 6.78 14.51 -18.26
N ASN B 401 6.29 14.08 -17.09
CA ASN B 401 7.02 14.18 -15.82
C ASN B 401 8.04 13.04 -15.73
N PRO B 402 9.33 13.33 -15.59
CA PRO B 402 10.33 12.25 -15.50
C PRO B 402 10.29 11.46 -14.20
N GLY B 403 9.35 11.74 -13.28
CA GLY B 403 9.22 10.96 -12.05
C GLY B 403 9.16 11.72 -10.73
N ASN B 404 9.07 13.05 -10.76
CA ASN B 404 8.95 13.81 -9.53
C ASN B 404 7.56 13.66 -8.93
N GLU B 405 7.52 13.50 -7.60
CA GLU B 405 6.28 13.43 -6.83
C GLU B 405 6.38 14.44 -5.68
N PRO B 406 5.33 15.24 -5.45
CA PRO B 406 5.42 16.29 -4.41
C PRO B 406 5.98 15.86 -3.06
N ARG B 407 5.59 14.72 -2.50
CA ARG B 407 6.05 14.40 -1.16
C ARG B 407 7.56 14.12 -1.16
N GLU B 408 8.03 13.31 -2.11
CA GLU B 408 9.46 13.06 -2.27
C GLU B 408 10.23 14.35 -2.48
N THR B 409 9.77 15.16 -3.44
CA THR B 409 10.47 16.39 -3.78
C THR B 409 10.49 17.34 -2.57
N SER B 410 9.32 17.56 -1.96
CA SER B 410 9.25 18.54 -0.89
C SER B 410 10.06 18.10 0.32
N ARG B 411 10.19 16.79 0.55
CA ARG B 411 11.03 16.30 1.65
C ARG B 411 12.46 16.79 1.49
N ARG B 412 13.00 16.66 0.27
CA ARG B 412 14.37 17.09 -0.01
C ARG B 412 14.49 18.61 -0.02
N LEU B 413 13.49 19.30 -0.58
CA LEU B 413 13.50 20.76 -0.59
C LEU B 413 13.49 21.32 0.83
N ILE B 414 12.58 20.82 1.68
CA ILE B 414 12.46 21.30 3.05
C ILE B 414 13.77 21.14 3.79
N LEU B 415 14.35 19.94 3.72
CA LEU B 415 15.59 19.67 4.45
C LEU B 415 16.72 20.57 3.96
N ALA B 416 16.87 20.67 2.63
CA ALA B 416 17.94 21.50 2.09
C ALA B 416 17.74 22.96 2.48
N HIS B 417 16.51 23.43 2.37
CA HIS B 417 16.19 24.81 2.71
C HIS B 417 16.61 25.12 4.16
N HIS B 418 16.27 24.23 5.09
CA HIS B 418 16.60 24.45 6.50
C HIS B 418 18.10 24.39 6.73
N LEU B 419 18.76 23.41 6.14
CA LEU B 419 20.21 23.24 6.32
C LEU B 419 20.97 24.44 5.73
N LEU B 420 20.56 24.91 4.56
CA LEU B 420 21.23 26.07 3.97
C LEU B 420 21.04 27.30 4.83
N GLN B 421 19.84 27.50 5.38
CA GLN B 421 19.63 28.62 6.29
C GLN B 421 20.49 28.48 7.54
N SER B 422 20.76 27.25 7.98
CA SER B 422 21.63 27.03 9.12
C SER B 422 23.08 27.38 8.80
N ALA B 423 23.50 27.19 7.55
CA ALA B 423 24.77 27.71 7.05
C ALA B 423 24.69 29.19 6.72
N GLU B 424 23.65 29.87 7.23
CA GLU B 424 23.44 31.31 7.08
C GLU B 424 23.36 31.74 5.63
N GLU B 425 22.75 30.92 4.77
CA GLU B 425 22.40 31.36 3.43
C GLU B 425 20.98 31.91 3.44
N HIS B 426 20.70 32.81 2.52
CA HIS B 426 19.33 33.23 2.25
C HIS B 426 18.86 32.42 1.04
N VAL B 427 17.81 31.63 1.23
CA VAL B 427 17.44 30.57 0.29
C VAL B 427 16.20 31.00 -0.48
N GLY B 428 16.31 31.01 -1.80
CA GLY B 428 15.19 31.28 -2.68
C GLY B 428 14.76 30.03 -3.45
N ILE B 429 13.70 30.19 -4.23
CA ILE B 429 13.16 29.15 -5.10
C ILE B 429 13.27 29.62 -6.55
N VAL B 430 13.85 28.79 -7.42
CA VAL B 430 13.91 29.10 -8.85
C VAL B 430 13.10 28.06 -9.62
N ARG B 431 12.25 28.53 -10.52
CA ARG B 431 11.28 27.65 -11.15
C ARG B 431 11.88 27.05 -12.43
N GLY B 432 11.89 25.72 -12.52
CA GLY B 432 12.35 25.06 -13.71
C GLY B 432 11.37 25.01 -14.86
N ASP B 433 10.14 25.49 -14.67
CA ASP B 433 9.16 25.56 -15.76
C ASP B 433 9.15 26.92 -16.43
N GLN B 434 10.13 27.76 -16.14
CA GLN B 434 10.26 29.08 -16.73
C GLN B 434 11.72 29.26 -17.14
N PRO B 435 12.00 30.17 -18.05
CA PRO B 435 13.41 30.47 -18.38
C PRO B 435 14.19 30.83 -17.12
N LEU B 436 15.41 30.31 -17.02
CA LEU B 436 16.24 30.57 -15.84
C LEU B 436 16.74 32.01 -15.84
N PRO B 437 16.49 32.79 -14.79
CA PRO B 437 17.05 34.13 -14.71
C PRO B 437 18.54 34.10 -15.00
N SER B 438 19.06 35.19 -15.55
CA SER B 438 20.48 35.24 -15.83
C SER B 438 21.27 35.18 -14.52
N PRO B 439 22.52 34.76 -14.58
CA PRO B 439 23.33 34.68 -13.35
C PRO B 439 23.43 35.97 -12.54
N SER B 440 23.10 37.14 -13.10
CA SER B 440 23.13 38.36 -12.30
C SER B 440 22.07 38.37 -11.20
N GLU B 441 20.90 37.72 -11.41
CA GLU B 441 19.82 37.70 -10.40
C GLU B 441 19.72 36.38 -9.66
N VAL B 442 20.04 35.29 -10.33
CA VAL B 442 20.12 33.97 -9.71
C VAL B 442 21.51 33.49 -10.08
N GLU B 443 22.43 33.53 -9.12
CA GLU B 443 23.81 33.15 -9.37
C GLU B 443 24.07 31.69 -9.04
N ARG B 444 23.41 31.16 -8.02
CA ARG B 444 23.70 29.82 -7.53
C ARG B 444 22.42 29.01 -7.41
N ILE B 445 22.43 27.82 -7.99
CA ILE B 445 21.28 26.95 -7.98
C ILE B 445 21.70 25.61 -7.40
N ILE B 446 20.84 25.04 -6.55
CA ILE B 446 21.04 23.72 -5.98
C ILE B 446 19.91 22.83 -6.47
N ILE B 447 20.27 21.70 -7.08
CA ILE B 447 19.32 20.66 -7.45
C ILE B 447 19.41 19.57 -6.40
N THR B 448 18.32 19.33 -5.68
CA THR B 448 18.32 18.39 -4.55
C THR B 448 17.79 17.04 -5.00
N GLY B 449 18.55 16.39 -5.87
CA GLY B 449 18.19 15.08 -6.38
C GLY B 449 16.77 14.97 -6.90
N VAL B 450 16.35 15.93 -7.71
CA VAL B 450 15.08 15.79 -8.43
C VAL B 450 15.38 15.46 -9.89
N PHE B 451 14.32 15.11 -10.61
CA PHE B 451 14.43 14.53 -11.93
C PHE B 451 14.25 15.61 -12.97
N THR B 452 15.19 15.67 -13.92
CA THR B 452 15.31 16.75 -14.89
C THR B 452 15.24 16.19 -16.30
N GLY B 453 14.28 16.65 -17.09
CA GLY B 453 14.20 16.27 -18.49
C GLY B 453 15.23 16.98 -19.36
N LEU B 454 15.29 16.54 -20.62
CA LEU B 454 16.26 17.06 -21.57
C LEU B 454 16.15 18.57 -21.72
N ASP B 455 14.94 19.09 -21.86
CA ASP B 455 14.76 20.54 -21.99
C ASP B 455 15.27 21.26 -20.76
N GLU B 456 15.07 20.69 -19.57
CA GLU B 456 15.63 21.33 -18.39
C GLU B 456 17.16 21.28 -18.40
N ILE B 457 17.75 20.18 -18.88
CA ILE B 457 19.21 20.10 -18.88
C ILE B 457 19.82 21.14 -19.83
N LYS B 458 19.22 21.34 -21.00
CA LYS B 458 19.75 22.34 -21.93
C LYS B 458 19.65 23.73 -21.33
N GLU B 459 18.50 24.03 -20.69
CA GLU B 459 18.33 25.33 -20.06
C GLU B 459 19.32 25.54 -18.92
N LEU B 460 19.62 24.47 -18.16
CA LEU B 460 20.66 24.59 -17.14
C LEU B 460 22.04 24.78 -17.77
N HIS B 461 22.30 24.08 -18.89
CA HIS B 461 23.56 24.26 -19.59
C HIS B 461 23.73 25.70 -20.03
N SER B 462 22.69 26.31 -20.59
CA SER B 462 22.79 27.70 -21.03
C SER B 462 23.01 28.63 -19.85
N TRP B 463 22.33 28.35 -18.73
CA TRP B 463 22.47 29.19 -17.55
C TRP B 463 23.88 29.10 -16.96
N VAL B 464 24.40 27.88 -16.83
CA VAL B 464 25.77 27.74 -16.33
C VAL B 464 26.75 28.41 -17.28
N GLU B 465 26.54 28.27 -18.59
CA GLU B 465 27.47 28.88 -19.55
C GLU B 465 27.54 30.40 -19.36
N GLN B 466 26.41 31.04 -19.09
CA GLN B 466 26.37 32.47 -18.79
C GLN B 466 27.01 32.81 -17.44
N GLY B 467 27.45 31.84 -16.65
CA GLY B 467 28.07 32.10 -15.37
C GLY B 467 27.43 31.46 -14.14
N GLY B 468 26.42 30.62 -14.35
CA GLY B 468 25.73 30.03 -13.21
C GLY B 468 26.62 29.07 -12.42
N GLN B 469 26.47 29.10 -11.11
CA GLN B 469 27.09 28.14 -10.21
C GLN B 469 26.05 27.08 -9.83
N LEU B 470 26.26 25.85 -10.28
CA LEU B 470 25.29 24.77 -10.10
C LEU B 470 25.87 23.71 -9.16
N LEU B 471 25.13 23.43 -8.07
CA LEU B 471 25.40 22.30 -7.19
C LEU B 471 24.33 21.25 -7.46
N TRP B 472 24.74 20.12 -8.01
CA TRP B 472 23.82 19.11 -8.53
C TRP B 472 23.96 17.87 -7.67
N HIS B 473 23.05 17.71 -6.72
CA HIS B 473 23.01 16.49 -5.93
C HIS B 473 22.26 15.44 -6.74
N ALA B 474 22.94 14.33 -7.05
CA ALA B 474 22.36 13.14 -7.64
C ALA B 474 21.80 13.39 -9.04
N PRO B 475 22.65 13.62 -10.04
CA PRO B 475 22.12 13.71 -11.41
C PRO B 475 21.47 12.39 -11.82
N ASP B 476 20.38 12.51 -12.55
CA ASP B 476 19.46 11.38 -12.72
C ASP B 476 19.94 10.46 -13.85
N PRO B 477 20.32 9.21 -13.53
CA PRO B 477 20.76 8.27 -14.59
C PRO B 477 19.72 8.05 -15.68
N VAL B 478 18.43 8.10 -15.34
CA VAL B 478 17.37 7.93 -16.33
C VAL B 478 17.43 9.05 -17.37
N ASN B 479 18.05 10.16 -17.04
CA ASN B 479 18.20 11.24 -18.00
C ASN B 479 19.65 11.52 -18.31
N TRP B 480 20.52 10.54 -18.07
CA TRP B 480 21.95 10.69 -18.28
C TRP B 480 22.29 10.16 -19.66
N ALA B 481 22.24 11.06 -20.65
CA ALA B 481 22.68 10.74 -22.00
C ALA B 481 23.78 11.73 -22.40
N GLN B 482 23.76 12.27 -23.63
CA GLN B 482 24.87 13.14 -24.02
C GLN B 482 24.75 14.54 -23.43
N ALA B 483 23.53 15.08 -23.35
CA ALA B 483 23.36 16.42 -22.78
C ALA B 483 23.77 16.44 -21.31
N MET B 484 23.33 15.46 -20.51
CA MET B 484 23.77 15.46 -19.11
C MET B 484 25.26 15.23 -19.00
N SER B 485 25.81 14.35 -19.86
CA SER B 485 27.25 14.10 -19.86
C SER B 485 28.02 15.40 -20.11
N ARG B 486 27.60 16.19 -21.10
CA ARG B 486 28.30 17.43 -21.42
C ARG B 486 28.22 18.43 -20.29
N LEU B 487 27.10 18.46 -19.56
CA LEU B 487 26.96 19.43 -18.47
C LEU B 487 27.68 18.96 -17.21
N VAL B 488 27.51 17.70 -16.84
CA VAL B 488 28.21 17.15 -15.68
C VAL B 488 29.70 17.05 -15.97
N GLY B 489 30.08 16.70 -17.20
CA GLY B 489 31.46 16.49 -17.54
C GLY B 489 31.96 15.08 -17.35
N ALA B 490 31.09 14.09 -17.52
CA ALA B 490 31.47 12.69 -17.30
C ALA B 490 30.42 11.80 -17.95
N GLU B 491 30.85 10.57 -18.26
CA GLU B 491 29.99 9.56 -18.85
C GLU B 491 29.84 8.39 -17.90
N ILE B 492 28.73 7.67 -18.01
CA ILE B 492 28.52 6.46 -17.23
C ILE B 492 29.28 5.31 -17.87
N ALA B 493 30.19 4.70 -17.12
CA ALA B 493 30.90 3.52 -17.58
C ALA B 493 30.16 2.23 -17.31
N ASP B 494 29.39 2.19 -16.23
CA ASP B 494 28.71 0.98 -15.76
C ASP B 494 27.88 1.39 -14.55
N TYR B 495 26.89 0.56 -14.23
CA TYR B 495 26.31 0.59 -12.90
C TYR B 495 27.29 -0.05 -11.93
N ARG B 496 27.01 0.10 -10.64
CA ARG B 496 27.78 -0.55 -9.60
C ARG B 496 26.84 -0.78 -8.42
N ALA B 497 27.25 -1.68 -7.53
CA ALA B 497 26.44 -1.99 -6.36
C ALA B 497 26.13 -0.72 -5.60
N ALA B 498 24.86 -0.53 -5.27
CA ALA B 498 24.44 0.66 -4.52
C ALA B 498 24.75 0.58 -3.02
N THR B 499 25.90 0.03 -2.63
CA THR B 499 26.40 0.05 -1.26
C THR B 499 26.85 1.47 -0.85
N PRO B 500 26.96 1.75 0.45
CA PRO B 500 27.23 3.12 0.89
C PRO B 500 28.55 3.67 0.39
N ALA B 501 28.59 4.98 0.24
CA ALA B 501 29.77 5.72 -0.20
C ALA B 501 30.31 6.51 0.99
N ILE B 502 31.52 6.19 1.43
CA ILE B 502 32.17 6.87 2.56
C ILE B 502 33.24 7.82 2.04
N THR B 503 33.22 9.06 2.50
CA THR B 503 34.17 10.05 2.03
C THR B 503 34.52 11.01 3.17
N ALA B 504 35.31 12.03 2.84
CA ALA B 504 35.68 13.05 3.80
C ALA B 504 35.81 14.39 3.09
N THR B 505 35.17 15.40 3.65
CA THR B 505 35.49 16.78 3.34
C THR B 505 36.58 17.28 4.31
N ASP B 506 37.11 18.47 4.03
CA ASP B 506 38.15 19.03 4.89
C ASP B 506 37.64 19.24 6.31
N GLU B 507 36.35 19.04 6.55
CA GLU B 507 35.76 19.28 7.87
C GLU B 507 35.19 18.04 8.53
N GLY B 508 35.19 16.87 7.88
CA GLY B 508 34.78 15.66 8.55
C GLY B 508 34.41 14.52 7.61
N PRO B 509 34.07 13.37 8.18
CA PRO B 509 33.64 12.25 7.35
C PRO B 509 32.17 12.38 6.96
N TYR B 510 31.82 11.69 5.88
CA TYR B 510 30.43 11.59 5.46
C TYR B 510 30.18 10.17 4.98
N GLU B 511 29.00 9.67 5.27
CA GLU B 511 28.57 8.42 4.67
C GLU B 511 27.24 8.66 3.98
N PHE B 512 27.11 8.19 2.74
CA PHE B 512 25.88 8.30 1.99
C PHE B 512 25.37 6.90 1.68
N THR B 513 24.17 6.56 2.18
CA THR B 513 23.58 5.26 1.94
C THR B 513 22.56 5.26 0.82
N CYS B 514 22.14 6.44 0.37
CA CYS B 514 21.03 6.58 -0.55
C CYS B 514 21.52 7.11 -1.90
N PHE B 515 21.00 6.52 -2.97
CA PHE B 515 21.35 6.92 -4.32
C PHE B 515 20.08 7.03 -5.15
N LEU B 516 20.05 7.99 -6.06
CA LEU B 516 18.82 8.32 -6.79
C LEU B 516 18.27 7.08 -7.50
N ARG B 517 17.02 6.75 -7.19
CA ARG B 517 16.34 5.58 -7.75
C ARG B 517 17.04 4.29 -7.31
N GLY B 518 17.72 4.34 -6.17
CA GLY B 518 18.37 3.16 -5.63
C GLY B 518 19.45 2.60 -6.52
N MET B 519 20.00 3.42 -7.42
CA MET B 519 21.02 2.94 -8.36
C MET B 519 22.26 3.79 -8.27
N ARG B 520 23.40 3.14 -8.46
CA ARG B 520 24.70 3.78 -8.37
C ARG B 520 25.45 3.53 -9.66
N VAL B 521 26.14 4.55 -10.15
CA VAL B 521 26.85 4.46 -11.42
C VAL B 521 28.34 4.72 -11.18
N ARG B 522 29.16 3.97 -11.91
CA ARG B 522 30.58 4.25 -12.06
C ARG B 522 30.78 5.19 -13.24
N ILE B 523 31.45 6.31 -13.01
CA ILE B 523 31.60 7.31 -14.06
C ILE B 523 33.03 7.29 -14.58
N GLU B 524 33.22 8.00 -15.68
CA GLU B 524 34.49 8.26 -16.30
C GLU B 524 34.51 9.73 -16.67
N PRO B 525 35.50 10.50 -16.22
CA PRO B 525 35.49 11.95 -16.49
C PRO B 525 35.67 12.25 -17.97
N ARG B 526 35.01 13.33 -18.40
CA ARG B 526 35.10 13.83 -19.75
C ARG B 526 35.03 15.36 -19.65
N GLY B 527 36.06 15.95 -19.05
CA GLY B 527 36.15 17.38 -18.82
C GLY B 527 36.07 17.76 -17.35
N ALA B 528 35.41 16.95 -16.51
CA ALA B 528 35.30 17.33 -15.11
C ALA B 528 36.55 16.90 -14.36
N GLN B 529 36.82 17.59 -13.24
CA GLN B 529 37.84 17.15 -12.31
C GLN B 529 37.18 16.38 -11.16
N ILE B 530 37.97 15.50 -10.56
CA ILE B 530 37.53 14.70 -9.43
C ILE B 530 37.78 15.52 -8.17
N LEU B 531 36.74 16.20 -7.69
CA LEU B 531 36.87 17.02 -6.49
C LEU B 531 37.06 16.17 -5.24
N MET B 532 36.25 15.13 -5.08
CA MET B 532 36.34 14.22 -3.95
C MET B 532 36.14 12.79 -4.41
N THR B 533 36.79 11.85 -3.75
CA THR B 533 36.53 10.44 -3.99
C THR B 533 35.97 9.80 -2.73
N ASP B 534 35.51 8.55 -2.88
CA ASP B 534 35.15 7.77 -1.71
C ASP B 534 36.40 7.06 -1.17
N ASN B 535 36.27 6.49 0.02
CA ASN B 535 37.48 5.96 0.66
C ASN B 535 38.00 4.70 -0.01
N GLU B 536 37.40 4.25 -1.12
CA GLU B 536 37.94 3.16 -1.90
C GLU B 536 38.42 3.61 -3.27
N GLY B 537 38.48 4.93 -3.53
CA GLY B 537 39.12 5.43 -4.71
C GLY B 537 38.22 6.07 -5.75
N SER B 538 37.02 5.54 -5.94
CA SER B 538 36.17 5.97 -7.06
C SER B 538 35.74 7.43 -6.92
N PRO B 539 35.51 8.11 -8.05
CA PRO B 539 34.98 9.48 -7.98
C PRO B 539 33.63 9.53 -7.28
N LEU B 540 33.44 10.57 -6.47
CA LEU B 540 32.18 10.84 -5.78
C LEU B 540 31.66 12.25 -6.05
N VAL B 541 32.52 13.27 -6.02
CA VAL B 541 32.12 14.63 -6.32
C VAL B 541 32.96 15.12 -7.49
N LEU B 542 32.32 15.75 -8.47
CA LEU B 542 33.00 16.26 -9.65
C LEU B 542 32.81 17.76 -9.73
N ARG B 543 33.77 18.42 -10.36
CA ARG B 543 33.68 19.84 -10.65
C ARG B 543 34.06 20.05 -12.12
N HIS B 544 33.28 20.87 -12.80
CA HIS B 544 33.38 20.97 -14.25
C HIS B 544 33.07 22.41 -14.63
N ARG B 545 34.07 23.09 -15.21
CA ARG B 545 33.91 24.44 -15.70
C ARG B 545 33.16 24.41 -17.02
N VAL B 546 32.12 25.23 -17.14
CA VAL B 546 31.33 25.26 -18.37
C VAL B 546 31.06 26.73 -18.71
N GLY B 547 31.61 27.20 -19.83
CA GLY B 547 31.57 28.63 -20.13
C GLY B 547 32.10 29.43 -18.94
N ALA B 548 31.34 30.43 -18.51
CA ALA B 548 31.72 31.24 -17.36
C ALA B 548 31.28 30.62 -16.01
N GLY B 549 30.40 29.62 -16.01
CA GLY B 549 29.91 29.02 -14.80
C GLY B 549 30.61 27.70 -14.46
N CYS B 550 30.00 26.99 -13.51
CA CYS B 550 30.65 25.83 -12.89
C CYS B 550 29.61 24.88 -12.30
N VAL B 551 29.77 23.60 -12.57
CA VAL B 551 28.86 22.56 -12.12
C VAL B 551 29.61 21.67 -11.17
N THR B 552 29.12 21.58 -9.93
CA THR B 552 29.59 20.61 -8.97
C THR B 552 28.54 19.52 -8.85
N SER B 553 28.92 18.28 -9.16
CA SER B 553 28.01 17.15 -9.17
C SER B 553 28.42 16.12 -8.15
N VAL B 554 27.45 15.65 -7.36
CA VAL B 554 27.65 14.65 -6.32
C VAL B 554 26.91 13.37 -6.73
N LEU B 555 27.64 12.26 -6.81
CA LEU B 555 27.10 10.97 -7.27
C LEU B 555 26.52 10.16 -6.11
N ALA B 556 25.60 10.81 -5.40
CA ALA B 556 24.92 10.22 -4.27
C ALA B 556 23.71 11.10 -3.98
N ASP B 557 22.67 10.49 -3.41
CA ASP B 557 21.43 11.20 -3.11
C ASP B 557 21.61 11.85 -1.74
N VAL B 558 22.08 13.10 -1.77
CA VAL B 558 22.53 13.74 -0.53
C VAL B 558 21.37 13.90 0.45
N GLU B 559 20.28 14.55 0.01
CA GLU B 559 19.19 14.83 0.93
C GLU B 559 18.49 13.58 1.41
N ALA B 560 18.40 12.53 0.59
CA ALA B 560 17.79 11.31 1.08
C ALA B 560 18.70 10.60 2.07
N SER B 561 20.02 10.62 1.81
CA SER B 561 20.94 10.02 2.77
C SER B 561 20.83 10.69 4.13
N PHE B 562 20.79 12.02 4.14
CA PHE B 562 20.63 12.71 5.42
C PHE B 562 19.29 12.36 6.06
N LEU B 563 18.21 12.32 5.25
CA LEU B 563 16.91 11.98 5.82
C LEU B 563 16.88 10.56 6.36
N SER B 564 17.62 9.63 5.75
CA SER B 564 17.72 8.27 6.30
C SER B 564 18.41 8.24 7.66
N GLN B 565 19.06 9.31 8.08
CA GLN B 565 19.79 9.38 9.34
C GLN B 565 19.09 10.28 10.33
N TRP B 566 17.81 10.52 10.12
CA TRP B 566 17.02 11.35 11.03
C TRP B 566 17.12 10.98 12.50
N PRO B 567 17.19 9.70 12.91
CA PRO B 567 17.32 9.43 14.35
C PRO B 567 18.56 10.04 14.96
N ASP B 568 19.65 10.14 14.20
CA ASP B 568 20.89 10.71 14.67
C ASP B 568 20.99 12.19 14.39
N ARG B 569 19.85 12.84 14.12
CA ARG B 569 19.85 14.24 13.72
C ARG B 569 20.70 15.11 14.64
N GLN B 570 20.54 14.95 15.94
CA GLN B 570 21.13 15.91 16.87
C GLN B 570 22.65 15.93 16.76
N THR B 571 23.27 14.76 16.62
CA THR B 571 24.73 14.73 16.50
C THR B 571 25.21 14.97 15.09
N GLN B 572 24.35 14.85 14.08
CA GLN B 572 24.76 14.85 12.69
C GLN B 572 24.47 16.15 11.95
N GLU B 573 23.53 16.96 12.45
CA GLU B 573 22.94 18.01 11.63
C GLU B 573 23.96 19.06 11.21
N ALA B 574 24.92 19.34 12.08
CA ALA B 574 25.91 20.36 11.78
C ALA B 574 26.76 19.96 10.58
N SER B 575 27.24 18.70 10.57
CA SER B 575 27.99 18.25 9.40
C SER B 575 27.15 18.35 8.13
N TRP B 576 25.82 18.20 8.26
CA TRP B 576 24.95 18.28 7.07
C TRP B 576 24.94 19.70 6.54
N SER B 577 24.78 20.69 7.42
CA SER B 577 24.92 22.08 6.97
C SER B 577 26.30 22.31 6.36
N ALA B 578 27.34 21.79 7.01
CA ALA B 578 28.71 22.01 6.56
C ALA B 578 28.94 21.37 5.20
N TRP B 579 28.16 20.33 4.86
CA TRP B 579 28.30 19.73 3.54
C TRP B 579 28.00 20.74 2.44
N TYR B 580 26.85 21.44 2.55
CA TYR B 580 26.51 22.44 1.56
C TYR B 580 27.56 23.55 1.49
N ALA B 581 28.00 24.05 2.65
CA ALA B 581 28.95 25.15 2.68
C ALA B 581 30.27 24.76 2.00
N ALA B 582 30.72 23.52 2.21
CA ALA B 582 31.97 23.08 1.60
C ALA B 582 31.89 23.12 0.08
N LEU B 583 30.74 22.73 -0.49
CA LEU B 583 30.62 22.53 -1.93
C LEU B 583 30.08 23.73 -2.68
N LEU B 584 29.54 24.73 -2.01
CA LEU B 584 29.02 25.90 -2.72
C LEU B 584 30.18 26.74 -3.28
N THR B 585 30.07 27.10 -4.55
CA THR B 585 31.12 27.82 -5.27
C THR B 585 30.65 29.21 -5.68
N LYS B 586 31.64 30.09 -5.91
CA LYS B 586 31.46 31.43 -6.47
C LYS B 586 32.47 31.64 -7.60
N ASP B 587 32.34 32.77 -8.30
CA ASP B 587 33.38 33.18 -9.24
C ASP B 587 34.58 33.74 -8.45
N MET C 1 6.18 -17.79 -42.11
CA MET C 1 7.21 -18.81 -41.98
C MET C 1 6.71 -20.02 -41.16
N THR C 2 7.64 -20.80 -40.62
CA THR C 2 7.32 -21.99 -39.84
C THR C 2 8.34 -22.12 -38.71
N ILE C 3 7.93 -22.84 -37.66
CA ILE C 3 8.78 -23.15 -36.51
C ILE C 3 9.01 -24.66 -36.50
N ASP C 4 10.27 -25.09 -36.53
CA ASP C 4 10.58 -26.51 -36.62
C ASP C 4 10.43 -27.20 -35.27
N SER C 5 10.79 -28.48 -35.23
CA SER C 5 10.63 -29.33 -34.05
C SER C 5 11.44 -28.83 -32.87
N SER C 6 12.56 -28.15 -33.11
CA SER C 6 13.44 -27.73 -32.04
C SER C 6 13.23 -26.28 -31.63
N GLY C 7 12.23 -25.61 -32.21
CA GLY C 7 11.88 -24.26 -31.82
C GLY C 7 12.53 -23.14 -32.60
N TYR C 8 13.01 -23.41 -33.83
CA TYR C 8 13.73 -22.42 -34.64
C TYR C 8 12.93 -22.10 -35.90
N PHE C 9 13.10 -20.88 -36.40
CA PHE C 9 12.43 -20.46 -37.61
C PHE C 9 12.92 -21.28 -38.81
N ARG C 10 12.00 -21.54 -39.74
CA ARG C 10 12.31 -22.10 -41.05
C ARG C 10 11.71 -21.19 -42.11
N ASP C 11 12.43 -20.98 -43.22
CA ASP C 11 11.90 -20.18 -44.31
C ASP C 11 11.19 -21.07 -45.34
N ALA C 12 10.64 -20.44 -46.37
CA ALA C 12 9.90 -21.17 -47.40
C ALA C 12 10.73 -22.31 -48.00
N ALA C 13 12.02 -22.08 -48.21
CA ALA C 13 12.95 -23.11 -48.67
C ALA C 13 13.18 -24.23 -47.64
N GLY C 14 12.55 -24.15 -46.48
CA GLY C 14 12.79 -25.17 -45.48
C GLY C 14 14.16 -25.11 -44.87
N ALA C 15 14.86 -23.99 -45.04
CA ALA C 15 16.14 -23.78 -44.37
C ALA C 15 15.92 -23.18 -42.99
N ARG C 16 16.80 -23.52 -42.06
CA ARG C 16 16.81 -22.85 -40.76
C ARG C 16 17.21 -21.39 -40.91
N PHE C 17 16.53 -20.53 -40.17
CA PHE C 17 16.70 -19.09 -40.22
C PHE C 17 16.82 -18.59 -38.78
N ILE C 18 17.92 -17.92 -38.46
CA ILE C 18 18.09 -17.37 -37.12
C ILE C 18 18.03 -15.85 -37.23
N PRO C 19 16.92 -15.24 -36.81
CA PRO C 19 16.79 -13.79 -36.96
C PRO C 19 17.86 -13.05 -36.17
N VAL C 20 18.51 -12.10 -36.85
CA VAL C 20 19.51 -11.26 -36.21
C VAL C 20 19.33 -9.86 -36.77
N GLY C 21 19.29 -8.87 -35.90
CA GLY C 21 19.00 -7.52 -36.36
C GLY C 21 18.68 -6.61 -35.20
N ALA C 22 17.84 -5.63 -35.50
CA ALA C 22 17.61 -4.56 -34.55
C ALA C 22 16.16 -4.08 -34.62
N ASN C 23 15.71 -3.56 -33.49
CA ASN C 23 14.51 -2.74 -33.40
C ASN C 23 14.81 -1.37 -33.97
N TYR C 24 13.81 -0.72 -34.56
CA TYR C 24 14.16 0.47 -35.33
C TYR C 24 13.18 1.62 -35.18
N TRP C 25 13.72 2.79 -34.88
CA TRP C 25 13.15 4.10 -35.16
C TRP C 25 14.27 4.93 -35.77
N PRO C 26 13.94 5.90 -36.63
CA PRO C 26 14.98 6.77 -37.17
C PRO C 26 15.50 7.76 -36.14
N ALA C 27 16.78 8.09 -36.28
CA ALA C 27 17.47 9.02 -35.39
C ALA C 27 16.78 10.37 -35.33
N SER C 28 16.40 10.92 -36.49
CA SER C 28 15.95 12.32 -36.54
C SER C 28 14.59 12.52 -35.90
N CYS C 29 13.75 11.48 -35.87
CA CYS C 29 12.38 11.68 -35.42
C CYS C 29 11.89 10.64 -34.42
N GLY C 30 12.63 9.56 -34.17
CA GLY C 30 12.19 8.55 -33.22
C GLY C 30 10.80 8.03 -33.53
N VAL C 31 9.95 8.01 -32.50
CA VAL C 31 8.62 7.44 -32.57
C VAL C 31 7.70 8.19 -33.52
N GLU C 32 8.11 9.37 -33.99
CA GLU C 32 7.31 10.14 -34.94
C GLU C 32 7.55 9.73 -36.39
N MET C 33 8.21 8.58 -36.63
CA MET C 33 8.66 8.21 -37.97
C MET C 33 7.55 8.25 -39.02
N TRP C 34 6.35 7.73 -38.68
CA TRP C 34 5.29 7.70 -39.69
C TRP C 34 4.77 9.08 -40.04
N GLN C 35 4.91 10.06 -39.14
CA GLN C 35 4.51 11.42 -39.46
C GLN C 35 5.62 12.14 -40.22
N ALA C 36 6.84 12.09 -39.69
CA ALA C 36 7.96 12.81 -40.31
C ALA C 36 8.42 12.16 -41.61
N TRP C 37 8.28 10.83 -41.71
CA TRP C 37 8.75 9.99 -42.80
C TRP C 37 10.02 10.48 -43.51
N PRO C 38 11.18 10.41 -42.87
CA PRO C 38 12.45 10.70 -43.60
C PRO C 38 12.91 9.48 -44.40
N GLU C 39 12.35 9.35 -45.61
CA GLU C 39 12.51 8.10 -46.37
C GLU C 39 13.97 7.81 -46.70
N ASP C 40 14.74 8.81 -47.15
CA ASP C 40 16.15 8.62 -47.42
C ASP C 40 16.90 8.12 -46.19
N GLU C 41 16.69 8.77 -45.03
CA GLU C 41 17.33 8.30 -43.80
C GLU C 41 16.90 6.86 -43.48
N ILE C 42 15.61 6.58 -43.59
CA ILE C 42 15.12 5.23 -43.27
C ILE C 42 15.80 4.19 -44.16
N PHE C 43 15.77 4.42 -45.49
CA PHE C 43 16.31 3.42 -46.41
C PHE C 43 17.80 3.27 -46.21
N SER C 44 18.48 4.36 -45.91
CA SER C 44 19.91 4.26 -45.65
C SER C 44 20.19 3.51 -44.34
N ASP C 45 19.33 3.68 -43.33
CA ASP C 45 19.45 2.81 -42.14
C ASP C 45 19.22 1.34 -42.51
N LEU C 46 18.24 1.06 -43.39
CA LEU C 46 18.04 -0.32 -43.81
C LEU C 46 19.28 -0.88 -44.51
N ASP C 47 19.94 -0.05 -45.32
CA ASP C 47 21.21 -0.41 -45.97
C ASP C 47 22.24 -0.85 -44.95
N LEU C 48 22.46 -0.01 -43.93
CA LEU C 48 23.49 -0.32 -42.96
C LEU C 48 23.18 -1.62 -42.21
N MET C 49 21.91 -1.84 -41.89
CA MET C 49 21.55 -3.12 -41.26
C MET C 49 21.96 -4.29 -42.14
N ALA C 50 21.70 -4.20 -43.47
CA ALA C 50 22.05 -5.31 -44.35
C ALA C 50 23.56 -5.47 -44.45
N SER C 51 24.29 -4.36 -44.51
CA SER C 51 25.73 -4.45 -44.63
C SER C 51 26.35 -5.11 -43.40
N LEU C 52 25.72 -4.97 -42.24
CA LEU C 52 26.21 -5.61 -41.02
C LEU C 52 25.89 -7.10 -40.96
N GLY C 53 25.11 -7.63 -41.89
CA GLY C 53 24.75 -9.04 -41.87
C GLY C 53 23.41 -9.35 -41.23
N PHE C 54 22.58 -8.35 -41.02
CA PHE C 54 21.30 -8.58 -40.36
C PHE C 54 20.31 -9.11 -41.38
N ASN C 55 19.31 -9.85 -40.91
CA ASN C 55 18.32 -10.41 -41.81
C ASN C 55 16.90 -10.08 -41.39
N THR C 56 16.73 -9.35 -40.29
CA THR C 56 15.43 -9.01 -39.73
C THR C 56 15.47 -7.58 -39.23
N VAL C 57 14.37 -6.87 -39.39
CA VAL C 57 14.21 -5.58 -38.73
C VAL C 57 12.85 -5.56 -38.06
N ARG C 58 12.82 -5.19 -36.79
CA ARG C 58 11.56 -5.03 -36.06
C ARG C 58 11.22 -3.55 -36.05
N PHE C 59 10.02 -3.21 -36.51
CA PHE C 59 9.58 -1.82 -36.45
C PHE C 59 8.12 -1.82 -36.01
N PHE C 60 7.57 -0.63 -35.78
CA PHE C 60 6.33 -0.51 -35.04
C PHE C 60 5.29 0.28 -35.83
N VAL C 61 4.15 -0.35 -36.05
CA VAL C 61 3.00 0.30 -36.67
C VAL C 61 2.26 1.05 -35.58
N ARG C 62 2.43 2.36 -35.52
CA ARG C 62 1.92 3.12 -34.39
C ARG C 62 0.45 3.44 -34.63
N TRP C 63 -0.43 2.72 -33.93
CA TRP C 63 -1.89 2.80 -34.14
C TRP C 63 -2.43 4.20 -34.32
N PRO C 64 -2.15 5.19 -33.45
CA PRO C 64 -2.72 6.53 -33.67
C PRO C 64 -2.37 7.12 -35.04
N ASP C 65 -1.20 6.81 -35.59
CA ASP C 65 -0.89 7.32 -36.92
C ASP C 65 -1.80 6.68 -37.97
N PHE C 66 -2.08 5.40 -37.83
CA PHE C 66 -2.78 4.69 -38.87
C PHE C 66 -4.29 4.83 -38.77
N GLU C 67 -4.85 4.99 -37.57
CA GLU C 67 -6.30 5.12 -37.41
C GLU C 67 -6.62 6.37 -36.61
N PRO C 68 -6.43 7.56 -37.22
CA PRO C 68 -6.65 8.79 -36.44
C PRO C 68 -8.11 9.06 -36.11
N ARG C 69 -9.05 8.41 -36.78
CA ARG C 69 -10.46 8.47 -36.43
C ARG C 69 -11.02 7.07 -36.54
N PRO C 70 -12.09 6.77 -35.81
CA PRO C 70 -12.59 5.40 -35.76
C PRO C 70 -13.00 4.91 -37.15
N GLY C 71 -12.48 3.73 -37.52
CA GLY C 71 -12.77 3.12 -38.80
C GLY C 71 -12.24 3.85 -40.01
N GLU C 72 -11.45 4.91 -39.83
CA GLU C 72 -10.91 5.69 -40.94
C GLU C 72 -9.40 5.56 -40.91
N TYR C 73 -8.87 4.76 -41.82
CA TYR C 73 -7.44 4.54 -41.90
C TYR C 73 -6.79 5.54 -42.85
N ASP C 74 -5.57 5.96 -42.51
CA ASP C 74 -4.87 7.05 -43.18
C ASP C 74 -4.05 6.47 -44.33
N ALA C 75 -4.52 6.67 -45.57
CA ALA C 75 -3.90 6.04 -46.73
C ALA C 75 -2.43 6.46 -46.89
N THR C 76 -2.10 7.69 -46.52
CA THR C 76 -0.69 8.09 -46.58
C THR C 76 0.19 7.17 -45.72
N MET C 77 -0.27 6.84 -44.51
CA MET C 77 0.51 5.96 -43.63
C MET C 77 0.62 4.56 -44.23
N LEU C 78 -0.47 4.04 -44.77
CA LEU C 78 -0.46 2.74 -45.43
C LEU C 78 0.48 2.72 -46.65
N SER C 79 0.50 3.79 -47.46
CA SER C 79 1.49 3.90 -48.53
C SER C 79 2.90 3.79 -47.96
N ARG C 80 3.15 4.51 -46.87
CA ARG C 80 4.49 4.51 -46.32
C ARG C 80 4.88 3.12 -45.85
N LEU C 81 3.92 2.39 -45.25
CA LEU C 81 4.17 1.03 -44.82
C LEU C 81 4.57 0.17 -46.02
N LEU C 82 3.85 0.32 -47.13
CA LEU C 82 4.16 -0.45 -48.33
C LEU C 82 5.56 -0.18 -48.83
N ARG C 83 5.91 1.11 -48.97
CA ARG C 83 7.28 1.49 -49.32
C ARG C 83 8.31 0.85 -48.40
N LEU C 84 8.04 0.88 -47.09
CA LEU C 84 8.98 0.30 -46.14
C LEU C 84 9.14 -1.19 -46.38
N LEU C 85 8.02 -1.91 -46.43
CA LEU C 85 8.05 -3.35 -46.69
C LEU C 85 8.77 -3.65 -48.01
N ASP C 86 8.47 -2.87 -49.06
CA ASP C 86 9.20 -3.01 -50.32
C ASP C 86 10.70 -2.79 -50.13
N ALA C 87 11.06 -1.72 -49.42
CA ALA C 87 12.48 -1.40 -49.25
C ALA C 87 13.21 -2.52 -48.50
N CYS C 88 12.53 -3.17 -47.53
CA CYS C 88 13.16 -4.28 -46.80
C CYS C 88 13.42 -5.48 -47.68
N GLY C 89 12.42 -5.91 -48.45
CA GLY C 89 12.65 -7.00 -49.38
C GLY C 89 13.75 -6.72 -50.38
N GLU C 90 13.74 -5.52 -50.96
CA GLU C 90 14.79 -5.18 -51.92
C GLU C 90 16.18 -5.23 -51.30
N ARG C 91 16.27 -5.19 -49.96
CA ARG C 91 17.55 -5.10 -49.27
C ARG C 91 17.91 -6.33 -48.48
N GLY C 92 17.08 -7.37 -48.50
CA GLY C 92 17.43 -8.60 -47.84
C GLY C 92 17.01 -8.71 -46.39
N LEU C 93 16.05 -7.89 -45.94
CA LEU C 93 15.67 -7.81 -44.53
C LEU C 93 14.22 -8.22 -44.37
N ARG C 94 14.00 -9.26 -43.58
CA ARG C 94 12.64 -9.70 -43.24
C ARG C 94 12.02 -8.74 -42.23
N PRO C 95 10.94 -8.05 -42.56
CA PRO C 95 10.31 -7.16 -41.58
C PRO C 95 9.56 -7.95 -40.52
N GLN C 96 9.71 -7.53 -39.25
CA GLN C 96 8.87 -8.02 -38.16
C GLN C 96 8.01 -6.86 -37.69
N PRO C 97 6.83 -6.65 -38.26
CA PRO C 97 6.03 -5.49 -37.88
C PRO C 97 5.23 -5.75 -36.62
N SER C 98 5.15 -4.73 -35.78
CA SER C 98 4.51 -4.85 -34.48
C SER C 98 3.27 -3.97 -34.45
N LEU C 99 2.11 -4.55 -34.14
CA LEU C 99 0.83 -3.91 -34.43
C LEU C 99 0.32 -2.97 -33.34
N PHE C 100 0.11 -3.48 -32.13
CA PHE C 100 -0.53 -2.68 -31.06
C PHE C 100 0.52 -1.89 -30.30
N VAL C 101 0.81 -0.68 -30.81
CA VAL C 101 1.82 0.22 -30.27
C VAL C 101 1.18 1.60 -30.30
N GLY C 102 0.89 2.17 -29.14
CA GLY C 102 1.01 1.47 -27.87
C GLY C 102 2.19 1.91 -27.02
N TRP C 103 2.73 0.94 -26.28
CA TRP C 103 3.80 1.18 -25.33
C TRP C 103 5.14 1.38 -26.05
N MET C 104 5.79 2.53 -25.83
CA MET C 104 7.04 2.77 -26.53
C MET C 104 7.94 3.72 -25.73
N SER C 105 9.01 3.19 -25.19
CA SER C 105 10.14 4.00 -24.73
C SER C 105 9.74 4.98 -23.62
N GLY C 106 8.83 4.56 -22.75
CA GLY C 106 8.37 5.44 -21.69
C GLY C 106 7.16 6.29 -22.05
N GLY C 107 6.67 6.21 -23.28
CA GLY C 107 5.40 6.81 -23.64
C GLY C 107 4.37 5.74 -23.99
N ILE C 108 3.11 6.16 -24.04
CA ILE C 108 2.03 5.32 -24.51
C ILE C 108 1.27 6.09 -25.60
N PHE C 109 1.12 5.48 -26.77
CA PHE C 109 0.59 6.16 -27.95
C PHE C 109 -0.62 5.42 -28.49
N TRP C 110 -1.81 5.89 -28.14
CA TRP C 110 -3.07 5.33 -28.60
C TRP C 110 -3.80 6.34 -29.49
N PRO C 111 -4.74 5.88 -30.31
CA PRO C 111 -5.56 6.82 -31.08
C PRO C 111 -6.27 7.79 -30.16
N PRO C 112 -6.55 9.01 -30.63
CA PRO C 112 -7.19 10.00 -29.74
C PRO C 112 -8.62 9.68 -29.40
N TRP C 113 -9.25 8.70 -30.07
CA TRP C 113 -10.60 8.29 -29.74
C TRP C 113 -10.68 7.23 -28.66
N LYS C 114 -9.54 6.74 -28.16
CA LYS C 114 -9.52 5.80 -27.04
C LYS C 114 -9.38 6.61 -25.76
N SER C 115 -10.45 6.73 -24.99
CA SER C 115 -10.39 7.52 -23.78
C SER C 115 -9.58 6.81 -22.69
N ASP C 116 -9.09 7.61 -21.75
CA ASP C 116 -8.37 7.05 -20.61
C ASP C 116 -9.24 6.09 -19.81
N THR C 117 -10.56 6.26 -19.87
CA THR C 117 -11.48 5.36 -19.20
C THR C 117 -11.78 4.10 -19.99
N GLN C 118 -11.16 3.91 -21.18
CA GLN C 118 -11.41 2.75 -22.03
C GLN C 118 -10.20 1.82 -21.96
N ASN C 119 -10.33 0.77 -21.16
CA ASN C 119 -9.27 -0.22 -21.06
C ASN C 119 -9.05 -0.92 -22.41
N LEU C 120 -7.78 -1.10 -22.79
CA LEU C 120 -7.48 -1.65 -24.11
C LEU C 120 -7.99 -3.07 -24.27
N PHE C 121 -7.97 -3.86 -23.19
CA PHE C 121 -8.33 -5.27 -23.27
C PHE C 121 -9.81 -5.50 -23.03
N SER C 122 -10.44 -4.74 -22.13
CA SER C 122 -11.78 -5.09 -21.70
C SER C 122 -12.87 -4.21 -22.32
N ASP C 123 -12.55 -3.02 -22.80
CA ASP C 123 -13.59 -2.14 -23.31
C ASP C 123 -14.20 -2.75 -24.56
N PRO C 124 -15.53 -2.92 -24.60
CA PRO C 124 -16.13 -3.54 -25.80
C PRO C 124 -15.77 -2.82 -27.10
N VAL C 125 -15.93 -1.49 -27.14
CA VAL C 125 -15.60 -0.76 -28.36
C VAL C 125 -14.14 -0.96 -28.75
N MET C 126 -13.22 -0.88 -27.76
CA MET C 126 -11.80 -1.02 -28.07
C MET C 126 -11.49 -2.39 -28.66
N ILE C 127 -12.09 -3.44 -28.09
CA ILE C 127 -11.91 -4.79 -28.61
C ILE C 127 -12.31 -4.88 -30.07
N GLU C 128 -13.43 -4.25 -30.44
CA GLU C 128 -13.88 -4.36 -31.83
C GLU C 128 -13.00 -3.54 -32.76
N ARG C 129 -12.65 -2.30 -32.37
CA ARG C 129 -11.76 -1.52 -33.21
C ARG C 129 -10.37 -2.16 -33.28
N GLY C 130 -9.92 -2.77 -32.17
CA GLY C 130 -8.67 -3.51 -32.20
C GLY C 130 -8.68 -4.66 -33.20
N ALA C 131 -9.74 -5.46 -33.20
CA ALA C 131 -9.84 -6.56 -34.15
C ALA C 131 -9.85 -6.02 -35.58
N ALA C 132 -10.61 -4.95 -35.80
CA ALA C 132 -10.68 -4.34 -37.14
C ALA C 132 -9.34 -3.73 -37.55
N TYR C 133 -8.65 -3.05 -36.63
CA TYR C 133 -7.33 -2.51 -36.95
C TYR C 133 -6.34 -3.64 -37.25
N ALA C 134 -6.39 -4.73 -36.49
CA ALA C 134 -5.46 -5.83 -36.73
C ALA C 134 -5.68 -6.47 -38.09
N ARG C 135 -6.95 -6.69 -38.46
CA ARG C 135 -7.28 -7.20 -39.79
C ARG C 135 -6.75 -6.27 -40.89
N THR C 136 -7.04 -4.97 -40.76
CA THR C 136 -6.61 -4.01 -41.78
C THR C 136 -5.11 -4.09 -42.01
N ILE C 137 -4.32 -4.03 -40.93
CA ILE C 137 -2.87 -4.06 -41.12
C ILE C 137 -2.44 -5.39 -41.72
N THR C 138 -3.03 -6.50 -41.26
CA THR C 138 -2.63 -7.79 -41.81
C THR C 138 -2.97 -7.86 -43.30
N THR C 139 -4.06 -7.23 -43.72
CA THR C 139 -4.38 -7.13 -45.15
C THR C 139 -3.25 -6.47 -45.91
N HIS C 140 -2.69 -5.39 -45.36
CA HIS C 140 -1.60 -4.72 -46.05
C HIS C 140 -0.28 -5.44 -45.89
N LEU C 141 -0.20 -6.44 -45.00
CA LEU C 141 1.00 -7.25 -44.90
C LEU C 141 0.94 -8.47 -45.81
N LYS C 142 -0.26 -8.90 -46.18
CA LYS C 142 -0.43 -10.15 -46.92
C LYS C 142 0.44 -10.23 -48.17
N PRO C 143 0.53 -9.19 -49.01
CA PRO C 143 1.45 -9.22 -50.17
C PRO C 143 2.89 -9.65 -49.84
N PHE C 144 3.30 -9.55 -48.58
CA PHE C 144 4.68 -9.85 -48.21
C PHE C 144 4.81 -11.10 -47.34
N ALA C 145 3.73 -11.90 -47.24
CA ALA C 145 3.64 -12.93 -46.21
C ALA C 145 4.86 -13.84 -46.18
N THR C 146 5.41 -14.18 -47.35
CA THR C 146 6.55 -15.07 -47.42
C THR C 146 7.85 -14.38 -47.04
N HIS C 147 7.85 -13.06 -46.87
CA HIS C 147 9.08 -12.35 -46.48
C HIS C 147 9.06 -11.81 -45.05
N LEU C 148 7.96 -11.95 -44.32
CA LEU C 148 7.93 -11.50 -42.93
C LEU C 148 8.76 -12.41 -42.05
N CYS C 149 9.27 -11.84 -40.96
CA CYS C 149 9.78 -12.65 -39.85
C CYS C 149 8.74 -12.70 -38.75
N GLY C 150 7.58 -13.26 -39.09
CA GLY C 150 6.46 -13.25 -38.18
C GLY C 150 5.82 -11.88 -38.07
N ILE C 151 4.66 -11.85 -37.42
CA ILE C 151 3.94 -10.62 -37.10
C ILE C 151 3.96 -10.50 -35.58
N ASP C 152 4.42 -9.34 -35.08
CA ASP C 152 4.50 -9.07 -33.64
C ASP C 152 3.18 -8.43 -33.18
N LEU C 153 2.48 -9.08 -32.24
CA LEU C 153 1.18 -8.59 -31.81
C LEU C 153 1.24 -7.14 -31.35
N GLY C 154 2.30 -6.76 -30.65
CA GLY C 154 2.42 -5.43 -30.09
C GLY C 154 3.66 -5.38 -29.22
N ASN C 155 4.04 -4.19 -28.83
CA ASN C 155 5.25 -4.03 -28.02
C ASN C 155 4.90 -4.00 -26.54
N GLU C 156 5.34 -5.03 -25.81
CA GLU C 156 5.25 -5.08 -24.34
C GLU C 156 3.85 -4.72 -23.84
N LEU C 157 2.84 -5.40 -24.42
CA LEU C 157 1.47 -5.25 -23.96
C LEU C 157 1.36 -5.56 -22.47
N ASP C 158 2.19 -6.49 -21.97
CA ASP C 158 2.17 -6.82 -20.54
C ASP C 158 2.62 -5.67 -19.65
N ALA C 159 3.28 -4.66 -20.22
CA ALA C 159 3.71 -3.53 -19.42
C ALA C 159 2.67 -2.44 -19.31
N LEU C 160 1.58 -2.53 -20.08
CA LEU C 160 0.55 -1.49 -20.05
C LEU C 160 -0.10 -1.41 -18.66
N PRO C 161 -0.55 -0.22 -18.25
CA PRO C 161 -1.38 -0.13 -17.04
C PRO C 161 -2.70 -0.85 -17.21
N ASP C 162 -3.20 -0.95 -18.45
CA ASP C 162 -4.45 -1.66 -18.70
C ASP C 162 -4.41 -3.09 -18.18
N CYS C 163 -3.21 -3.67 -18.09
CA CYS C 163 -3.04 -5.02 -17.54
C CYS C 163 -3.54 -5.12 -16.11
N SER C 164 -3.43 -4.03 -15.36
CA SER C 164 -3.80 -4.05 -13.96
C SER C 164 -5.30 -3.92 -13.78
N ALA C 165 -5.98 -3.21 -14.67
CA ALA C 165 -7.41 -2.99 -14.53
C ALA C 165 -8.25 -4.05 -15.23
N ALA C 166 -7.65 -4.88 -16.08
CA ALA C 166 -8.36 -5.98 -16.74
C ALA C 166 -7.98 -7.30 -16.10
N THR C 167 -8.94 -8.22 -16.05
CA THR C 167 -8.68 -9.52 -15.47
C THR C 167 -7.83 -10.36 -16.41
N PRO C 168 -7.13 -11.36 -15.87
CA PRO C 168 -6.44 -12.33 -16.73
C PRO C 168 -7.34 -12.96 -17.77
N ALA C 169 -8.59 -13.26 -17.41
CA ALA C 169 -9.51 -13.82 -18.41
C ALA C 169 -9.76 -12.82 -19.54
N GLN C 170 -9.96 -11.55 -19.19
CA GLN C 170 -10.15 -10.53 -20.24
C GLN C 170 -8.90 -10.34 -21.09
N VAL C 171 -7.71 -10.46 -20.51
CA VAL C 171 -6.49 -10.38 -21.32
C VAL C 171 -6.40 -11.58 -22.24
N HIS C 172 -6.72 -12.77 -21.71
CA HIS C 172 -6.69 -13.99 -22.51
C HIS C 172 -7.61 -13.86 -23.72
N GLU C 173 -8.83 -13.38 -23.48
CA GLU C 173 -9.80 -13.22 -24.56
C GLU C 173 -9.32 -12.18 -25.58
N TRP C 174 -8.76 -11.05 -25.12
CA TRP C 174 -8.25 -10.07 -26.08
C TRP C 174 -7.18 -10.69 -26.96
N CYS C 175 -6.31 -11.52 -26.38
CA CYS C 175 -5.25 -12.12 -27.18
C CYS C 175 -5.83 -13.07 -28.22
N ARG C 176 -6.85 -13.85 -27.83
CA ARG C 176 -7.52 -14.74 -28.78
C ARG C 176 -8.18 -13.96 -29.90
N ARG C 177 -8.91 -12.89 -29.58
CA ARG C 177 -9.56 -12.10 -30.62
C ARG C 177 -8.54 -11.51 -31.59
N MET C 178 -7.45 -10.90 -31.09
CA MET C 178 -6.55 -10.20 -32.00
C MET C 178 -5.76 -11.17 -32.87
N THR C 179 -5.31 -12.29 -32.31
CA THR C 179 -4.64 -13.29 -33.12
C THR C 179 -5.62 -13.97 -34.07
N GLY C 180 -6.86 -14.21 -33.62
CA GLY C 180 -7.89 -14.71 -34.53
C GLY C 180 -8.13 -13.75 -35.69
N ALA C 181 -8.09 -12.44 -35.42
CA ALA C 181 -8.34 -11.45 -36.47
C ALA C 181 -7.23 -11.49 -37.51
N ILE C 182 -5.98 -11.50 -37.06
CA ILE C 182 -4.85 -11.66 -37.99
C ILE C 182 -5.03 -12.91 -38.84
N ARG C 183 -5.50 -14.01 -38.22
CA ARG C 183 -5.53 -15.27 -38.96
C ARG C 183 -6.68 -15.33 -39.97
N GLU C 184 -7.69 -14.47 -39.84
CA GLU C 184 -8.67 -14.32 -40.90
C GLU C 184 -8.05 -13.88 -42.20
N VAL C 185 -6.86 -13.27 -42.15
CA VAL C 185 -6.18 -12.78 -43.34
C VAL C 185 -4.98 -13.66 -43.69
N LEU C 186 -4.13 -13.96 -42.71
CA LEU C 186 -2.98 -14.84 -42.91
C LEU C 186 -3.09 -15.97 -41.91
N PRO C 187 -3.91 -16.99 -42.20
CA PRO C 187 -4.12 -18.06 -41.20
C PRO C 187 -2.85 -18.77 -40.79
N GLU C 188 -1.83 -18.80 -41.65
CA GLU C 188 -0.59 -19.51 -41.36
C GLU C 188 0.53 -18.59 -40.82
N ALA C 189 0.22 -17.34 -40.51
CA ALA C 189 1.26 -16.42 -40.04
C ALA C 189 1.87 -16.92 -38.73
N LEU C 190 3.15 -16.63 -38.54
CA LEU C 190 3.83 -16.80 -37.26
C LEU C 190 3.56 -15.54 -36.45
N ILE C 191 2.84 -15.67 -35.34
CA ILE C 191 2.51 -14.52 -34.50
C ILE C 191 3.35 -14.58 -33.22
N LEU C 192 3.86 -13.43 -32.82
CA LEU C 192 4.70 -13.30 -31.63
C LEU C 192 4.00 -12.39 -30.65
N SER C 193 4.26 -12.61 -29.35
CA SER C 193 3.53 -11.83 -28.35
C SER C 193 4.03 -10.40 -28.27
N GLY C 194 5.35 -10.19 -28.29
CA GLY C 194 5.94 -8.89 -28.03
C GLY C 194 6.19 -8.58 -26.55
N CYS C 195 5.95 -9.56 -25.67
CA CYS C 195 6.00 -9.39 -24.22
C CYS C 195 7.44 -9.44 -23.73
N ASP C 196 7.66 -8.87 -22.52
CA ASP C 196 9.01 -8.83 -21.95
C ASP C 196 9.08 -9.75 -20.72
N HIS C 197 10.07 -9.51 -19.84
CA HIS C 197 10.31 -10.41 -18.72
C HIS C 197 9.23 -10.34 -17.65
N GLN C 198 8.31 -9.38 -17.73
CA GLN C 198 7.23 -9.34 -16.75
C GLN C 198 6.31 -10.55 -16.84
N GLN C 199 6.43 -11.35 -17.92
CA GLN C 199 5.77 -12.65 -17.94
C GLN C 199 6.24 -13.51 -16.79
N VAL C 200 7.47 -13.29 -16.33
CA VAL C 200 8.07 -14.12 -15.30
C VAL C 200 7.99 -13.45 -13.93
N ILE C 201 8.21 -12.13 -13.87
CA ILE C 201 8.39 -11.48 -12.57
C ILE C 201 7.12 -10.81 -12.05
N ALA C 202 6.01 -10.89 -12.78
CA ALA C 202 4.78 -10.24 -12.34
C ALA C 202 3.61 -11.02 -12.89
N ASP C 203 2.39 -10.69 -12.43
CA ASP C 203 1.16 -11.26 -13.00
C ASP C 203 0.41 -10.14 -13.71
N THR C 204 0.67 -10.01 -15.02
CA THR C 204 0.03 -9.01 -15.86
C THR C 204 -1.16 -9.57 -16.63
N GLY C 205 -1.42 -10.87 -16.54
CA GLY C 205 -2.33 -11.55 -17.44
C GLY C 205 -1.67 -12.13 -18.67
N TRP C 206 -0.41 -11.76 -18.93
CA TRP C 206 0.38 -12.35 -20.01
C TRP C 206 1.25 -13.41 -19.35
N ARG C 207 0.90 -14.67 -19.56
CA ARG C 207 1.37 -15.72 -18.68
C ARG C 207 2.00 -16.84 -19.47
N LEU C 208 2.94 -17.51 -18.82
CA LEU C 208 3.47 -18.78 -19.28
C LEU C 208 2.72 -19.86 -18.51
N GLY C 209 1.90 -20.63 -19.20
CA GLY C 209 1.40 -21.83 -18.53
C GLY C 209 -0.08 -22.01 -18.35
N GLY C 210 -0.70 -22.66 -19.34
CA GLY C 210 -2.02 -23.24 -19.22
C GLY C 210 -1.97 -24.72 -19.56
N PRO C 223 -9.34 -25.14 -30.65
CA PRO C 223 -8.48 -24.01 -31.07
C PRO C 223 -7.21 -24.47 -31.79
N ARG C 224 -6.58 -23.55 -32.55
CA ARG C 224 -5.34 -23.88 -33.23
C ARG C 224 -4.24 -24.20 -32.20
N MET C 225 -3.42 -25.19 -32.52
CA MET C 225 -2.44 -25.71 -31.57
C MET C 225 -1.27 -24.73 -31.43
N VAL C 226 -1.13 -24.15 -30.23
CA VAL C 226 -0.04 -23.23 -29.92
C VAL C 226 0.78 -23.83 -28.78
N PRO C 227 2.06 -23.48 -28.65
CA PRO C 227 2.87 -24.10 -27.59
C PRO C 227 2.48 -23.66 -26.18
N ASN C 228 1.94 -22.45 -26.00
CA ASN C 228 1.66 -21.87 -24.68
C ASN C 228 0.22 -21.41 -24.64
N PRO C 229 -0.71 -22.28 -24.19
CA PRO C 229 -2.14 -21.99 -24.31
C PRO C 229 -2.60 -20.79 -23.51
N ALA C 230 -1.87 -20.39 -22.48
CA ALA C 230 -2.18 -19.15 -21.77
C ALA C 230 -2.09 -17.92 -22.69
N GLN C 231 -1.36 -18.03 -23.82
CA GLN C 231 -1.28 -16.98 -24.83
C GLN C 231 -1.86 -17.55 -26.13
N PRO C 232 -3.19 -17.53 -26.28
CA PRO C 232 -3.82 -18.25 -27.39
C PRO C 232 -3.53 -17.58 -28.73
N GLY C 233 -3.18 -18.40 -29.72
CA GLY C 233 -2.83 -17.91 -31.05
C GLY C 233 -1.41 -17.41 -31.21
N ILE C 234 -0.60 -17.41 -30.14
CA ILE C 234 0.79 -17.00 -30.23
C ILE C 234 1.64 -18.21 -30.61
N ASP C 235 2.48 -18.04 -31.64
CA ASP C 235 3.37 -19.12 -32.09
C ASP C 235 4.75 -19.05 -31.46
N VAL C 236 5.29 -17.84 -31.27
CA VAL C 236 6.64 -17.64 -30.76
C VAL C 236 6.55 -16.74 -29.54
N LEU C 237 7.05 -17.24 -28.43
CA LEU C 237 7.16 -16.45 -27.22
C LEU C 237 8.30 -15.47 -27.37
N THR C 238 8.21 -14.35 -26.69
CA THR C 238 9.26 -13.35 -26.77
C THR C 238 9.80 -13.03 -25.38
N MET C 239 11.04 -12.53 -25.36
CA MET C 239 11.70 -12.12 -24.14
C MET C 239 12.51 -10.85 -24.41
N HIS C 240 12.42 -9.91 -23.47
CA HIS C 240 13.14 -8.67 -23.51
C HIS C 240 13.97 -8.56 -22.24
N GLY C 241 15.16 -7.99 -22.33
CA GLY C 241 16.00 -7.91 -21.15
C GLY C 241 17.12 -6.90 -21.25
N TYR C 242 17.31 -6.11 -20.20
CA TYR C 242 18.34 -5.09 -20.07
C TYR C 242 19.00 -5.22 -18.71
N PRO C 243 20.26 -4.81 -18.58
CA PRO C 243 20.99 -4.99 -17.31
C PRO C 243 20.64 -4.02 -16.20
N VAL C 244 19.69 -3.09 -16.40
CA VAL C 244 19.39 -2.04 -15.42
C VAL C 244 19.05 -2.66 -14.06
N PRO C 245 19.79 -2.33 -12.99
CA PRO C 245 19.59 -3.01 -11.72
C PRO C 245 18.15 -3.03 -11.23
N ASN C 246 17.42 -1.93 -11.32
CA ASN C 246 16.14 -1.89 -10.65
C ASN C 246 14.96 -2.16 -11.60
N TRP C 247 15.21 -2.81 -12.74
CA TRP C 247 14.16 -3.38 -13.59
C TRP C 247 13.91 -4.86 -13.29
N HIS C 248 14.52 -5.38 -12.25
CA HIS C 248 14.37 -6.78 -11.88
C HIS C 248 14.10 -6.89 -10.39
N PRO C 249 13.48 -7.98 -9.94
CA PRO C 249 13.16 -8.13 -8.52
C PRO C 249 14.35 -8.47 -7.64
N VAL C 250 15.54 -8.60 -8.21
CA VAL C 250 16.80 -8.78 -7.50
C VAL C 250 17.76 -7.74 -8.07
N GLN C 251 18.39 -6.95 -7.20
CA GLN C 251 19.24 -5.83 -7.64
C GLN C 251 20.65 -6.31 -7.93
N GLY C 252 20.97 -6.54 -9.20
CA GLY C 252 22.33 -6.75 -9.60
C GLY C 252 23.13 -5.45 -9.60
N SER C 253 24.40 -5.55 -9.99
CA SER C 253 25.31 -4.42 -9.98
C SER C 253 25.68 -3.87 -11.36
N GLY C 254 25.21 -4.48 -12.45
CA GLY C 254 25.38 -3.91 -13.78
C GLY C 254 26.11 -4.84 -14.71
N LEU C 255 26.84 -4.25 -15.67
CA LEU C 255 27.33 -5.03 -16.80
C LEU C 255 28.33 -6.08 -16.36
N ALA C 256 29.21 -5.74 -15.43
CA ALA C 256 30.26 -6.64 -14.98
C ALA C 256 29.76 -7.72 -14.00
N ASP C 257 28.55 -7.59 -13.47
CA ASP C 257 28.07 -8.45 -12.39
C ASP C 257 27.56 -9.79 -12.93
N PRO C 258 28.12 -10.92 -12.51
CA PRO C 258 27.58 -12.21 -12.98
C PRO C 258 26.10 -12.40 -12.68
N LEU C 259 25.59 -11.80 -11.59
CA LEU C 259 24.16 -11.86 -11.31
C LEU C 259 23.33 -11.19 -12.41
N THR C 260 23.63 -9.91 -12.67
CA THR C 260 22.93 -9.21 -13.74
C THR C 260 23.04 -9.99 -15.05
N ARG C 261 24.24 -10.54 -15.33
CA ARG C 261 24.45 -11.28 -16.57
C ARG C 261 23.65 -12.57 -16.63
N SER C 262 23.27 -13.12 -15.47
CA SER C 262 22.44 -14.32 -15.50
C SER C 262 20.96 -14.02 -15.71
N LEU C 263 20.53 -12.75 -15.63
CA LEU C 263 19.10 -12.45 -15.65
C LEU C 263 18.48 -12.87 -16.98
N LEU C 264 19.06 -12.41 -18.09
CA LEU C 264 18.45 -12.69 -19.39
C LEU C 264 18.47 -14.17 -19.74
N PRO C 265 19.57 -14.92 -19.55
CA PRO C 265 19.49 -16.37 -19.80
C PRO C 265 18.45 -17.04 -18.91
N PHE C 266 18.27 -16.53 -17.69
CA PHE C 266 17.26 -17.11 -16.81
C PHE C 266 15.87 -16.95 -17.40
N TYR C 267 15.51 -15.72 -17.78
CA TYR C 267 14.21 -15.47 -18.38
C TYR C 267 14.00 -16.30 -19.63
N VAL C 268 15.05 -16.46 -20.45
CA VAL C 268 14.91 -17.25 -21.66
C VAL C 268 14.62 -18.72 -21.32
N LYS C 269 15.35 -19.28 -20.34
CA LYS C 269 15.10 -20.66 -19.92
C LYS C 269 13.66 -20.85 -19.47
N CYS C 270 13.14 -19.88 -18.73
CA CYS C 270 11.79 -19.98 -18.22
C CYS C 270 10.80 -20.02 -19.39
N ALA C 271 10.91 -19.06 -20.30
CA ALA C 271 10.04 -19.03 -21.47
C ALA C 271 10.26 -20.25 -22.35
N ARG C 272 11.50 -20.74 -22.45
CA ARG C 272 11.77 -21.87 -23.32
C ARG C 272 11.09 -23.14 -22.85
N ALA C 273 10.77 -23.24 -21.55
CA ALA C 273 10.06 -24.41 -21.04
C ALA C 273 8.61 -24.46 -21.51
N PHE C 274 8.05 -23.33 -21.95
CA PHE C 274 6.68 -23.28 -22.46
C PHE C 274 6.57 -23.16 -23.97
N GLY C 275 7.68 -22.91 -24.68
CA GLY C 275 7.62 -22.83 -26.12
C GLY C 275 8.84 -22.16 -26.72
N PRO C 276 8.84 -22.00 -28.04
CA PRO C 276 9.96 -21.30 -28.68
C PRO C 276 10.01 -19.84 -28.26
N VAL C 277 11.24 -19.30 -28.17
CA VAL C 277 11.50 -17.98 -27.59
C VAL C 277 12.41 -17.19 -28.52
N LEU C 278 11.94 -16.03 -28.96
CA LEU C 278 12.78 -15.06 -29.64
C LEU C 278 13.30 -14.05 -28.62
N LEU C 279 14.61 -13.76 -28.68
CA LEU C 279 15.16 -12.64 -27.90
C LEU C 279 14.89 -11.38 -28.72
N GLN C 280 13.67 -10.89 -28.58
CA GLN C 280 13.14 -9.84 -29.43
C GLN C 280 13.69 -8.46 -29.08
N GLU C 281 14.14 -8.27 -27.84
CA GLU C 281 14.79 -7.04 -27.42
C GLU C 281 15.86 -7.44 -26.42
N PHE C 282 17.09 -6.99 -26.66
CA PHE C 282 18.12 -6.97 -25.65
C PHE C 282 18.99 -5.75 -25.95
N GLY C 283 19.56 -5.17 -24.89
CA GLY C 283 20.42 -4.02 -25.05
C GLY C 283 21.28 -3.81 -23.83
N THR C 284 22.23 -2.89 -23.94
CA THR C 284 23.06 -2.57 -22.78
C THR C 284 22.62 -1.30 -22.05
N ILE C 285 21.80 -0.45 -22.68
CA ILE C 285 21.31 0.82 -22.13
C ILE C 285 22.46 1.83 -22.02
N LEU C 286 23.56 1.41 -21.41
CA LEU C 286 24.80 2.18 -21.40
C LEU C 286 25.56 1.88 -22.69
N THR C 287 25.69 2.86 -23.57
CA THR C 287 26.40 2.68 -24.83
C THR C 287 27.49 3.72 -25.07
N SER C 288 27.81 4.55 -24.08
CA SER C 288 28.87 5.52 -24.26
C SER C 288 30.22 4.82 -24.44
N ARG C 289 31.20 5.60 -24.89
CA ARG C 289 32.56 5.07 -25.05
C ARG C 289 33.16 4.68 -23.70
N ALA C 290 32.84 5.41 -22.63
CA ALA C 290 33.27 4.99 -21.30
C ALA C 290 32.74 3.61 -20.93
N ALA C 291 31.55 3.24 -21.43
CA ALA C 291 31.00 1.93 -21.07
C ALA C 291 31.61 0.77 -21.86
N ALA C 292 32.39 1.08 -22.90
CA ALA C 292 32.74 0.08 -23.91
C ALA C 292 33.42 -1.19 -23.40
N PRO C 293 34.36 -1.15 -22.46
CA PRO C 293 34.95 -2.44 -21.98
C PRO C 293 33.93 -3.31 -21.29
N HIS C 294 32.93 -2.70 -20.67
CA HIS C 294 31.91 -3.40 -19.93
C HIS C 294 30.79 -3.90 -20.83
N THR C 295 30.31 -3.08 -21.76
CA THR C 295 29.34 -3.61 -22.74
C THR C 295 29.91 -4.79 -23.50
N ASP C 296 31.20 -4.74 -23.85
CA ASP C 296 31.78 -5.83 -24.64
C ASP C 296 31.79 -7.14 -23.84
N ALA C 297 32.21 -7.06 -22.57
CA ALA C 297 32.26 -8.25 -21.74
C ALA C 297 30.85 -8.78 -21.43
N TYR C 298 29.89 -7.88 -21.23
CA TYR C 298 28.53 -8.31 -20.91
C TYR C 298 27.91 -9.06 -22.09
N LEU C 299 28.02 -8.49 -23.30
CA LEU C 299 27.49 -9.14 -24.48
C LEU C 299 28.19 -10.47 -24.78
N ARG C 300 29.48 -10.57 -24.47
CA ARG C 300 30.19 -11.83 -24.63
C ARG C 300 29.70 -12.89 -23.65
N ALA C 301 29.16 -12.49 -22.50
CA ALA C 301 28.58 -13.49 -21.60
C ALA C 301 27.15 -13.84 -21.99
N ILE C 302 26.31 -12.84 -22.24
CA ILE C 302 24.86 -13.14 -22.29
C ILE C 302 24.45 -13.72 -23.65
N LEU C 303 25.07 -13.30 -24.75
CA LEU C 303 24.65 -13.86 -26.05
C LEU C 303 24.91 -15.36 -26.15
N PRO C 304 26.12 -15.88 -25.85
CA PRO C 304 26.25 -17.34 -25.78
C PRO C 304 25.33 -17.99 -24.75
N ALA C 305 25.19 -17.39 -23.57
CA ALA C 305 24.33 -17.99 -22.56
C ALA C 305 22.89 -18.00 -23.02
N CYS C 306 22.45 -16.94 -23.69
CA CYS C 306 21.07 -16.92 -24.18
C CYS C 306 20.89 -17.96 -25.28
N ARG C 307 21.94 -18.19 -26.08
CA ARG C 307 21.89 -19.25 -27.08
C ARG C 307 21.69 -20.61 -26.43
N GLU C 308 22.48 -20.89 -25.37
CA GLU C 308 22.37 -22.18 -24.71
C GLU C 308 21.08 -22.33 -23.92
N ALA C 309 20.46 -21.20 -23.51
CA ALA C 309 19.12 -21.26 -22.93
C ALA C 309 18.03 -21.51 -23.99
N GLY C 310 18.34 -21.33 -25.27
CA GLY C 310 17.42 -21.72 -26.32
C GLY C 310 16.75 -20.60 -27.10
N ALA C 311 17.24 -19.37 -26.98
CA ALA C 311 16.80 -18.31 -27.87
C ALA C 311 16.96 -18.72 -29.33
N ASN C 312 15.98 -18.38 -30.16
CA ASN C 312 16.04 -18.71 -31.58
C ASN C 312 16.34 -17.49 -32.46
N GLY C 313 16.66 -16.35 -31.86
CA GLY C 313 16.93 -15.14 -32.62
C GLY C 313 17.28 -14.02 -31.65
N TYR C 314 17.82 -12.93 -32.20
CA TYR C 314 18.39 -11.86 -31.39
C TYR C 314 18.19 -10.52 -32.07
N LEU C 315 17.42 -9.62 -31.44
CA LEU C 315 17.20 -8.28 -31.94
C LEU C 315 17.63 -7.24 -30.90
N TRP C 316 18.61 -6.42 -31.28
CA TRP C 316 19.14 -5.39 -30.40
C TRP C 316 18.15 -4.23 -30.26
N TRP C 317 18.12 -3.63 -29.07
CA TRP C 317 17.39 -2.38 -28.85
C TRP C 317 18.41 -1.28 -28.55
N CYS C 318 18.48 -0.25 -29.41
CA CYS C 318 17.81 -0.18 -30.72
C CYS C 318 18.87 0.27 -31.73
N PHE C 319 18.48 0.43 -33.00
CA PHE C 319 19.50 0.53 -34.05
C PHE C 319 20.29 1.83 -33.97
N LYS C 320 19.62 2.96 -33.82
CA LYS C 320 20.25 4.26 -33.84
C LYS C 320 20.05 5.01 -32.53
N ASP C 321 21.04 5.85 -32.20
CA ASP C 321 20.84 6.93 -31.25
C ASP C 321 19.75 7.86 -31.74
N ILE C 322 18.92 8.34 -30.82
CA ILE C 322 17.75 9.12 -31.23
C ILE C 322 17.78 10.50 -30.58
N PRO C 323 18.35 11.51 -31.23
CA PRO C 323 18.40 12.86 -30.64
C PRO C 323 17.12 13.65 -30.78
N ALA C 324 16.14 13.15 -31.50
CA ALA C 324 14.82 13.78 -31.63
C ALA C 324 14.42 14.45 -30.32
N PRO C 325 14.29 15.78 -30.29
CA PRO C 325 13.90 16.45 -29.02
C PRO C 325 12.38 16.51 -28.84
N LEU C 326 11.80 15.34 -28.64
CA LEU C 326 10.36 15.26 -28.51
C LEU C 326 10.01 14.13 -27.57
N HIS C 327 8.73 14.06 -27.23
CA HIS C 327 8.24 13.06 -26.29
C HIS C 327 8.38 11.67 -26.92
N PRO C 328 8.85 10.64 -26.17
CA PRO C 328 9.13 10.60 -24.74
C PRO C 328 10.61 10.74 -24.38
N TYR C 329 11.47 11.05 -25.38
CA TYR C 329 12.90 11.14 -25.17
C TYR C 329 13.30 12.30 -24.29
N ILE C 330 12.42 13.29 -24.13
CA ILE C 330 12.73 14.42 -23.26
C ILE C 330 12.73 13.99 -21.80
N LYS C 331 11.68 13.27 -21.37
CA LYS C 331 11.54 12.91 -19.96
C LYS C 331 12.37 11.69 -19.56
N ASN C 332 12.70 10.78 -20.49
CA ASN C 332 13.60 9.65 -20.24
C ASN C 332 14.73 9.69 -21.28
N ASN C 333 15.63 10.65 -21.14
CA ASN C 333 16.63 10.91 -22.17
C ASN C 333 17.63 9.78 -22.36
N PHE C 334 17.73 8.82 -21.43
CA PHE C 334 18.58 7.65 -21.69
C PHE C 334 18.12 6.91 -22.93
N GLU C 335 16.82 7.03 -23.26
CA GLU C 335 16.30 6.42 -24.48
C GLU C 335 16.97 6.99 -25.73
N SER C 336 17.54 8.20 -25.66
CA SER C 336 18.18 8.82 -26.81
C SER C 336 19.52 8.19 -27.15
N GLU C 337 20.05 7.28 -26.32
CA GLU C 337 21.40 6.77 -26.56
C GLU C 337 21.44 5.26 -26.39
N LEU C 338 20.56 4.55 -27.08
CA LEU C 338 20.51 3.10 -27.06
C LEU C 338 21.00 2.51 -28.39
N GLY C 339 21.54 3.36 -29.28
CA GLY C 339 21.85 2.91 -30.64
C GLY C 339 22.97 1.89 -30.67
N LEU C 340 22.85 0.94 -31.59
CA LEU C 340 23.99 0.08 -31.91
C LEU C 340 25.06 0.86 -32.67
N VAL C 341 24.65 1.85 -33.46
CA VAL C 341 25.53 2.63 -34.32
C VAL C 341 25.36 4.11 -33.99
N ASP C 342 26.45 4.86 -34.08
CA ASP C 342 26.41 6.30 -33.79
C ASP C 342 25.74 7.04 -34.94
N ILE C 343 25.83 8.37 -34.93
CA ILE C 343 25.19 9.11 -36.00
C ILE C 343 26.04 9.14 -37.26
N GLU C 344 27.35 8.88 -37.16
CA GLU C 344 28.16 8.67 -38.36
C GLU C 344 27.96 7.28 -38.99
N GLY C 345 26.97 6.52 -38.54
CA GLY C 345 26.74 5.20 -39.08
C GLY C 345 27.80 4.17 -38.78
N ARG C 346 28.50 4.32 -37.65
CA ARG C 346 29.54 3.39 -37.23
C ARG C 346 29.06 2.61 -36.00
N VAL C 347 29.25 1.28 -36.01
CA VAL C 347 28.96 0.43 -34.86
C VAL C 347 29.76 0.95 -33.66
N LYS C 348 29.06 1.28 -32.57
CA LYS C 348 29.74 1.85 -31.41
C LYS C 348 30.79 0.88 -30.89
N LYS C 349 31.95 1.43 -30.54
CA LYS C 349 32.93 0.63 -29.83
C LYS C 349 32.30 0.05 -28.57
N GLY C 350 32.63 -1.21 -28.28
CA GLY C 350 32.06 -1.92 -27.18
C GLY C 350 30.86 -2.78 -27.54
N LEU C 351 30.16 -2.45 -28.62
CA LEU C 351 29.01 -3.21 -29.08
C LEU C 351 29.32 -4.12 -30.25
N GLU C 352 30.57 -4.18 -30.70
CA GLU C 352 30.86 -4.86 -31.96
C GLU C 352 30.66 -6.36 -31.86
N TYR C 353 30.73 -6.91 -30.67
CA TYR C 353 30.61 -8.36 -30.56
C TYR C 353 29.23 -8.84 -31.02
N PHE C 354 28.21 -7.99 -30.93
CA PHE C 354 26.91 -8.44 -31.42
C PHE C 354 26.95 -8.65 -32.93
N VAL C 355 27.66 -7.80 -33.66
CA VAL C 355 27.75 -8.05 -35.10
C VAL C 355 28.48 -9.36 -35.34
N GLU C 356 29.60 -9.57 -34.64
CA GLU C 356 30.33 -10.82 -34.75
C GLU C 356 29.46 -12.01 -34.35
N PHE C 357 28.74 -11.89 -33.22
CA PHE C 357 27.86 -12.99 -32.78
C PHE C 357 26.81 -13.31 -33.83
N ALA C 358 26.14 -12.27 -34.37
CA ALA C 358 25.05 -12.49 -35.31
C ALA C 358 25.55 -13.18 -36.57
N ARG C 359 26.69 -12.73 -37.10
CA ARG C 359 27.30 -13.40 -38.24
C ARG C 359 27.57 -14.87 -37.94
N ALA C 360 28.11 -15.16 -36.76
CA ALA C 360 28.41 -16.54 -36.38
C ALA C 360 27.15 -17.39 -36.33
N GLU C 361 26.05 -16.83 -35.81
CA GLU C 361 24.85 -17.65 -35.66
C GLU C 361 24.18 -17.93 -37.00
N THR C 362 24.26 -16.98 -37.92
CA THR C 362 23.63 -17.25 -39.21
C THR C 362 24.48 -18.16 -40.07
N GLN C 363 25.79 -18.22 -39.82
CA GLN C 363 26.62 -19.21 -40.51
C GLN C 363 26.35 -20.62 -39.99
N ARG C 364 26.25 -20.79 -38.67
CA ARG C 364 26.08 -22.13 -38.12
C ARG C 364 24.71 -22.72 -38.46
N ALA C 365 23.70 -21.87 -38.68
CA ALA C 365 22.37 -22.33 -39.05
C ALA C 365 22.31 -23.02 -40.45
N LEU C 366 23.45 -23.36 -41.08
CA LEU C 366 23.47 -24.05 -42.38
C LEU C 366 24.11 -25.45 -42.27
N ALA C 382 22.98 -31.56 -20.89
CA ALA C 382 23.68 -30.41 -20.33
C ALA C 382 23.27 -30.03 -18.87
N PRO C 383 21.99 -30.17 -18.48
CA PRO C 383 21.62 -29.77 -17.12
C PRO C 383 22.12 -30.76 -16.07
N THR C 384 22.50 -30.23 -14.90
CA THR C 384 22.87 -31.05 -13.76
C THR C 384 21.92 -30.89 -12.58
N VAL C 385 21.06 -29.87 -12.59
CA VAL C 385 20.08 -29.65 -11.54
C VAL C 385 18.97 -28.80 -12.14
N HIS C 386 17.74 -28.99 -11.67
CA HIS C 386 16.58 -28.27 -12.17
C HIS C 386 15.88 -27.50 -11.05
N LEU C 387 15.52 -26.25 -11.35
CA LEU C 387 14.72 -25.44 -10.44
C LEU C 387 13.24 -25.74 -10.68
N TYR C 388 12.45 -25.68 -9.61
CA TYR C 388 11.07 -26.16 -9.63
C TYR C 388 10.13 -25.00 -9.89
N TRP C 389 9.47 -25.03 -11.05
CA TRP C 389 8.47 -24.03 -11.39
C TRP C 389 7.11 -24.53 -10.93
N PRO C 390 6.43 -23.85 -10.02
CA PRO C 390 5.24 -24.44 -9.37
C PRO C 390 4.07 -24.62 -10.34
N ARG C 391 3.18 -25.54 -9.97
CA ARG C 391 2.05 -25.85 -10.84
C ARG C 391 1.16 -24.63 -11.04
N HIS C 392 0.96 -23.85 -9.98
CA HIS C 392 0.14 -22.66 -9.99
C HIS C 392 1.09 -21.50 -9.72
N TYR C 393 1.42 -20.76 -10.78
CA TYR C 393 2.45 -19.73 -10.76
C TYR C 393 1.87 -18.34 -10.53
N TYR C 394 0.69 -18.07 -11.07
CA TYR C 394 0.10 -16.74 -11.09
C TYR C 394 -1.08 -16.67 -10.14
N HIS C 395 -1.18 -15.55 -9.41
CA HIS C 395 -2.14 -15.46 -8.31
C HIS C 395 -3.47 -14.81 -8.70
N ARG C 396 -3.52 -13.95 -9.71
CA ARG C 396 -4.73 -13.17 -9.91
C ARG C 396 -5.87 -14.08 -10.36
N ASN C 397 -6.99 -14.02 -9.62
CA ASN C 397 -8.17 -14.86 -9.87
C ASN C 397 -7.82 -16.33 -10.05
N ASN C 398 -6.81 -16.81 -9.32
CA ASN C 398 -6.42 -18.21 -9.41
C ASN C 398 -6.85 -18.90 -8.10
N HIS C 399 -7.99 -19.59 -8.16
CA HIS C 399 -8.58 -20.19 -6.98
C HIS C 399 -7.90 -21.50 -6.58
N ARG C 400 -7.04 -22.08 -7.44
CA ARG C 400 -6.32 -23.30 -7.13
C ARG C 400 -4.89 -23.03 -6.65
N ASN C 401 -4.50 -21.78 -6.52
CA ASN C 401 -3.11 -21.41 -6.22
C ASN C 401 -2.89 -21.41 -4.72
N PRO C 402 -1.92 -22.17 -4.20
CA PRO C 402 -1.69 -22.18 -2.74
C PRO C 402 -0.98 -20.96 -2.21
N GLY C 403 -0.70 -19.95 -3.03
CA GLY C 403 -0.07 -18.74 -2.54
C GLY C 403 1.09 -18.18 -3.35
N ASN C 404 1.45 -18.81 -4.47
CA ASN C 404 2.57 -18.32 -5.26
C ASN C 404 2.24 -17.03 -6.00
N GLU C 405 3.18 -16.09 -5.96
CA GLU C 405 3.12 -14.84 -6.71
C GLU C 405 4.40 -14.68 -7.52
N PRO C 406 4.29 -14.31 -8.82
CA PRO C 406 5.51 -14.23 -9.67
C PRO C 406 6.66 -13.44 -9.08
N ARG C 407 6.42 -12.24 -8.53
CA ARG C 407 7.55 -11.50 -8.00
C ARG C 407 8.26 -12.27 -6.89
N GLU C 408 7.50 -12.86 -5.98
CA GLU C 408 8.09 -13.63 -4.88
C GLU C 408 8.85 -14.84 -5.39
N THR C 409 8.21 -15.61 -6.27
CA THR C 409 8.79 -16.84 -6.79
C THR C 409 10.00 -16.54 -7.66
N SER C 410 9.91 -15.52 -8.50
CA SER C 410 10.98 -15.26 -9.44
C SER C 410 12.22 -14.75 -8.72
N ARG C 411 12.02 -13.92 -7.69
CA ARG C 411 13.08 -13.51 -6.77
C ARG C 411 13.89 -14.70 -6.29
N ARG C 412 13.21 -15.70 -5.72
CA ARG C 412 13.92 -16.87 -5.21
C ARG C 412 14.56 -17.64 -6.35
N LEU C 413 13.88 -17.73 -7.50
CA LEU C 413 14.42 -18.51 -8.61
C LEU C 413 15.65 -17.83 -9.21
N ILE C 414 15.62 -16.50 -9.39
CA ILE C 414 16.77 -15.80 -9.96
C ILE C 414 18.01 -16.04 -9.11
N LEU C 415 17.88 -15.84 -7.80
CA LEU C 415 19.03 -15.98 -6.91
C LEU C 415 19.57 -17.40 -6.92
N ALA C 416 18.71 -18.40 -6.81
CA ALA C 416 19.22 -19.76 -6.79
C ALA C 416 19.87 -20.13 -8.12
N HIS C 417 19.24 -19.71 -9.23
CA HIS C 417 19.82 -19.98 -10.54
C HIS C 417 21.23 -19.43 -10.63
N HIS C 418 21.43 -18.20 -10.14
CA HIS C 418 22.75 -17.60 -10.20
C HIS C 418 23.73 -18.29 -9.24
N LEU C 419 23.29 -18.57 -8.01
CA LEU C 419 24.20 -19.20 -7.05
C LEU C 419 24.63 -20.57 -7.53
N LEU C 420 23.71 -21.31 -8.15
CA LEU C 420 24.05 -22.65 -8.60
C LEU C 420 25.01 -22.63 -9.78
N GLN C 421 24.91 -21.61 -10.64
CA GLN C 421 25.83 -21.50 -11.77
C GLN C 421 27.22 -21.11 -11.30
N SER C 422 27.30 -20.38 -10.18
CA SER C 422 28.58 -20.09 -9.57
C SER C 422 29.18 -21.33 -8.90
N ALA C 423 28.35 -22.29 -8.52
CA ALA C 423 28.84 -23.57 -8.05
C ALA C 423 29.10 -24.55 -9.19
N GLU C 424 29.31 -24.05 -10.40
CA GLU C 424 29.62 -24.82 -11.60
C GLU C 424 28.49 -25.74 -12.06
N GLU C 425 27.30 -25.62 -11.49
CA GLU C 425 26.15 -26.38 -11.95
C GLU C 425 25.54 -25.77 -13.20
N HIS C 426 25.01 -26.61 -14.08
CA HIS C 426 24.27 -26.19 -15.26
C HIS C 426 22.78 -26.34 -14.96
N VAL C 427 22.07 -25.22 -14.83
CA VAL C 427 20.74 -25.19 -14.24
C VAL C 427 19.67 -25.22 -15.34
N GLY C 428 18.65 -26.03 -15.12
CA GLY C 428 17.45 -26.03 -15.93
C GLY C 428 16.22 -25.71 -15.10
N ILE C 429 15.08 -25.76 -15.77
CA ILE C 429 13.78 -25.50 -15.17
C ILE C 429 12.94 -26.73 -15.41
N VAL C 430 12.31 -27.26 -14.38
CA VAL C 430 11.35 -28.33 -14.52
C VAL C 430 9.97 -27.78 -14.16
N ARG C 431 8.98 -28.07 -15.00
CA ARG C 431 7.63 -27.56 -14.81
C ARG C 431 6.80 -28.50 -13.91
N GLY C 432 6.25 -27.94 -12.85
CA GLY C 432 5.36 -28.66 -11.96
C GLY C 432 3.92 -28.78 -12.44
N ASP C 433 3.55 -28.09 -13.53
CA ASP C 433 2.22 -28.22 -14.11
C ASP C 433 2.17 -29.27 -15.20
N GLN C 434 3.19 -30.09 -15.28
CA GLN C 434 3.30 -31.18 -16.22
C GLN C 434 3.90 -32.36 -15.49
N PRO C 435 3.64 -33.59 -15.95
CA PRO C 435 4.23 -34.74 -15.28
C PRO C 435 5.74 -34.56 -15.15
N LEU C 436 6.28 -34.96 -14.03
CA LEU C 436 7.71 -34.86 -13.85
C LEU C 436 8.37 -35.90 -14.75
N PRO C 437 9.41 -35.53 -15.50
CA PRO C 437 10.16 -36.53 -16.25
C PRO C 437 10.83 -37.50 -15.29
N SER C 438 11.11 -38.71 -15.79
CA SER C 438 11.78 -39.70 -14.98
C SER C 438 13.15 -39.20 -14.53
N PRO C 439 13.68 -39.75 -13.43
CA PRO C 439 15.00 -39.34 -12.95
C PRO C 439 16.13 -39.60 -13.94
N SER C 440 15.89 -40.36 -15.02
CA SER C 440 16.90 -40.45 -16.06
C SER C 440 17.14 -39.09 -16.70
N GLU C 441 16.06 -38.40 -17.10
CA GLU C 441 16.14 -37.07 -17.69
C GLU C 441 16.46 -36.00 -16.64
N VAL C 442 15.56 -35.79 -15.69
CA VAL C 442 15.75 -34.82 -14.61
C VAL C 442 16.07 -35.62 -13.35
N GLU C 443 17.34 -35.61 -12.95
CA GLU C 443 17.79 -36.39 -11.79
C GLU C 443 17.65 -35.63 -10.48
N ARG C 444 17.90 -34.33 -10.49
CA ARG C 444 17.93 -33.56 -9.24
C ARG C 444 17.07 -32.31 -9.38
N ILE C 445 16.25 -32.04 -8.36
CA ILE C 445 15.32 -30.92 -8.37
C ILE C 445 15.49 -30.13 -7.08
N ILE C 446 15.51 -28.80 -7.19
CA ILE C 446 15.48 -27.91 -6.05
C ILE C 446 14.16 -27.17 -6.05
N ILE C 447 13.49 -27.18 -4.90
CA ILE C 447 12.31 -26.36 -4.67
C ILE C 447 12.75 -25.19 -3.81
N THR C 448 12.67 -23.98 -4.35
CA THR C 448 13.24 -22.81 -3.69
C THR C 448 12.18 -22.05 -2.90
N GLY C 449 11.61 -22.74 -1.92
CA GLY C 449 10.62 -22.12 -1.05
C GLY C 449 9.36 -21.65 -1.77
N VAL C 450 8.76 -22.51 -2.60
CA VAL C 450 7.52 -22.18 -3.29
C VAL C 450 6.42 -23.11 -2.74
N PHE C 451 5.17 -22.71 -2.98
CA PHE C 451 4.04 -23.43 -2.39
C PHE C 451 3.56 -24.52 -3.34
N THR C 452 3.30 -25.69 -2.77
CA THR C 452 3.07 -26.92 -3.52
C THR C 452 1.81 -27.60 -2.99
N GLY C 453 0.84 -27.88 -3.90
CA GLY C 453 -0.37 -28.55 -3.50
C GLY C 453 -0.18 -30.06 -3.32
N LEU C 454 -1.25 -30.70 -2.83
CA LEU C 454 -1.23 -32.15 -2.65
C LEU C 454 -0.87 -32.88 -3.95
N ASP C 455 -1.43 -32.47 -5.08
CA ASP C 455 -1.13 -33.20 -6.31
C ASP C 455 0.35 -33.09 -6.66
N GLU C 456 0.95 -31.92 -6.42
CA GLU C 456 2.39 -31.76 -6.65
C GLU C 456 3.20 -32.64 -5.71
N ILE C 457 2.79 -32.70 -4.44
CA ILE C 457 3.51 -33.52 -3.48
C ILE C 457 3.47 -34.98 -3.90
N LYS C 458 2.29 -35.48 -4.25
CA LYS C 458 2.16 -36.86 -4.70
C LYS C 458 3.02 -37.12 -5.92
N GLU C 459 3.08 -36.17 -6.85
CA GLU C 459 3.90 -36.37 -8.02
C GLU C 459 5.38 -36.30 -7.65
N LEU C 460 5.73 -35.41 -6.73
CA LEU C 460 7.12 -35.35 -6.28
C LEU C 460 7.53 -36.64 -5.59
N HIS C 461 6.66 -37.18 -4.72
CA HIS C 461 6.96 -38.44 -4.03
C HIS C 461 7.18 -39.55 -5.04
N SER C 462 6.30 -39.65 -6.04
CA SER C 462 6.48 -40.65 -7.08
C SER C 462 7.80 -40.47 -7.82
N TRP C 463 8.17 -39.22 -8.10
CA TRP C 463 9.43 -38.95 -8.80
C TRP C 463 10.63 -39.29 -7.90
N VAL C 464 10.52 -39.02 -6.60
CA VAL C 464 11.60 -39.42 -5.69
C VAL C 464 11.67 -40.93 -5.59
N GLU C 465 10.51 -41.60 -5.54
CA GLU C 465 10.47 -43.06 -5.51
C GLU C 465 11.39 -43.66 -6.58
N GLN C 466 11.35 -43.11 -7.79
CA GLN C 466 12.05 -43.68 -8.92
C GLN C 466 13.51 -43.28 -9.00
N GLY C 467 14.05 -42.62 -7.99
CA GLY C 467 15.47 -42.28 -7.95
C GLY C 467 15.78 -40.80 -7.84
N GLY C 468 14.79 -39.92 -7.91
CA GLY C 468 15.07 -38.49 -7.91
C GLY C 468 15.68 -38.00 -6.60
N GLN C 469 16.54 -36.98 -6.73
CA GLN C 469 17.19 -36.33 -5.59
C GLN C 469 16.55 -34.96 -5.40
N LEU C 470 15.90 -34.76 -4.27
CA LEU C 470 15.09 -33.57 -4.02
C LEU C 470 15.73 -32.74 -2.93
N LEU C 471 16.06 -31.49 -3.27
CA LEU C 471 16.48 -30.51 -2.28
C LEU C 471 15.32 -29.56 -2.07
N TRP C 472 14.71 -29.62 -0.89
CA TRP C 472 13.45 -28.93 -0.62
C TRP C 472 13.71 -27.81 0.37
N HIS C 473 13.84 -26.59 -0.15
CA HIS C 473 13.98 -25.44 0.74
C HIS C 473 12.60 -24.98 1.19
N ALA C 474 12.38 -24.99 2.52
CA ALA C 474 11.15 -24.54 3.17
C ALA C 474 9.89 -25.29 2.71
N PRO C 475 9.76 -26.59 2.95
CA PRO C 475 8.46 -27.23 2.75
C PRO C 475 7.40 -26.48 3.54
N ASP C 476 6.21 -26.38 2.95
CA ASP C 476 5.24 -25.37 3.36
C ASP C 476 4.27 -25.93 4.41
N PRO C 477 4.17 -25.31 5.58
CA PRO C 477 3.24 -25.80 6.62
C PRO C 477 1.79 -25.88 6.18
N VAL C 478 1.34 -24.99 5.29
CA VAL C 478 -0.06 -24.94 4.88
C VAL C 478 -0.45 -26.17 4.06
N ASN C 479 0.51 -26.85 3.48
CA ASN C 479 0.26 -28.11 2.79
C ASN C 479 1.00 -29.25 3.46
N TRP C 480 1.32 -29.09 4.74
CA TRP C 480 1.99 -30.13 5.52
C TRP C 480 0.94 -30.94 6.26
N ALA C 481 0.45 -31.99 5.61
CA ALA C 481 -0.32 -33.03 6.28
C ALA C 481 0.37 -34.37 6.06
N GLN C 482 -0.42 -35.41 5.82
CA GLN C 482 0.14 -36.76 5.75
C GLN C 482 1.07 -36.93 4.55
N ALA C 483 0.65 -36.46 3.38
CA ALA C 483 1.48 -36.65 2.18
C ALA C 483 2.82 -35.93 2.31
N MET C 484 2.82 -34.72 2.86
CA MET C 484 4.09 -34.02 3.02
C MET C 484 4.94 -34.70 4.08
N SER C 485 4.30 -35.19 5.16
CA SER C 485 5.04 -35.84 6.25
C SER C 485 5.73 -37.12 5.78
N ARG C 486 5.03 -37.94 5.00
CA ARG C 486 5.66 -39.14 4.47
C ARG C 486 6.80 -38.81 3.53
N LEU C 487 6.71 -37.71 2.78
CA LEU C 487 7.76 -37.39 1.83
C LEU C 487 8.95 -36.76 2.54
N VAL C 488 8.71 -35.75 3.37
CA VAL C 488 9.80 -35.16 4.15
C VAL C 488 10.36 -36.19 5.12
N GLY C 489 9.49 -37.01 5.71
CA GLY C 489 9.91 -37.95 6.72
C GLY C 489 9.84 -37.42 8.13
N ALA C 490 8.92 -36.49 8.42
CA ALA C 490 8.75 -35.96 9.76
C ALA C 490 7.35 -35.35 9.87
N GLU C 491 6.84 -35.29 11.10
CA GLU C 491 5.57 -34.62 11.38
C GLU C 491 5.81 -33.38 12.23
N ILE C 492 4.85 -32.47 12.18
CA ILE C 492 4.92 -31.24 12.97
C ILE C 492 4.45 -31.55 14.39
N ALA C 493 5.32 -31.26 15.37
CA ALA C 493 4.96 -31.40 16.78
C ALA C 493 4.32 -30.14 17.35
N ASP C 494 4.63 -28.98 16.79
CA ASP C 494 4.18 -27.70 17.30
C ASP C 494 4.77 -26.61 16.39
N TYR C 495 4.19 -25.41 16.47
CA TYR C 495 4.91 -24.23 16.00
C TYR C 495 5.96 -23.85 17.04
N ARG C 496 6.89 -23.00 16.63
CA ARG C 496 7.88 -22.40 17.53
C ARG C 496 8.06 -20.96 17.08
N ALA C 497 8.67 -20.16 17.96
CA ALA C 497 8.97 -18.78 17.64
C ALA C 497 9.75 -18.68 16.33
N ALA C 498 9.38 -17.71 15.49
CA ALA C 498 10.08 -17.53 14.22
C ALA C 498 11.34 -16.69 14.41
N THR C 499 12.19 -17.09 15.34
CA THR C 499 13.45 -16.43 15.61
C THR C 499 14.54 -17.06 14.74
N PRO C 500 15.67 -16.36 14.56
CA PRO C 500 16.67 -16.85 13.60
C PRO C 500 17.25 -18.20 13.99
N ALA C 501 17.57 -18.98 12.97
CA ALA C 501 18.22 -20.27 13.10
C ALA C 501 19.68 -20.13 12.69
N ILE C 502 20.59 -20.43 13.63
CA ILE C 502 22.03 -20.42 13.37
C ILE C 502 22.52 -21.86 13.30
N THR C 503 23.37 -22.14 12.33
CA THR C 503 23.90 -23.48 12.14
C THR C 503 25.26 -23.35 11.47
N ALA C 504 25.82 -24.49 11.07
CA ALA C 504 27.07 -24.53 10.33
C ALA C 504 27.11 -25.80 9.49
N THR C 505 27.59 -25.67 8.27
CA THR C 505 27.98 -26.83 7.48
C THR C 505 29.47 -27.06 7.72
N ASP C 506 30.05 -28.02 6.99
CA ASP C 506 31.48 -28.28 7.14
C ASP C 506 32.34 -27.20 6.47
N GLU C 507 31.74 -26.18 5.85
CA GLU C 507 32.51 -25.10 5.23
C GLU C 507 32.32 -23.75 5.89
N GLY C 508 31.46 -23.62 6.91
CA GLY C 508 31.28 -22.36 7.61
C GLY C 508 29.92 -22.17 8.21
N PRO C 509 29.69 -21.02 8.85
CA PRO C 509 28.42 -20.77 9.54
C PRO C 509 27.35 -20.24 8.61
N TYR C 510 26.10 -20.33 9.07
CA TYR C 510 24.96 -19.80 8.35
C TYR C 510 23.95 -19.25 9.36
N GLU C 511 23.22 -18.21 8.95
CA GLU C 511 22.11 -17.71 9.77
C GLU C 511 20.91 -17.43 8.89
N PHE C 512 19.76 -18.02 9.25
CA PHE C 512 18.52 -17.86 8.49
C PHE C 512 17.52 -17.04 9.29
N THR C 513 17.20 -15.85 8.79
CA THR C 513 16.22 -15.01 9.47
C THR C 513 14.79 -15.12 8.92
N CYS C 514 14.58 -15.81 7.80
CA CYS C 514 13.28 -15.83 7.11
C CYS C 514 12.75 -17.25 7.04
N PHE C 515 11.46 -17.43 7.30
CA PHE C 515 10.84 -18.73 7.24
C PHE C 515 9.54 -18.64 6.45
N LEU C 516 9.12 -19.75 5.88
CA LEU C 516 8.00 -19.70 4.95
C LEU C 516 6.75 -19.22 5.68
N ARG C 517 6.11 -18.20 5.12
CA ARG C 517 4.92 -17.59 5.69
C ARG C 517 5.21 -16.98 7.07
N GLY C 518 6.48 -16.69 7.32
CA GLY C 518 6.87 -16.12 8.60
C GLY C 518 6.53 -16.98 9.79
N MET C 519 6.61 -18.30 9.65
CA MET C 519 6.34 -19.25 10.73
C MET C 519 7.41 -20.33 10.73
N ARG C 520 7.74 -20.80 11.93
CA ARG C 520 8.64 -21.92 12.12
C ARG C 520 7.86 -23.04 12.78
N VAL C 521 8.22 -24.28 12.45
CA VAL C 521 7.59 -25.43 13.08
C VAL C 521 8.63 -26.27 13.78
N ARG C 522 8.23 -26.89 14.87
CA ARG C 522 9.00 -27.93 15.53
C ARG C 522 8.60 -29.28 14.95
N ILE C 523 9.56 -30.04 14.45
CA ILE C 523 9.24 -31.32 13.83
C ILE C 523 9.72 -32.45 14.72
N GLU C 524 9.11 -33.62 14.54
CA GLU C 524 9.63 -34.85 15.10
C GLU C 524 9.85 -35.84 13.97
N PRO C 525 11.01 -36.49 13.89
CA PRO C 525 11.30 -37.33 12.72
C PRO C 525 10.44 -38.57 12.69
N ARG C 526 10.11 -39.00 11.46
CA ARG C 526 9.37 -40.23 11.20
C ARG C 526 9.95 -40.83 9.92
N GLY C 527 11.20 -41.28 10.01
CA GLY C 527 11.88 -41.92 8.90
C GLY C 527 13.08 -41.14 8.42
N ALA C 528 13.06 -39.83 8.58
CA ALA C 528 14.17 -39.01 8.13
C ALA C 528 15.25 -38.96 9.19
N GLN C 529 16.49 -38.86 8.74
CA GLN C 529 17.64 -38.55 9.57
C GLN C 529 17.74 -37.05 9.76
N ILE C 530 18.37 -36.64 10.86
CA ILE C 530 18.66 -35.24 11.13
C ILE C 530 20.09 -34.97 10.69
N LEU C 531 20.23 -34.19 9.62
CA LEU C 531 21.52 -33.92 8.99
C LEU C 531 22.21 -32.71 9.61
N MET C 532 21.47 -31.67 9.93
CA MET C 532 22.01 -30.50 10.61
C MET C 532 20.98 -30.05 11.64
N THR C 533 21.48 -29.47 12.72
CA THR C 533 20.68 -28.87 13.77
C THR C 533 20.97 -27.39 13.80
N ASP C 534 20.07 -26.61 14.42
CA ASP C 534 20.48 -25.26 14.71
C ASP C 534 21.32 -25.24 15.98
N ASN C 535 21.92 -24.11 16.28
CA ASN C 535 22.85 -24.17 17.40
C ASN C 535 22.11 -24.26 18.79
N GLU C 536 20.79 -24.41 18.77
CA GLU C 536 20.01 -24.72 19.96
C GLU C 536 19.54 -26.16 19.98
N GLY C 537 20.03 -27.01 19.08
CA GLY C 537 19.78 -28.43 19.13
C GLY C 537 18.64 -28.93 18.24
N SER C 538 17.64 -28.06 17.93
CA SER C 538 16.46 -28.56 17.22
C SER C 538 16.76 -28.78 15.73
N PRO C 539 16.12 -29.79 15.12
CA PRO C 539 16.47 -30.14 13.73
C PRO C 539 16.24 -28.98 12.78
N LEU C 540 17.17 -28.82 11.84
CA LEU C 540 17.08 -27.79 10.82
C LEU C 540 17.07 -28.34 9.40
N VAL C 541 17.89 -29.34 9.12
CA VAL C 541 17.92 -29.96 7.80
C VAL C 541 17.69 -31.45 7.98
N LEU C 542 16.81 -32.01 7.16
CA LEU C 542 16.47 -33.43 7.22
C LEU C 542 16.89 -34.12 5.93
N ARG C 543 17.15 -35.42 6.04
CA ARG C 543 17.47 -36.20 4.85
C ARG C 543 16.77 -37.53 4.96
N HIS C 544 16.01 -37.88 3.93
CA HIS C 544 15.08 -39.00 4.01
C HIS C 544 15.18 -39.85 2.76
N ARG C 545 15.55 -41.12 2.92
CA ARG C 545 15.57 -42.05 1.79
C ARG C 545 14.13 -42.48 1.49
N VAL C 546 13.69 -42.28 0.25
CA VAL C 546 12.34 -42.65 -0.17
C VAL C 546 12.45 -43.43 -1.48
N GLY C 547 12.19 -44.72 -1.42
CA GLY C 547 12.37 -45.55 -2.60
C GLY C 547 13.82 -45.51 -3.05
N ALA C 548 14.02 -45.30 -4.34
CA ALA C 548 15.34 -45.21 -4.93
C ALA C 548 15.98 -43.83 -4.80
N GLY C 549 15.26 -42.85 -4.27
CA GLY C 549 15.75 -41.48 -4.21
C GLY C 549 15.92 -40.92 -2.81
N CYS C 550 16.00 -39.60 -2.70
CA CYS C 550 16.38 -38.96 -1.44
C CYS C 550 15.84 -37.53 -1.40
N VAL C 551 15.25 -37.18 -0.26
CA VAL C 551 14.68 -35.86 0.00
C VAL C 551 15.54 -35.20 1.07
N THR C 552 16.24 -34.12 0.72
CA THR C 552 16.88 -33.27 1.72
C THR C 552 15.99 -32.05 1.93
N SER C 553 15.52 -31.85 3.16
CA SER C 553 14.58 -30.78 3.47
C SER C 553 15.22 -29.79 4.43
N VAL C 554 15.14 -28.50 4.09
CA VAL C 554 15.62 -27.43 4.96
C VAL C 554 14.42 -26.72 5.55
N LEU C 555 14.39 -26.61 6.87
CA LEU C 555 13.28 -25.92 7.52
C LEU C 555 13.57 -24.45 7.72
N ALA C 556 14.00 -23.79 6.64
CA ALA C 556 14.12 -22.34 6.58
C ALA C 556 13.88 -21.89 5.15
N ASP C 557 13.46 -20.65 5.01
CA ASP C 557 13.30 -20.01 3.70
C ASP C 557 14.71 -19.58 3.31
N VAL C 558 15.42 -20.46 2.59
CA VAL C 558 16.84 -20.26 2.33
C VAL C 558 17.05 -19.08 1.41
N GLU C 559 16.32 -19.04 0.30
CA GLU C 559 16.56 -18.00 -0.69
C GLU C 559 16.15 -16.64 -0.14
N ALA C 560 15.04 -16.57 0.59
CA ALA C 560 14.61 -15.31 1.19
C ALA C 560 15.59 -14.83 2.25
N SER C 561 16.21 -15.75 2.99
CA SER C 561 17.19 -15.33 3.99
C SER C 561 18.39 -14.67 3.36
N PHE C 562 19.00 -15.33 2.36
CA PHE C 562 20.06 -14.71 1.58
C PHE C 562 19.62 -13.37 1.05
N LEU C 563 18.43 -13.30 0.44
CA LEU C 563 17.98 -12.04 -0.12
C LEU C 563 17.84 -10.96 0.95
N SER C 564 17.51 -11.34 2.20
CA SER C 564 17.44 -10.36 3.28
C SER C 564 18.82 -9.87 3.70
N GLN C 565 19.88 -10.59 3.34
CA GLN C 565 21.26 -10.24 3.60
CA GLN C 565 21.22 -10.13 3.66
C GLN C 565 21.88 -9.40 2.47
N TRP C 566 21.07 -8.86 1.56
CA TRP C 566 21.60 -8.23 0.35
C TRP C 566 22.66 -7.17 0.58
N PRO C 567 22.55 -6.26 1.56
CA PRO C 567 23.64 -5.28 1.78
C PRO C 567 25.00 -5.91 1.98
N ASP C 568 25.06 -7.16 2.45
CA ASP C 568 26.33 -7.83 2.70
C ASP C 568 26.68 -8.83 1.62
N ARG C 569 26.13 -8.64 0.44
CA ARG C 569 26.33 -9.58 -0.66
C ARG C 569 27.81 -9.89 -0.88
N GLN C 570 28.64 -8.84 -0.94
CA GLN C 570 30.04 -9.04 -1.30
C GLN C 570 30.71 -10.09 -0.41
N THR C 571 30.56 -9.97 0.91
CA THR C 571 31.22 -10.93 1.82
C THR C 571 30.45 -12.24 1.97
N GLN C 572 29.15 -12.27 1.64
CA GLN C 572 28.34 -13.43 1.95
C GLN C 572 28.13 -14.37 0.76
N GLU C 573 28.15 -13.84 -0.46
CA GLU C 573 27.72 -14.60 -1.63
C GLU C 573 28.46 -15.93 -1.75
N ALA C 574 29.71 -15.98 -1.30
CA ALA C 574 30.47 -17.22 -1.43
C ALA C 574 29.84 -18.35 -0.63
N SER C 575 29.43 -18.06 0.61
CA SER C 575 28.81 -19.10 1.40
C SER C 575 27.42 -19.43 0.88
N TRP C 576 26.72 -18.43 0.33
CA TRP C 576 25.41 -18.67 -0.26
C TRP C 576 25.46 -19.76 -1.31
N SER C 577 26.42 -19.69 -2.24
CA SER C 577 26.49 -20.73 -3.25
C SER C 577 27.11 -22.00 -2.69
N ALA C 578 27.98 -21.89 -1.69
CA ALA C 578 28.46 -23.07 -0.97
C ALA C 578 27.32 -23.88 -0.36
N TRP C 579 26.24 -23.21 0.08
CA TRP C 579 25.13 -23.93 0.69
C TRP C 579 24.55 -25.00 -0.24
N TYR C 580 24.21 -24.63 -1.48
CA TYR C 580 23.66 -25.62 -2.40
C TYR C 580 24.66 -26.73 -2.68
N ALA C 581 25.93 -26.37 -2.82
CA ALA C 581 26.97 -27.38 -3.05
C ALA C 581 27.05 -28.37 -1.91
N ALA C 582 26.85 -27.90 -0.68
CA ALA C 582 26.93 -28.80 0.48
C ALA C 582 25.80 -29.81 0.48
N LEU C 583 24.57 -29.38 0.14
CA LEU C 583 23.39 -30.20 0.38
C LEU C 583 23.00 -31.05 -0.83
N LEU C 584 23.58 -30.81 -1.99
CA LEU C 584 23.11 -31.48 -3.20
C LEU C 584 23.54 -32.94 -3.20
N THR C 585 22.57 -33.81 -3.47
CA THR C 585 22.77 -35.26 -3.47
C THR C 585 22.88 -35.78 -4.89
N LYS C 586 23.76 -36.76 -5.09
CA LYS C 586 23.80 -37.55 -6.31
C LYS C 586 23.75 -39.03 -5.96
N ASP C 587 23.22 -39.84 -6.88
CA ASP C 587 22.93 -41.25 -6.59
C ASP C 587 24.18 -42.08 -6.28
#